data_4JFG
#
_entry.id   4JFG
#
_cell.length_a   88.174
_cell.length_b   148.901
_cell.length_c   161.350
_cell.angle_alpha   90.00
_cell.angle_beta   90.00
_cell.angle_gamma   90.00
#
_symmetry.space_group_name_H-M   'P 21 21 21'
#
loop_
_entity.id
_entity.type
_entity.pdbx_description
1 polymer 'Green fluorescent protein'
2 non-polymer quinolin-8-ol
3 non-polymer 'CESIUM ION'
4 water water
#
_entity_poly.entity_id   1
_entity_poly.type   'polypeptide(L)'
_entity_poly.pdbx_seq_one_letter_code
;GSHHHHHHMSKGEELFTGVVPILVELDGDVNGHKFSVRGEGEGDATNGKLTLKFICTTGKLPVPWPTLVTTL(KWS)VQC
FSRYPDHMKRHDFFKSAMPEGYVQERTISFKDDGTYKTRAEVKFEGDTLVNRIELKGIDFKEDGNILGHKLEYNFNSHNV
YITADKQKNGIKANFKIRHNVEDGSVQLADHYQQNTPIGDGPVLLPDNHYLSTQSVLSKDPNEKRDHMVLLEFVTAAGIT
HGMDELYK
;
_entity_poly.pdbx_strand_id   A,B,C,D,E,F,G,H
#
loop_
_chem_comp.id
_chem_comp.type
_chem_comp.name
_chem_comp.formula
CS non-polymer 'CESIUM ION' 'Cs 1'
HQY non-polymer quinolin-8-ol 'C9 H7 N O'
#
# COMPACT_ATOMS: atom_id res chain seq x y z
N GLY A 12 -2.25 -24.95 35.43
CA GLY A 12 -1.26 -23.90 35.60
C GLY A 12 0.15 -24.43 35.57
N GLU A 13 0.33 -25.66 36.05
CA GLU A 13 1.64 -26.30 36.08
C GLU A 13 2.15 -26.62 34.68
N GLU A 14 1.22 -26.72 33.72
CA GLU A 14 1.57 -27.05 32.35
C GLU A 14 2.14 -25.85 31.60
N LEU A 15 2.22 -24.71 32.28
CA LEU A 15 2.82 -23.52 31.70
C LEU A 15 4.33 -23.52 31.97
N PHE A 16 4.77 -24.36 32.90
CA PHE A 16 6.16 -24.39 33.31
C PHE A 16 6.89 -25.64 32.83
N THR A 17 6.21 -26.44 32.02
CA THR A 17 6.86 -27.56 31.36
C THR A 17 7.72 -27.00 30.23
N GLY A 18 9.04 -27.17 30.36
CA GLY A 18 9.95 -26.59 29.39
C GLY A 18 10.63 -25.36 29.97
N VAL A 19 11.29 -24.57 29.11
CA VAL A 19 12.01 -23.39 29.55
C VAL A 19 11.17 -22.12 29.37
N VAL A 20 11.00 -21.37 30.45
CA VAL A 20 10.22 -20.14 30.40
C VAL A 20 11.10 -18.92 30.62
N PRO A 21 11.06 -17.94 29.69
CA PRO A 21 11.84 -16.72 29.83
C PRO A 21 11.32 -15.86 30.99
N ILE A 22 12.23 -15.17 31.68
CA ILE A 22 11.89 -14.42 32.87
C ILE A 22 12.38 -12.98 32.80
N LEU A 23 11.46 -12.06 33.10
CA LEU A 23 11.77 -10.63 33.18
C LEU A 23 11.54 -10.12 34.60
N VAL A 24 12.59 -9.59 35.22
CA VAL A 24 12.46 -9.08 36.58
C VAL A 24 12.69 -7.58 36.61
N GLU A 25 11.84 -6.86 37.34
CA GLU A 25 12.03 -5.42 37.50
C GLU A 25 11.86 -4.99 38.96
N LEU A 26 12.94 -4.46 39.52
CA LEU A 26 12.95 -4.09 40.92
C LEU A 26 13.16 -2.59 41.06
N ASP A 27 12.24 -1.93 41.73
CA ASP A 27 12.40 -0.50 42.00
C ASP A 27 12.46 -0.24 43.49
N GLY A 28 13.64 0.17 43.95
CA GLY A 28 13.90 0.28 45.38
C GLY A 28 14.30 1.66 45.84
N ASP A 29 14.08 1.90 47.13
CA ASP A 29 14.41 3.16 47.78
C ASP A 29 14.96 2.84 49.15
N VAL A 30 16.28 2.90 49.33
CA VAL A 30 16.88 2.59 50.61
C VAL A 30 17.51 3.82 51.27
N ASN A 31 16.93 4.25 52.39
CA ASN A 31 17.39 5.44 53.09
C ASN A 31 17.44 6.69 52.21
N GLY A 32 16.54 6.76 51.24
CA GLY A 32 16.50 7.89 50.33
C GLY A 32 17.18 7.60 49.01
N HIS A 33 18.07 6.61 49.01
CA HIS A 33 18.79 6.24 47.80
C HIS A 33 17.90 5.42 46.86
N LYS A 34 17.44 6.06 45.79
CA LYS A 34 16.60 5.40 44.79
C LYS A 34 17.47 4.59 43.83
N PHE A 35 16.97 3.42 43.41
CA PHE A 35 17.68 2.58 42.46
C PHE A 35 16.75 1.64 41.71
N SER A 36 17.19 1.23 40.52
CA SER A 36 16.41 0.28 39.72
C SER A 36 17.27 -0.88 39.22
N VAL A 37 16.68 -2.08 39.23
CA VAL A 37 17.34 -3.28 38.78
C VAL A 37 16.51 -3.97 37.71
N ARG A 38 17.15 -4.30 36.59
CA ARG A 38 16.46 -5.01 35.51
C ARG A 38 17.16 -6.35 35.28
N GLY A 39 16.38 -7.42 35.29
CA GLY A 39 16.92 -8.76 35.14
C GLY A 39 16.34 -9.53 33.99
N GLU A 40 17.20 -10.15 33.19
CA GLU A 40 16.75 -11.00 32.09
C GLU A 40 17.21 -12.42 32.35
N GLY A 41 16.40 -13.41 31.97
CA GLY A 41 16.86 -14.77 32.07
C GLY A 41 15.89 -15.84 31.63
N GLU A 42 16.12 -17.06 32.09
CA GLU A 42 15.22 -18.16 31.81
C GLU A 42 15.23 -19.18 32.94
N GLY A 43 14.10 -19.84 33.12
CA GLY A 43 13.94 -20.81 34.18
C GLY A 43 13.35 -22.13 33.72
N ASP A 44 13.78 -23.20 34.37
CA ASP A 44 13.29 -24.53 34.09
C ASP A 44 12.75 -25.16 35.37
N ALA A 45 11.44 -25.07 35.55
CA ALA A 45 10.78 -25.54 36.77
C ALA A 45 10.85 -27.07 36.93
N THR A 46 10.95 -27.77 35.80
CA THR A 46 11.07 -29.22 35.83
C THR A 46 12.38 -29.65 36.51
N ASN A 47 13.44 -28.89 36.28
CA ASN A 47 14.73 -29.19 36.88
C ASN A 47 15.01 -28.29 38.07
N GLY A 48 14.08 -27.38 38.34
CA GLY A 48 14.23 -26.44 39.43
C GLY A 48 15.42 -25.52 39.22
N LYS A 49 15.79 -25.34 37.96
CA LYS A 49 16.95 -24.51 37.61
C LYS A 49 16.50 -23.10 37.24
N LEU A 50 17.37 -22.13 37.48
CA LEU A 50 17.00 -20.72 37.36
C LEU A 50 18.21 -19.88 37.00
N THR A 51 18.27 -19.41 35.75
CA THR A 51 19.42 -18.62 35.32
C THR A 51 19.01 -17.18 35.01
N LEU A 52 19.59 -16.23 35.73
CA LEU A 52 19.23 -14.82 35.56
C LEU A 52 20.45 -13.90 35.55
N LYS A 53 20.26 -12.71 35.01
CA LYS A 53 21.28 -11.66 35.03
C LYS A 53 20.62 -10.33 35.34
N PHE A 54 21.04 -9.70 36.44
CA PHE A 54 20.48 -8.44 36.88
C PHE A 54 21.48 -7.30 36.70
N ILE A 55 21.00 -6.14 36.28
CA ILE A 55 21.84 -4.95 36.16
C ILE A 55 21.19 -3.76 36.86
N CYS A 56 22.02 -2.87 37.40
CA CYS A 56 21.51 -1.63 37.99
C CYS A 56 21.54 -0.53 36.94
N THR A 57 20.36 -0.09 36.52
CA THR A 57 20.24 0.90 35.46
C THR A 57 20.37 2.34 35.95
N THR A 58 20.42 2.50 37.27
CA THR A 58 20.54 3.84 37.86
C THR A 58 21.97 4.17 38.30
N GLY A 59 22.90 3.24 38.07
CA GLY A 59 24.29 3.45 38.42
C GLY A 59 24.82 2.40 39.38
N LYS A 60 25.59 2.84 40.37
CA LYS A 60 26.12 1.93 41.38
C LYS A 60 25.05 1.56 42.39
N LEU A 61 24.87 0.27 42.63
CA LEU A 61 23.89 -0.22 43.59
C LEU A 61 24.22 0.27 45.00
N PRO A 62 23.25 0.90 45.68
CA PRO A 62 23.44 1.47 47.01
C PRO A 62 23.52 0.40 48.09
N VAL A 63 23.10 -0.82 47.76
CA VAL A 63 23.12 -1.92 48.72
C VAL A 63 23.90 -3.10 48.14
N PRO A 64 24.36 -4.03 49.01
CA PRO A 64 25.04 -5.22 48.49
C PRO A 64 24.05 -6.14 47.79
N TRP A 65 24.45 -6.73 46.66
CA TRP A 65 23.58 -7.62 45.90
C TRP A 65 22.86 -8.73 46.68
N PRO A 66 23.58 -9.47 47.55
CA PRO A 66 22.94 -10.59 48.26
C PRO A 66 21.63 -10.24 48.97
N THR A 67 21.52 -9.02 49.48
CA THR A 67 20.33 -8.61 50.21
C THR A 67 19.07 -8.54 49.33
N LEU A 68 19.26 -8.49 48.03
CA LEU A 68 18.15 -8.36 47.08
C LEU A 68 17.83 -9.67 46.38
N VAL A 69 18.64 -10.69 46.64
CA VAL A 69 18.48 -11.99 45.97
C VAL A 69 17.12 -12.62 46.27
N THR A 70 16.74 -12.59 47.55
CA THR A 70 15.45 -13.15 47.97
C THR A 70 14.25 -12.44 47.33
N THR A 71 14.45 -11.18 46.93
CA THR A 71 13.35 -10.41 46.35
C THR A 71 13.43 -10.35 44.83
N LEU A 72 14.64 -10.52 44.28
CA LEU A 72 14.83 -10.55 42.84
C LEU A 72 14.38 -11.87 42.24
C3 KWS A 73 10.15 -14.81 43.24
N1 KWS A 73 14.41 -12.90 43.17
O3 KWS A 73 9.04 -14.38 42.78
C1 KWS A 73 13.47 -14.83 44.07
C2 KWS A 73 11.91 -15.36 45.77
N2 KWS A 73 14.07 -15.60 44.95
O2 KWS A 73 10.90 -15.43 46.45
N3 KWS A 73 12.09 -14.62 44.55
CA1 KWS A 73 14.04 -14.23 42.83
CB KWS A 73 15.49 -14.90 42.64
CA2 KWS A 73 13.20 -15.96 45.99
CA3 KWS A 73 11.10 -13.85 43.89
CB2 KWS A 73 13.53 -16.76 47.04
OG1 KWS A 73 16.59 -14.08 42.67
CG2 KWS A 73 15.68 -15.61 41.37
N VAL A 74 10.97 -15.62 42.38
CA VAL A 74 10.05 -16.33 41.49
C VAL A 74 9.94 -17.83 41.79
N GLN A 75 9.36 -18.16 42.94
CA GLN A 75 9.29 -19.53 43.44
C GLN A 75 8.35 -20.44 42.65
N CYS A 76 7.86 -19.98 41.51
CA CYS A 76 7.06 -20.81 40.63
C CYS A 76 7.96 -21.66 39.72
N PHE A 77 9.26 -21.42 39.82
CA PHE A 77 10.23 -22.20 39.06
C PHE A 77 10.93 -23.25 39.91
N SER A 78 10.43 -23.46 41.13
CA SER A 78 10.96 -24.50 42.00
C SER A 78 10.56 -25.89 41.50
N ARG A 79 11.42 -26.87 41.74
CA ARG A 79 11.14 -28.25 41.32
C ARG A 79 10.28 -28.99 42.34
N TYR A 80 9.02 -29.23 41.99
CA TYR A 80 8.13 -30.02 42.83
C TYR A 80 8.11 -31.46 42.34
N PRO A 81 8.35 -32.42 43.26
CA PRO A 81 8.31 -33.85 42.93
C PRO A 81 6.92 -34.29 42.47
N ASP A 82 6.85 -35.46 41.84
CA ASP A 82 5.62 -35.95 41.24
C ASP A 82 4.46 -36.07 42.25
N HIS A 83 4.77 -36.49 43.46
CA HIS A 83 3.74 -36.72 44.46
C HIS A 83 3.31 -35.45 45.20
N MET A 84 3.97 -34.34 44.92
CA MET A 84 3.66 -33.09 45.60
C MET A 84 3.11 -32.02 44.65
N LYS A 85 2.75 -32.45 43.44
CA LYS A 85 2.21 -31.53 42.44
C LYS A 85 0.93 -30.85 42.92
N ARG A 86 0.17 -31.53 43.75
CA ARG A 86 -1.08 -31.00 44.26
C ARG A 86 -0.84 -29.95 45.36
N HIS A 87 0.41 -29.78 45.74
CA HIS A 87 0.78 -28.80 46.76
C HIS A 87 1.57 -27.62 46.19
N ASP A 88 1.52 -27.47 44.86
CA ASP A 88 2.23 -26.39 44.19
C ASP A 88 1.33 -25.16 44.05
N PHE A 89 1.42 -24.24 45.01
CA PHE A 89 0.60 -23.05 45.02
C PHE A 89 0.97 -22.08 43.91
N PHE A 90 2.27 -21.92 43.68
CA PHE A 90 2.78 -20.88 42.79
C PHE A 90 2.34 -21.03 41.33
N LYS A 91 2.32 -22.25 40.82
CA LYS A 91 1.97 -22.47 39.43
C LYS A 91 0.45 -22.40 39.22
N SER A 92 -0.31 -22.75 40.25
CA SER A 92 -1.77 -22.77 40.16
C SER A 92 -2.38 -21.36 40.09
N ALA A 93 -1.58 -20.36 40.43
CA ALA A 93 -2.04 -18.97 40.36
C ALA A 93 -1.80 -18.40 38.97
N MET A 94 -1.02 -19.11 38.17
CA MET A 94 -0.70 -18.69 36.81
C MET A 94 -1.85 -18.99 35.84
N PRO A 95 -1.99 -18.18 34.78
CA PRO A 95 -1.13 -17.07 34.37
C PRO A 95 -1.52 -15.72 34.98
N GLU A 96 -2.63 -15.68 35.72
CA GLU A 96 -3.06 -14.44 36.36
C GLU A 96 -2.01 -13.96 37.37
N GLY A 97 -1.35 -14.91 38.03
CA GLY A 97 -0.25 -14.61 38.90
C GLY A 97 -0.63 -14.42 40.36
N TYR A 98 0.37 -14.07 41.17
CA TYR A 98 0.15 -13.84 42.60
C TYR A 98 0.87 -12.59 43.09
N VAL A 99 0.48 -12.12 44.27
CA VAL A 99 1.16 -11.01 44.94
C VAL A 99 2.02 -11.57 46.07
N GLN A 100 3.27 -11.14 46.13
CA GLN A 100 4.17 -11.60 47.17
C GLN A 100 4.66 -10.41 48.00
N GLU A 101 4.14 -10.31 49.23
CA GLU A 101 4.54 -9.24 50.13
C GLU A 101 5.55 -9.73 51.15
N ARG A 102 6.56 -8.92 51.42
CA ARG A 102 7.59 -9.29 52.37
C ARG A 102 8.03 -8.15 53.28
N THR A 103 8.32 -8.50 54.53
CA THR A 103 9.03 -7.61 55.44
C THR A 103 10.31 -8.31 55.88
N ILE A 104 11.46 -7.71 55.54
CA ILE A 104 12.74 -8.29 55.86
C ILE A 104 13.48 -7.45 56.89
N SER A 105 13.54 -7.95 58.12
CA SER A 105 14.21 -7.25 59.21
C SER A 105 15.65 -7.73 59.37
N PHE A 106 16.59 -6.85 59.04
CA PHE A 106 18.00 -7.11 59.29
C PHE A 106 18.31 -6.87 60.75
N LYS A 107 18.87 -7.88 61.42
CA LYS A 107 19.17 -7.77 62.84
C LYS A 107 20.19 -6.66 63.09
N ASP A 108 19.90 -5.82 64.08
CA ASP A 108 20.75 -4.70 64.45
C ASP A 108 20.96 -3.73 63.28
N ASP A 109 19.97 -3.66 62.38
CA ASP A 109 20.04 -2.78 61.22
C ASP A 109 18.65 -2.51 60.64
N GLY A 110 18.61 -1.98 59.42
CA GLY A 110 17.37 -1.55 58.80
C GLY A 110 16.44 -2.66 58.35
N THR A 111 15.39 -2.26 57.62
CA THR A 111 14.33 -3.18 57.22
C THR A 111 13.84 -2.94 55.80
N TYR A 112 13.91 -3.97 54.96
CA TYR A 112 13.32 -3.90 53.63
C TYR A 112 11.83 -4.17 53.72
N LYS A 113 11.03 -3.42 52.96
CA LYS A 113 9.61 -3.70 52.86
C LYS A 113 9.26 -3.77 51.38
N THR A 114 8.85 -4.96 50.93
CA THR A 114 8.64 -5.19 49.50
C THR A 114 7.25 -5.71 49.17
N ARG A 115 6.77 -5.36 47.98
CA ARG A 115 5.53 -5.89 47.46
C ARG A 115 5.70 -6.20 45.97
N ALA A 116 5.44 -7.45 45.60
CA ALA A 116 5.73 -7.90 44.24
C ALA A 116 4.52 -8.51 43.53
N GLU A 117 4.50 -8.36 42.22
CA GLU A 117 3.52 -9.06 41.38
C GLU A 117 4.25 -9.95 40.39
N VAL A 118 4.00 -11.25 40.49
CA VAL A 118 4.60 -12.23 39.60
C VAL A 118 3.52 -12.79 38.70
N LYS A 119 3.54 -12.41 37.43
CA LYS A 119 2.48 -12.83 36.51
C LYS A 119 2.98 -13.03 35.08
N PHE A 120 2.14 -13.63 34.25
CA PHE A 120 2.51 -13.91 32.86
C PHE A 120 2.12 -12.82 31.89
N GLU A 121 3.09 -12.00 31.51
CA GLU A 121 2.89 -11.03 30.43
C GLU A 121 3.28 -11.71 29.13
N GLY A 122 2.30 -11.94 28.26
CA GLY A 122 2.52 -12.72 27.06
C GLY A 122 2.95 -14.12 27.41
N ASP A 123 4.06 -14.57 26.83
CA ASP A 123 4.66 -15.85 27.19
C ASP A 123 5.90 -15.63 28.06
N THR A 124 5.85 -14.59 28.90
CA THR A 124 6.99 -14.25 29.76
C THR A 124 6.56 -14.15 31.22
N LEU A 125 7.33 -14.79 32.10
CA LEU A 125 7.09 -14.69 33.53
C LEU A 125 7.77 -13.43 34.08
N VAL A 126 6.97 -12.48 34.52
CA VAL A 126 7.46 -11.19 34.96
C VAL A 126 7.26 -10.99 36.45
N ASN A 127 8.32 -10.53 37.11
CA ASN A 127 8.29 -10.21 38.52
C ASN A 127 8.52 -8.71 38.71
N ARG A 128 7.43 -7.96 38.91
CA ARG A 128 7.52 -6.52 39.13
C ARG A 128 7.39 -6.21 40.61
N ILE A 129 8.47 -5.70 41.21
CA ILE A 129 8.47 -5.47 42.64
C ILE A 129 8.61 -3.99 43.03
N GLU A 130 8.30 -3.71 44.30
CA GLU A 130 8.45 -2.38 44.88
C GLU A 130 9.14 -2.54 46.23
N LEU A 131 10.28 -1.88 46.41
CA LEU A 131 11.08 -2.04 47.63
C LEU A 131 11.34 -0.72 48.34
N LYS A 132 11.13 -0.70 49.65
CA LYS A 132 11.45 0.47 50.46
C LYS A 132 12.13 0.07 51.77
N GLY A 133 13.39 0.46 51.92
CA GLY A 133 14.15 0.18 53.12
C GLY A 133 14.28 1.38 54.03
N ILE A 134 14.06 1.17 55.33
CA ILE A 134 14.16 2.24 56.30
C ILE A 134 15.04 1.86 57.49
N ASP A 135 15.49 2.87 58.22
CA ASP A 135 16.24 2.70 59.47
C ASP A 135 17.55 1.95 59.33
N PHE A 136 18.16 2.04 58.14
CA PHE A 136 19.50 1.45 57.94
C PHE A 136 20.57 2.42 58.40
N LYS A 137 21.67 1.88 58.91
CA LYS A 137 22.79 2.70 59.35
C LYS A 137 23.92 2.68 58.32
N GLU A 138 24.61 3.81 58.19
CA GLU A 138 25.64 3.99 57.16
C GLU A 138 26.87 3.11 57.37
N ASP A 139 27.34 3.03 58.60
CA ASP A 139 28.56 2.27 58.91
C ASP A 139 28.24 0.81 59.24
N GLY A 140 27.10 0.32 58.75
CA GLY A 140 26.69 -1.04 59.00
C GLY A 140 27.06 -1.99 57.87
N ASN A 141 26.63 -3.25 58.00
CA ASN A 141 26.96 -4.28 57.02
C ASN A 141 26.37 -4.01 55.63
N ILE A 142 25.22 -3.34 55.61
CA ILE A 142 24.50 -3.09 54.36
C ILE A 142 24.98 -1.82 53.65
N LEU A 143 24.83 -0.67 54.30
CA LEU A 143 25.23 0.60 53.69
C LEU A 143 26.75 0.75 53.65
N GLY A 144 27.44 0.07 54.54
CA GLY A 144 28.89 0.09 54.55
C GLY A 144 29.47 -0.96 53.63
N HIS A 145 28.58 -1.74 53.01
CA HIS A 145 28.97 -2.79 52.07
C HIS A 145 30.01 -3.74 52.65
N LYS A 146 29.63 -4.48 53.68
CA LYS A 146 30.56 -5.40 54.34
C LYS A 146 30.22 -6.86 54.06
N LEU A 147 29.25 -7.09 53.18
CA LEU A 147 28.78 -8.44 52.90
C LEU A 147 29.54 -9.11 51.75
N GLU A 148 29.84 -10.39 51.94
CA GLU A 148 30.56 -11.16 50.93
C GLU A 148 29.66 -11.48 49.74
N TYR A 149 30.27 -11.58 48.56
CA TYR A 149 29.52 -11.85 47.34
C TYR A 149 29.19 -13.34 47.21
N ASN A 150 28.24 -13.79 48.03
CA ASN A 150 27.70 -15.14 47.93
C ASN A 150 26.28 -15.20 48.49
N PHE A 151 25.75 -16.42 48.63
CA PHE A 151 24.42 -16.61 49.20
C PHE A 151 24.28 -18.03 49.73
N ASN A 152 23.99 -18.14 51.03
CA ASN A 152 23.93 -19.45 51.68
C ASN A 152 22.71 -20.28 51.28
N SER A 153 22.81 -21.59 51.46
CA SER A 153 21.70 -22.49 51.16
C SER A 153 20.66 -22.41 52.28
N HIS A 154 19.39 -22.49 51.92
CA HIS A 154 18.33 -22.30 52.92
C HIS A 154 17.15 -23.25 52.79
N ASN A 155 16.40 -23.40 53.87
CA ASN A 155 15.17 -24.19 53.87
C ASN A 155 13.97 -23.36 54.32
N VAL A 156 13.08 -23.07 53.39
CA VAL A 156 11.90 -22.27 53.66
C VAL A 156 10.74 -23.18 54.04
N TYR A 157 9.98 -22.81 55.06
CA TYR A 157 8.81 -23.58 55.45
C TYR A 157 7.52 -22.96 54.92
N ILE A 158 6.93 -23.58 53.90
CA ILE A 158 5.73 -23.06 53.26
C ILE A 158 4.46 -23.60 53.90
N THR A 159 3.67 -22.72 54.49
CA THR A 159 2.39 -23.14 55.09
C THR A 159 1.22 -22.48 54.37
N ALA A 160 0.00 -22.96 54.63
CA ALA A 160 -1.16 -22.46 53.92
C ALA A 160 -1.97 -21.45 54.72
N ASP A 161 -2.26 -20.31 54.09
CA ASP A 161 -3.14 -19.31 54.67
C ASP A 161 -4.52 -19.48 54.08
N LYS A 162 -5.39 -20.21 54.79
CA LYS A 162 -6.72 -20.51 54.31
C LYS A 162 -7.69 -19.34 54.54
N GLN A 163 -7.18 -18.25 55.11
CA GLN A 163 -8.00 -17.07 55.38
C GLN A 163 -7.80 -16.04 54.29
N LYS A 164 -6.69 -16.14 53.56
CA LYS A 164 -6.38 -15.23 52.47
C LYS A 164 -6.30 -16.00 51.16
N ASN A 165 -6.68 -17.28 51.22
CA ASN A 165 -6.61 -18.18 50.06
C ASN A 165 -5.20 -18.22 49.45
N GLY A 166 -4.19 -18.06 50.29
CA GLY A 166 -2.82 -18.02 49.83
C GLY A 166 -1.87 -18.84 50.69
N ILE A 167 -0.61 -18.40 50.78
CA ILE A 167 0.39 -19.10 51.58
C ILE A 167 1.21 -18.15 52.45
N LYS A 168 1.81 -18.69 53.51
CA LYS A 168 2.67 -17.94 54.41
C LYS A 168 4.04 -18.61 54.52
N ALA A 169 5.06 -17.81 54.78
CA ALA A 169 6.40 -18.33 55.04
C ALA A 169 7.20 -17.37 55.91
N ASN A 170 7.97 -17.90 56.85
CA ASN A 170 8.87 -17.09 57.67
C ASN A 170 10.22 -17.77 57.77
N PHE A 171 11.30 -17.05 57.46
CA PHE A 171 12.61 -17.72 57.46
C PHE A 171 13.79 -16.84 57.84
N LYS A 172 14.96 -17.48 58.01
CA LYS A 172 16.19 -16.76 58.35
C LYS A 172 17.22 -16.90 57.25
N ILE A 173 17.62 -15.77 56.66
CA ILE A 173 18.67 -15.76 55.67
C ILE A 173 19.97 -15.30 56.32
N ARG A 174 21.03 -16.09 56.15
CA ARG A 174 22.33 -15.73 56.70
C ARG A 174 23.24 -15.20 55.60
N HIS A 175 23.55 -13.92 55.65
CA HIS A 175 24.49 -13.33 54.71
C HIS A 175 25.88 -13.31 55.32
N ASN A 176 26.88 -13.79 54.60
CA ASN A 176 28.24 -13.78 55.13
C ASN A 176 28.86 -12.38 55.13
N VAL A 177 29.46 -12.02 56.26
CA VAL A 177 30.11 -10.72 56.40
C VAL A 177 31.62 -10.89 56.23
N GLU A 178 32.29 -9.85 55.74
CA GLU A 178 33.72 -9.90 55.45
C GLU A 178 34.59 -10.24 56.65
N ASP A 179 34.16 -9.85 57.86
CA ASP A 179 34.97 -10.06 59.05
C ASP A 179 34.81 -11.44 59.64
N GLY A 180 34.11 -12.33 58.93
CA GLY A 180 33.94 -13.70 59.36
C GLY A 180 32.72 -13.93 60.23
N SER A 181 31.83 -12.94 60.26
CA SER A 181 30.59 -13.06 61.03
C SER A 181 29.38 -13.21 60.14
N VAL A 182 28.20 -13.25 60.75
CA VAL A 182 26.96 -13.48 60.00
C VAL A 182 25.96 -12.34 60.18
N GLN A 183 25.47 -11.83 59.05
CA GLN A 183 24.41 -10.84 59.05
C GLN A 183 23.06 -11.51 58.85
N LEU A 184 22.23 -11.47 59.89
CA LEU A 184 20.92 -12.13 59.86
C LEU A 184 19.86 -11.26 59.20
N ALA A 185 19.11 -11.88 58.28
CA ALA A 185 18.00 -11.21 57.61
C ALA A 185 16.75 -12.05 57.83
N ASP A 186 15.87 -11.55 58.70
CA ASP A 186 14.65 -12.28 59.03
C ASP A 186 13.52 -11.93 58.06
N HIS A 187 13.08 -12.92 57.28
CA HIS A 187 12.06 -12.71 56.26
C HIS A 187 10.65 -13.11 56.71
N TYR A 188 9.71 -12.20 56.48
CA TYR A 188 8.29 -12.44 56.72
C TYR A 188 7.53 -12.31 55.41
N GLN A 189 7.06 -13.44 54.88
CA GLN A 189 6.51 -13.52 53.53
C GLN A 189 5.06 -14.01 53.48
N GLN A 190 4.26 -13.33 52.66
CA GLN A 190 2.85 -13.66 52.48
C GLN A 190 2.46 -13.58 51.00
N ASN A 191 1.95 -14.68 50.46
CA ASN A 191 1.57 -14.74 49.05
C ASN A 191 0.06 -14.92 48.84
N THR A 192 -0.54 -14.01 48.07
CA THR A 192 -1.99 -14.02 47.86
C THR A 192 -2.35 -13.97 46.37
N PRO A 193 -3.24 -14.87 45.93
CA PRO A 193 -3.77 -14.82 44.56
C PRO A 193 -4.71 -13.63 44.36
N ILE A 194 -5.27 -13.50 43.16
CA ILE A 194 -6.15 -12.38 42.89
C ILE A 194 -7.63 -12.67 43.19
N GLY A 195 -8.09 -13.89 42.88
CA GLY A 195 -9.47 -14.25 43.08
C GLY A 195 -10.43 -13.49 42.15
N ASP A 196 -10.84 -14.04 41.01
CA ASP A 196 -10.51 -15.38 40.50
C ASP A 196 -10.92 -16.55 41.42
N PRO A 198 -9.50 -20.36 41.39
CA PRO A 198 -9.26 -21.57 42.18
C PRO A 198 -7.77 -21.93 42.23
N VAL A 199 -7.22 -22.02 43.43
CA VAL A 199 -5.79 -22.24 43.62
C VAL A 199 -5.54 -23.42 44.56
N LEU A 200 -4.43 -24.13 44.35
CA LEU A 200 -4.02 -25.22 45.22
C LEU A 200 -3.40 -24.72 46.52
N LEU A 201 -4.07 -25.00 47.64
CA LEU A 201 -3.52 -24.69 48.95
C LEU A 201 -2.77 -25.90 49.49
N PRO A 202 -1.47 -25.73 49.79
CA PRO A 202 -0.58 -26.85 50.11
C PRO A 202 -0.66 -27.31 51.55
N ASP A 203 -0.19 -28.53 51.81
CA ASP A 203 0.02 -28.98 53.18
C ASP A 203 1.41 -28.54 53.63
N ASN A 204 1.68 -28.69 54.91
CA ASN A 204 2.95 -28.26 55.47
C ASN A 204 4.15 -28.94 54.80
N HIS A 205 4.89 -28.17 54.01
CA HIS A 205 6.08 -28.67 53.33
C HIS A 205 7.17 -27.61 53.29
N TYR A 206 8.31 -27.95 52.70
CA TYR A 206 9.43 -27.01 52.64
C TYR A 206 10.17 -26.98 51.31
N LEU A 207 10.77 -25.83 51.01
CA LEU A 207 11.62 -25.67 49.84
C LEU A 207 13.07 -25.61 50.26
N SER A 208 13.94 -26.22 49.47
CA SER A 208 15.38 -26.14 49.69
C SER A 208 16.01 -25.37 48.55
N THR A 209 16.83 -24.39 48.91
CA THR A 209 17.41 -23.45 47.95
C THR A 209 18.93 -23.44 48.00
N GLN A 210 19.54 -23.52 46.83
CA GLN A 210 20.99 -23.41 46.67
C GLN A 210 21.30 -22.41 45.56
N SER A 211 21.98 -21.33 45.89
CA SER A 211 22.30 -20.31 44.89
C SER A 211 23.79 -20.13 44.66
N VAL A 212 24.13 -19.55 43.51
CA VAL A 212 25.50 -19.20 43.17
C VAL A 212 25.50 -17.85 42.46
N LEU A 213 26.31 -16.92 42.94
CA LEU A 213 26.43 -15.62 42.29
C LEU A 213 27.79 -15.48 41.61
N SER A 214 27.78 -14.94 40.40
CA SER A 214 29.00 -14.77 39.61
C SER A 214 28.91 -13.46 38.84
N LYS A 215 29.98 -13.13 38.12
CA LYS A 215 30.02 -11.90 37.35
C LYS A 215 30.17 -12.18 35.87
N ASP A 216 29.81 -11.19 35.06
CA ASP A 216 30.10 -11.19 33.63
C ASP A 216 31.29 -10.25 33.43
N PRO A 217 32.42 -10.79 32.99
CA PRO A 217 33.63 -9.99 32.78
C PRO A 217 33.44 -8.96 31.67
N ASN A 218 32.47 -9.19 30.80
CA ASN A 218 32.21 -8.30 29.67
C ASN A 218 31.12 -7.28 29.99
N GLU A 219 30.86 -7.05 31.27
CA GLU A 219 29.90 -6.05 31.68
C GLU A 219 30.55 -4.97 32.55
N LYS A 220 30.42 -3.72 32.12
CA LYS A 220 31.01 -2.61 32.85
C LYS A 220 30.01 -1.93 33.76
N ARG A 221 28.89 -2.60 34.01
CA ARG A 221 27.84 -2.05 34.87
C ARG A 221 27.63 -2.90 36.11
N ASP A 222 27.19 -2.27 37.20
CA ASP A 222 26.94 -2.97 38.45
C ASP A 222 25.90 -4.04 38.22
N HIS A 223 26.32 -5.30 38.30
CA HIS A 223 25.47 -6.41 37.91
C HIS A 223 25.62 -7.62 38.83
N MET A 224 24.74 -8.60 38.64
CA MET A 224 24.84 -9.88 39.33
C MET A 224 24.34 -11.00 38.42
N VAL A 225 25.18 -11.99 38.17
CA VAL A 225 24.75 -13.16 37.41
C VAL A 225 24.37 -14.27 38.39
N LEU A 226 23.10 -14.62 38.42
CA LEU A 226 22.60 -15.55 39.42
C LEU A 226 22.16 -16.91 38.86
N LEU A 227 22.73 -17.97 39.43
CA LEU A 227 22.29 -19.33 39.15
C LEU A 227 21.59 -19.85 40.39
N GLU A 228 20.46 -20.54 40.22
CA GLU A 228 19.68 -20.97 41.38
C GLU A 228 18.98 -22.33 41.21
N PHE A 229 19.13 -23.19 42.20
CA PHE A 229 18.49 -24.49 42.22
C PHE A 229 17.55 -24.59 43.43
N VAL A 230 16.25 -24.73 43.16
CA VAL A 230 15.26 -24.87 44.23
C VAL A 230 14.43 -26.14 44.08
N THR A 231 14.38 -26.94 45.14
CA THR A 231 13.65 -28.21 45.09
C THR A 231 12.64 -28.32 46.24
N ALA A 232 11.56 -29.06 46.03
CA ALA A 232 10.52 -29.18 47.04
C ALA A 232 10.55 -30.53 47.77
N ALA A 233 10.43 -30.48 49.09
CA ALA A 233 10.44 -31.70 49.89
C ALA A 233 9.63 -31.50 51.18
N GLY A 234 9.43 -32.57 51.93
CA GLY A 234 8.73 -32.47 53.21
C GLY A 234 7.54 -33.38 53.34
N ILE A 235 6.83 -33.59 52.23
CA ILE A 235 5.70 -34.51 52.23
C ILE A 235 6.19 -35.95 52.04
N THR A 236 5.70 -36.83 52.90
CA THR A 236 5.99 -38.26 52.74
C THR A 236 4.93 -38.87 51.84
N HIS A 237 5.40 -39.64 50.87
CA HIS A 237 4.57 -40.26 49.82
C HIS A 237 3.23 -40.79 50.35
N GLY A 238 2.13 -40.42 49.68
CA GLY A 238 2.17 -39.53 48.54
C GLY A 238 1.39 -40.07 47.36
N GLY B 12 52.78 -22.83 36.21
CA GLY B 12 52.07 -24.09 36.12
C GLY B 12 50.71 -23.94 35.46
N GLU B 13 50.25 -22.70 35.33
CA GLU B 13 48.98 -22.41 34.68
C GLU B 13 49.09 -22.67 33.17
N GLU B 14 49.15 -23.95 32.82
CA GLU B 14 49.29 -24.36 31.43
C GLU B 14 48.42 -25.58 31.15
N LEU B 15 48.47 -26.54 32.05
CA LEU B 15 47.75 -27.81 31.89
C LEU B 15 46.31 -27.70 32.34
N PHE B 16 45.90 -26.49 32.73
CA PHE B 16 44.56 -26.29 33.28
C PHE B 16 43.65 -25.52 32.32
N THR B 17 44.20 -25.13 31.17
CA THR B 17 43.39 -24.62 30.08
C THR B 17 42.62 -25.81 29.50
N GLY B 18 41.36 -25.59 29.16
CA GLY B 18 40.52 -26.69 28.70
C GLY B 18 40.02 -27.52 29.87
N VAL B 19 39.32 -28.62 29.56
CA VAL B 19 38.72 -29.46 30.61
C VAL B 19 39.64 -30.60 31.03
N VAL B 20 39.94 -30.68 32.33
CA VAL B 20 40.84 -31.72 32.84
C VAL B 20 40.09 -32.73 33.71
N PRO B 21 40.22 -34.03 33.37
CA PRO B 21 39.55 -35.09 34.13
C PRO B 21 40.09 -35.17 35.56
N ILE B 22 39.19 -35.38 36.53
CA ILE B 22 39.57 -35.44 37.93
C ILE B 22 39.22 -36.78 38.57
N LEU B 23 40.21 -37.37 39.22
CA LEU B 23 40.02 -38.54 40.07
C LEU B 23 40.42 -38.23 41.50
N VAL B 24 39.49 -38.45 42.43
CA VAL B 24 39.73 -38.26 43.84
C VAL B 24 39.59 -39.60 44.54
N GLU B 25 40.56 -39.94 45.38
CA GLU B 25 40.48 -41.16 46.18
C GLU B 25 40.70 -40.82 47.64
N LEU B 26 39.80 -41.25 48.51
CA LEU B 26 39.94 -41.00 49.93
C LEU B 26 39.82 -42.28 50.74
N ASP B 27 40.78 -42.52 51.62
CA ASP B 27 40.67 -43.59 52.60
C ASP B 27 40.60 -42.98 53.99
N GLY B 28 39.49 -43.21 54.68
CA GLY B 28 39.27 -42.58 55.97
C GLY B 28 39.00 -43.55 57.12
N ASP B 29 39.22 -43.06 58.33
CA ASP B 29 38.99 -43.82 59.55
C ASP B 29 38.47 -42.88 60.63
N VAL B 30 37.17 -42.94 60.89
CA VAL B 30 36.54 -42.11 61.91
C VAL B 30 36.04 -42.96 63.07
N ASN B 31 36.66 -42.78 64.23
CA ASN B 31 36.32 -43.55 65.44
C ASN B 31 36.40 -45.06 65.24
N GLY B 32 37.28 -45.50 64.35
CA GLY B 32 37.40 -46.91 64.04
C GLY B 32 36.71 -47.29 62.75
N HIS B 33 35.64 -46.56 62.42
CA HIS B 33 34.88 -46.80 61.21
C HIS B 33 35.71 -46.47 59.97
N LYS B 34 36.24 -47.50 59.33
CA LYS B 34 37.07 -47.31 58.14
C LYS B 34 36.24 -47.37 56.85
N PHE B 35 36.41 -46.36 56.00
CA PHE B 35 35.62 -46.25 54.78
C PHE B 35 36.47 -45.72 53.62
N SER B 36 35.95 -45.84 52.41
CA SER B 36 36.64 -45.32 51.23
C SER B 36 35.69 -44.63 50.27
N VAL B 37 36.14 -43.52 49.70
CA VAL B 37 35.33 -42.73 48.77
C VAL B 37 36.07 -42.51 47.46
N ARG B 38 35.41 -42.79 46.35
CA ARG B 38 36.00 -42.52 45.04
C ARG B 38 35.14 -41.53 44.27
N GLY B 39 35.76 -40.44 43.83
CA GLY B 39 35.05 -39.43 43.07
C GLY B 39 35.64 -39.25 41.68
N GLU B 40 34.80 -39.32 40.67
CA GLU B 40 35.24 -39.07 39.29
C GLU B 40 34.50 -37.87 38.72
N GLY B 41 35.19 -37.08 37.91
CA GLY B 41 34.55 -35.96 37.25
C GLY B 41 35.51 -35.18 36.36
N GLU B 42 35.28 -33.88 36.25
CA GLU B 42 36.19 -33.03 35.48
C GLU B 42 36.08 -31.57 35.90
N GLY B 43 37.19 -30.86 35.78
CA GLY B 43 37.26 -29.47 36.19
C GLY B 43 37.69 -28.56 35.05
N ASP B 44 37.22 -27.32 35.13
CA ASP B 44 37.55 -26.31 34.14
C ASP B 44 38.07 -25.05 34.83
N ALA B 45 39.39 -24.95 34.95
CA ALA B 45 40.01 -23.83 35.65
C ALA B 45 39.77 -22.51 34.93
N THR B 46 39.57 -22.58 33.62
CA THR B 46 39.31 -21.40 32.80
C THR B 46 38.04 -20.69 33.27
N ASN B 47 37.02 -21.48 33.61
CA ASN B 47 35.76 -20.94 34.10
C ASN B 47 35.61 -21.10 35.61
N GLY B 48 36.64 -21.67 36.24
CA GLY B 48 36.60 -21.94 37.67
C GLY B 48 35.50 -22.91 38.03
N LYS B 49 35.32 -23.94 37.20
CA LYS B 49 34.20 -24.86 37.34
C LYS B 49 34.64 -26.28 37.70
N LEU B 50 33.93 -26.89 38.66
CA LEU B 50 34.18 -28.27 39.04
C LEU B 50 32.90 -29.09 38.95
N THR B 51 32.97 -30.19 38.20
CA THR B 51 31.84 -31.10 38.09
C THR B 51 32.28 -32.49 38.51
N LEU B 52 31.98 -32.87 39.75
CA LEU B 52 32.42 -34.17 40.25
C LEU B 52 31.29 -35.03 40.81
N LYS B 53 31.53 -36.34 40.88
CA LYS B 53 30.59 -37.26 41.51
C LYS B 53 31.34 -38.24 42.39
N PHE B 54 31.04 -38.21 43.69
CA PHE B 54 31.69 -39.09 44.65
C PHE B 54 30.76 -40.22 45.05
N ILE B 55 31.30 -41.42 45.22
CA ILE B 55 30.55 -42.53 45.78
C ILE B 55 31.34 -43.15 46.92
N CYS B 56 30.65 -43.78 47.86
CA CYS B 56 31.32 -44.50 48.93
C CYS B 56 31.51 -45.95 48.50
N THR B 57 32.75 -46.31 48.19
CA THR B 57 33.06 -47.61 47.62
C THR B 57 32.90 -48.74 48.63
N THR B 58 32.97 -48.40 49.92
CA THR B 58 32.94 -49.40 50.97
C THR B 58 31.54 -49.67 51.52
N GLY B 59 30.61 -48.76 51.25
CA GLY B 59 29.24 -48.93 51.70
C GLY B 59 28.57 -47.61 52.08
N LYS B 60 28.04 -47.55 53.29
CA LYS B 60 27.45 -46.32 53.81
C LYS B 60 28.54 -45.42 54.36
N LEU B 61 28.39 -44.11 54.14
CA LEU B 61 29.36 -43.14 54.64
C LEU B 61 29.05 -42.84 56.11
N PRO B 62 30.02 -43.05 56.99
CA PRO B 62 29.82 -42.90 58.44
C PRO B 62 29.62 -41.45 58.86
N VAL B 63 29.98 -40.53 57.97
CA VAL B 63 29.86 -39.09 58.25
C VAL B 63 29.00 -38.45 57.15
N PRO B 64 28.44 -37.25 57.43
CA PRO B 64 27.63 -36.62 56.37
C PRO B 64 28.51 -36.16 55.21
N TRP B 65 27.99 -36.22 53.98
CA TRP B 65 28.74 -35.78 52.81
C TRP B 65 29.32 -34.36 52.89
N PRO B 66 28.52 -33.37 53.36
CA PRO B 66 29.06 -32.01 53.45
C PRO B 66 30.35 -31.89 54.27
N THR B 67 30.53 -32.78 55.25
CA THR B 67 31.72 -32.74 56.09
C THR B 67 32.99 -33.11 55.30
N LEU B 68 32.82 -33.77 54.17
CA LEU B 68 33.96 -34.21 53.37
C LEU B 68 34.20 -33.32 52.15
N VAL B 69 33.41 -32.27 52.03
CA VAL B 69 33.52 -31.35 50.88
C VAL B 69 34.90 -30.70 50.81
N THR B 70 35.35 -30.13 51.93
CA THR B 70 36.64 -29.45 51.97
C THR B 70 37.81 -30.37 51.67
N THR B 71 37.66 -31.65 52.02
CA THR B 71 38.73 -32.64 51.84
C THR B 71 38.70 -33.24 50.43
N LEU B 72 37.49 -33.56 49.96
CA LEU B 72 37.30 -34.14 48.62
C LEU B 72 37.66 -33.15 47.53
C3 KWS B 73 41.79 -30.27 46.46
N1 KWS B 73 37.57 -31.72 47.35
O3 KWS B 73 42.93 -29.67 46.58
C1 KWS B 73 38.63 -29.71 47.35
C2 KWS B 73 40.13 -28.53 48.75
N2 KWS B 73 38.01 -28.66 47.80
O2 KWS B 73 41.08 -28.16 49.40
N3 KWS B 73 40.01 -29.68 47.92
CA1 KWS B 73 38.03 -30.69 46.43
CB KWS B 73 36.65 -30.27 46.05
CA2 KWS B 73 38.83 -27.89 48.65
CA3 KWS B 73 41.02 -30.66 47.70
CB2 KWS B 73 38.43 -26.73 49.26
OG1 KWS B 73 35.72 -30.63 47.00
CG2 KWS B 73 36.28 -30.88 44.73
N VAL B 74 40.96 -29.92 45.42
CA VAL B 74 41.67 -29.63 44.17
C VAL B 74 41.63 -28.14 43.81
N GLN B 75 42.16 -27.31 44.71
CA GLN B 75 42.17 -25.86 44.55
C GLN B 75 42.90 -25.35 43.30
N CYS B 76 43.51 -26.28 42.56
CA CYS B 76 44.20 -25.94 41.32
C CYS B 76 43.23 -25.78 40.16
N PHE B 77 41.93 -25.68 40.46
CA PHE B 77 40.93 -25.45 39.43
C PHE B 77 40.24 -24.10 39.62
N SER B 78 40.65 -23.37 40.65
CA SER B 78 40.13 -22.03 40.88
C SER B 78 40.51 -21.13 39.72
N ARG B 79 39.57 -20.28 39.30
CA ARG B 79 39.84 -19.35 38.20
C ARG B 79 40.53 -18.10 38.72
N TYR B 80 41.81 -17.97 38.39
CA TYR B 80 42.54 -16.76 38.72
C TYR B 80 42.43 -15.77 37.57
N PRO B 81 41.85 -14.58 37.85
CA PRO B 81 41.76 -13.50 36.87
C PRO B 81 43.15 -13.12 36.36
N ASP B 82 43.25 -12.71 35.10
CA ASP B 82 44.53 -12.47 34.44
C ASP B 82 45.46 -11.49 35.18
N HIS B 83 44.89 -10.65 36.04
CA HIS B 83 45.69 -9.68 36.78
C HIS B 83 46.15 -10.21 38.13
N MET B 84 45.74 -11.43 38.47
CA MET B 84 46.11 -12.04 39.73
C MET B 84 46.86 -13.36 39.55
N LYS B 85 47.43 -13.55 38.36
CA LYS B 85 48.11 -14.79 38.03
C LYS B 85 49.36 -15.01 38.88
N ARG B 86 49.82 -13.97 39.54
CA ARG B 86 50.98 -14.06 40.42
C ARG B 86 50.61 -14.69 41.77
N HIS B 87 49.31 -14.81 42.02
CA HIS B 87 48.82 -15.34 43.28
C HIS B 87 48.56 -16.84 43.23
N ASP B 88 48.74 -17.44 42.06
CA ASP B 88 48.38 -18.84 41.86
C ASP B 88 49.50 -19.81 42.27
N PHE B 89 49.41 -20.31 43.49
CA PHE B 89 50.33 -21.32 43.98
C PHE B 89 49.97 -22.70 43.46
N PHE B 90 48.67 -22.99 43.46
CA PHE B 90 48.16 -24.32 43.14
C PHE B 90 48.57 -24.79 41.75
N LYS B 91 48.43 -23.92 40.76
CA LYS B 91 48.85 -24.22 39.40
C LYS B 91 50.36 -24.41 39.31
N SER B 92 51.10 -23.50 39.94
CA SER B 92 52.55 -23.47 39.86
C SER B 92 53.22 -24.78 40.25
N ALA B 93 52.67 -25.46 41.26
CA ALA B 93 53.27 -26.69 41.77
C ALA B 93 53.07 -27.89 40.85
N MET B 94 52.43 -27.66 39.71
CA MET B 94 52.11 -28.74 38.77
C MET B 94 53.14 -28.82 37.64
N PRO B 95 53.28 -30.01 37.02
CA PRO B 95 52.56 -31.26 37.31
C PRO B 95 53.15 -32.03 38.47
N GLU B 96 54.12 -31.44 39.16
CA GLU B 96 54.76 -32.09 40.30
C GLU B 96 53.77 -32.26 41.45
N GLY B 97 52.86 -31.29 41.59
CA GLY B 97 51.80 -31.38 42.58
C GLY B 97 52.16 -30.85 43.95
N TYR B 98 51.18 -30.82 44.84
CA TYR B 98 51.41 -30.34 46.20
C TYR B 98 50.73 -31.21 47.24
N VAL B 99 51.20 -31.06 48.48
CA VAL B 99 50.68 -31.81 49.61
C VAL B 99 49.79 -30.90 50.46
N GLN B 100 48.53 -31.30 50.59
CA GLN B 100 47.57 -30.55 51.40
C GLN B 100 47.29 -31.30 52.71
N GLU B 101 47.87 -30.80 53.79
CA GLU B 101 47.65 -31.35 55.11
C GLU B 101 46.69 -30.45 55.87
N ARG B 102 45.65 -31.05 56.45
CA ARG B 102 44.64 -30.26 57.15
C ARG B 102 44.27 -30.80 58.52
N THR B 103 43.95 -29.90 59.44
CA THR B 103 43.36 -30.28 60.71
C THR B 103 42.02 -29.57 60.86
N ILE B 104 40.95 -30.36 60.94
CA ILE B 104 39.61 -29.79 61.04
C ILE B 104 38.99 -30.09 62.40
N SER B 105 38.81 -29.06 63.21
CA SER B 105 38.24 -29.24 64.55
C SER B 105 36.75 -28.89 64.56
N PHE B 106 35.92 -29.87 64.89
CA PHE B 106 34.48 -29.64 64.99
C PHE B 106 34.10 -29.21 66.40
N LYS B 107 33.47 -28.04 66.50
CA LYS B 107 33.07 -27.49 67.79
C LYS B 107 32.21 -28.48 68.59
N ASP B 108 32.61 -28.70 69.84
CA ASP B 108 31.93 -29.63 70.74
C ASP B 108 31.85 -31.04 70.17
N ASP B 109 32.84 -31.41 69.35
CA ASP B 109 32.84 -32.72 68.70
C ASP B 109 34.26 -33.19 68.37
N GLY B 110 34.37 -34.08 67.39
CA GLY B 110 35.63 -34.71 67.06
C GLY B 110 36.52 -33.92 66.12
N THR B 111 37.62 -34.55 65.70
CA THR B 111 38.61 -33.85 64.86
C THR B 111 39.04 -34.69 63.66
N TYR B 112 38.96 -34.10 62.48
CA TYR B 112 39.53 -34.67 61.27
C TYR B 112 41.01 -34.33 61.19
N LYS B 113 41.81 -35.30 60.78
CA LYS B 113 43.21 -35.06 60.48
C LYS B 113 43.56 -35.65 59.11
N THR B 114 43.69 -34.78 58.11
CA THR B 114 43.85 -35.23 56.73
C THR B 114 45.23 -34.94 56.18
N ARG B 115 45.70 -35.83 55.30
CA ARG B 115 46.94 -35.61 54.56
C ARG B 115 46.69 -36.06 53.14
N ALA B 116 46.89 -35.16 52.18
CA ALA B 116 46.58 -35.48 50.79
C ALA B 116 47.68 -35.04 49.82
N GLU B 117 47.74 -35.71 48.68
CA GLU B 117 48.63 -35.35 47.60
C GLU B 117 47.83 -35.09 46.33
N VAL B 118 47.93 -33.88 45.82
CA VAL B 118 47.24 -33.48 44.60
C VAL B 118 48.27 -33.31 43.49
N LYS B 119 48.25 -34.19 42.50
CA LYS B 119 49.27 -34.18 41.47
C LYS B 119 48.72 -34.65 40.12
N PHE B 120 49.50 -34.43 39.06
CA PHE B 120 49.12 -34.90 37.73
C PHE B 120 49.65 -36.31 37.46
N GLU B 121 48.73 -37.25 37.28
CA GLU B 121 49.09 -38.59 36.85
C GLU B 121 48.59 -38.81 35.44
N GLY B 122 49.52 -38.77 34.48
CA GLY B 122 49.13 -38.79 33.07
C GLY B 122 48.40 -37.50 32.75
N ASP B 123 47.33 -37.61 31.98
CA ASP B 123 46.52 -36.43 31.66
C ASP B 123 45.28 -36.36 32.56
N THR B 124 45.40 -36.91 33.76
CA THR B 124 44.31 -36.89 34.73
C THR B 124 44.79 -36.31 36.05
N LEU B 125 44.04 -35.36 36.59
CA LEU B 125 44.39 -34.73 37.86
C LEU B 125 43.92 -35.60 39.02
N VAL B 126 44.82 -35.90 39.96
CA VAL B 126 44.53 -36.84 41.04
C VAL B 126 44.68 -36.24 42.43
N ASN B 127 43.66 -36.43 43.26
CA ASN B 127 43.71 -36.04 44.67
C ASN B 127 43.62 -37.28 45.55
N ARG B 128 44.77 -37.73 46.06
CA ARG B 128 44.82 -38.94 46.88
C ARG B 128 44.94 -38.57 48.36
N ILE B 129 43.98 -39.02 49.17
CA ILE B 129 43.83 -38.54 50.54
C ILE B 129 43.74 -39.63 51.60
N GLU B 130 44.44 -39.40 52.71
CA GLU B 130 44.34 -40.22 53.90
C GLU B 130 43.67 -39.38 54.99
N LEU B 131 42.64 -39.93 55.64
CA LEU B 131 41.85 -39.21 56.63
C LEU B 131 41.72 -39.93 57.96
N LYS B 132 41.99 -39.22 59.05
CA LYS B 132 41.88 -39.80 60.39
C LYS B 132 41.06 -38.93 61.34
N GLY B 133 39.79 -39.26 61.50
CA GLY B 133 38.93 -38.57 62.43
C GLY B 133 38.89 -39.27 63.78
N ILE B 134 39.10 -38.51 64.85
CA ILE B 134 39.13 -39.07 66.20
C ILE B 134 38.26 -38.28 67.18
N ASP B 135 38.04 -38.86 68.36
CA ASP B 135 37.33 -38.22 69.47
C ASP B 135 35.93 -37.70 69.11
N PHE B 136 35.33 -38.31 68.08
CA PHE B 136 34.00 -37.91 67.66
C PHE B 136 32.92 -38.44 68.61
N LYS B 137 32.04 -37.55 69.04
CA LYS B 137 30.96 -37.91 69.95
C LYS B 137 29.62 -37.95 69.22
N GLU B 138 28.66 -38.65 69.82
CA GLU B 138 27.27 -38.66 69.37
C GLU B 138 26.42 -38.10 70.52
N ASP B 139 25.19 -37.64 70.27
CA ASP B 139 24.53 -37.56 68.97
C ASP B 139 25.31 -36.77 67.92
N GLY B 140 25.81 -35.60 68.32
CA GLY B 140 26.64 -34.79 67.44
C GLY B 140 25.96 -34.44 66.13
N ASN B 141 26.74 -33.91 65.20
CA ASN B 141 26.20 -33.53 63.90
C ASN B 141 26.90 -34.31 62.81
N ILE B 142 27.91 -35.08 63.21
CA ILE B 142 28.71 -35.85 62.27
C ILE B 142 28.36 -37.34 62.33
N LEU B 143 28.61 -37.97 63.47
CA LEU B 143 28.33 -39.38 63.62
C LEU B 143 26.82 -39.65 63.65
N GLY B 144 26.06 -38.67 64.11
CA GLY B 144 24.62 -38.81 64.20
C GLY B 144 23.89 -38.51 62.90
N HIS B 145 24.63 -37.96 61.93
CA HIS B 145 24.08 -37.62 60.61
C HIS B 145 22.91 -36.65 60.68
N LYS B 146 23.12 -35.48 61.26
CA LYS B 146 22.06 -34.48 61.31
C LYS B 146 22.43 -33.16 60.63
N LEU B 147 23.37 -33.23 59.69
CA LEU B 147 23.72 -32.08 58.87
C LEU B 147 22.99 -32.14 57.52
N GLU B 148 22.45 -31.00 57.09
CA GLU B 148 21.68 -30.93 55.85
C GLU B 148 22.55 -31.18 54.62
N TYR B 149 21.91 -31.55 53.51
CA TYR B 149 22.62 -31.82 52.27
C TYR B 149 22.91 -30.53 51.51
N ASN B 150 23.75 -29.68 52.10
CA ASN B 150 24.19 -28.45 51.47
C ASN B 150 25.57 -28.01 51.98
N PHE B 151 26.06 -26.89 51.47
CA PHE B 151 27.39 -26.42 51.89
C PHE B 151 27.57 -24.90 51.81
N ASN B 152 28.04 -24.33 52.92
CA ASN B 152 28.28 -22.89 53.01
C ASN B 152 29.66 -22.60 53.59
N SER B 153 30.33 -21.57 53.07
CA SER B 153 31.65 -21.21 53.55
C SER B 153 31.92 -19.73 53.36
N HIS B 154 33.19 -19.39 53.22
CA HIS B 154 33.64 -18.10 52.67
C HIS B 154 33.77 -16.91 53.62
N ASN B 155 34.74 -16.04 53.35
CA ASN B 155 35.70 -16.22 52.23
C ASN B 155 37.08 -16.63 52.73
N VAL B 156 37.68 -17.59 52.05
CA VAL B 156 38.94 -18.18 52.54
C VAL B 156 40.18 -17.35 52.24
N TYR B 157 40.93 -17.03 53.28
CA TYR B 157 42.09 -16.15 53.22
C TYR B 157 43.38 -16.98 53.10
N ILE B 158 44.09 -16.83 51.99
CA ILE B 158 45.32 -17.60 51.77
C ILE B 158 46.59 -16.76 51.94
N THR B 159 47.49 -17.22 52.80
CA THR B 159 48.76 -16.54 53.02
C THR B 159 49.92 -17.41 52.56
N ALA B 160 51.07 -16.80 52.30
CA ALA B 160 52.26 -17.53 51.89
C ALA B 160 53.13 -17.84 53.10
N ASP B 161 53.60 -19.09 53.17
CA ASP B 161 54.57 -19.47 54.20
C ASP B 161 55.92 -19.69 53.55
N LYS B 162 56.75 -18.63 53.55
CA LYS B 162 58.06 -18.68 52.91
C LYS B 162 59.07 -19.50 53.70
N GLN B 163 58.70 -19.90 54.90
CA GLN B 163 59.56 -20.70 55.75
C GLN B 163 59.43 -22.19 55.43
N LYS B 164 58.39 -22.53 54.69
CA LYS B 164 58.17 -23.91 54.26
C LYS B 164 57.92 -23.96 52.75
N ASN B 165 58.08 -22.82 52.10
CA ASN B 165 57.91 -22.69 50.66
C ASN B 165 56.51 -23.08 50.18
N GLY B 166 55.52 -22.89 51.03
CA GLY B 166 54.16 -23.23 50.69
C GLY B 166 53.16 -22.17 51.14
N ILE B 167 51.93 -22.60 51.41
CA ILE B 167 50.89 -21.65 51.83
C ILE B 167 50.11 -22.12 53.06
N LYS B 168 49.69 -21.15 53.88
CA LYS B 168 48.88 -21.42 55.05
C LYS B 168 47.50 -20.76 54.94
N ALA B 169 46.48 -21.46 55.41
CA ALA B 169 45.12 -20.92 55.41
C ALA B 169 44.39 -21.34 56.68
N ASN B 170 43.58 -20.44 57.23
CA ASN B 170 42.75 -20.76 58.38
C ASN B 170 41.35 -20.24 58.15
N PHE B 171 40.34 -21.11 58.27
CA PHE B 171 38.98 -20.64 58.01
C PHE B 171 37.91 -21.37 58.81
N LYS B 172 36.76 -20.71 58.99
CA LYS B 172 35.66 -21.29 59.75
C LYS B 172 34.51 -21.68 58.83
N ILE B 173 34.17 -22.97 58.84
CA ILE B 173 33.09 -23.46 58.00
C ILE B 173 31.86 -23.81 58.82
N ARG B 174 30.71 -23.25 58.44
CA ARG B 174 29.49 -23.49 59.17
C ARG B 174 28.59 -24.49 58.43
N HIS B 175 28.37 -25.65 59.04
CA HIS B 175 27.46 -26.64 58.48
C HIS B 175 26.05 -26.45 59.05
N ASN B 176 25.07 -26.33 58.16
CA ASN B 176 23.68 -26.17 58.60
C ASN B 176 23.14 -27.44 59.22
N VAL B 177 22.67 -27.34 60.46
CA VAL B 177 22.13 -28.49 61.18
C VAL B 177 20.62 -28.59 60.95
N GLU B 178 20.11 -29.80 60.86
CA GLU B 178 18.69 -30.04 60.55
C GLU B 178 17.72 -29.42 61.56
N ASP B 179 18.15 -29.30 62.81
CA ASP B 179 17.30 -28.68 63.84
C ASP B 179 17.15 -27.18 63.58
N GLY B 180 18.19 -26.59 63.01
CA GLY B 180 18.21 -25.16 62.75
C GLY B 180 19.45 -24.50 63.32
N SER B 181 20.30 -25.29 63.98
CA SER B 181 21.52 -24.76 64.58
C SER B 181 22.68 -24.80 63.60
N VAL B 182 23.88 -24.51 64.10
CA VAL B 182 25.06 -24.45 63.25
C VAL B 182 26.22 -25.26 63.82
N GLN B 183 26.79 -26.14 62.99
CA GLN B 183 27.96 -26.93 63.38
C GLN B 183 29.24 -26.26 62.89
N LEU B 184 30.09 -25.85 63.82
CA LEU B 184 31.34 -25.20 63.46
C LEU B 184 32.44 -26.18 63.08
N ALA B 185 33.21 -25.82 62.06
CA ALA B 185 34.34 -26.62 61.60
C ALA B 185 35.53 -25.70 61.34
N ASP B 186 36.46 -25.67 62.28
CA ASP B 186 37.66 -24.86 62.16
C ASP B 186 38.71 -25.58 61.33
N HIS B 187 39.00 -25.05 60.15
CA HIS B 187 39.98 -25.61 59.24
C HIS B 187 41.33 -24.92 59.35
N TYR B 188 42.35 -25.73 59.63
CA TYR B 188 43.73 -25.28 59.65
C TYR B 188 44.47 -26.02 58.52
N GLN B 189 44.85 -25.28 57.49
CA GLN B 189 45.30 -25.86 56.23
C GLN B 189 46.74 -25.44 55.89
N GLN B 190 47.55 -26.44 55.55
CA GLN B 190 48.93 -26.24 55.15
C GLN B 190 49.17 -26.91 53.80
N ASN B 191 49.80 -26.20 52.87
CA ASN B 191 50.12 -26.76 51.56
C ASN B 191 51.59 -26.61 51.19
N THR B 192 52.22 -27.71 50.76
CA THR B 192 53.64 -27.73 50.48
C THR B 192 53.98 -28.50 49.20
N PRO B 193 54.65 -27.85 48.25
CA PRO B 193 54.95 -28.43 46.92
C PRO B 193 55.85 -29.66 47.01
N ILE B 194 55.58 -30.65 46.15
CA ILE B 194 56.37 -31.88 46.12
C ILE B 194 57.71 -31.65 45.42
N GLY B 195 57.66 -31.17 44.19
CA GLY B 195 58.85 -30.87 43.43
C GLY B 195 59.42 -29.51 43.77
N ASP B 196 60.39 -29.05 42.96
CA ASP B 196 60.99 -27.74 43.16
C ASP B 196 60.88 -26.90 41.90
N GLY B 197 60.56 -25.62 42.05
CA GLY B 197 60.41 -24.73 40.91
C GLY B 197 59.93 -23.34 41.29
N PRO B 198 58.60 -23.19 41.51
CA PRO B 198 57.95 -21.93 41.89
C PRO B 198 58.58 -21.29 43.12
N LEU B 201 54.39 -18.39 45.65
CA LEU B 201 54.62 -17.37 46.68
C LEU B 201 53.65 -16.20 46.55
N PRO B 202 52.35 -16.45 46.82
CA PRO B 202 51.30 -15.44 46.62
C PRO B 202 51.17 -14.46 47.78
N ASP B 203 50.46 -13.36 47.55
CA ASP B 203 50.20 -12.39 48.61
C ASP B 203 48.83 -12.62 49.20
N ASN B 204 48.44 -11.77 50.13
CA ASN B 204 47.16 -11.89 50.81
C ASN B 204 45.98 -11.76 49.86
N HIS B 205 45.42 -12.90 49.45
CA HIS B 205 44.25 -12.93 48.58
C HIS B 205 43.24 -13.97 49.08
N TYR B 206 42.01 -13.88 48.58
CA TYR B 206 40.98 -14.84 48.97
C TYR B 206 40.35 -15.56 47.78
N LEU B 207 39.88 -16.79 48.03
CA LEU B 207 39.22 -17.58 47.00
C LEU B 207 37.71 -17.55 47.21
N SER B 208 36.95 -17.77 46.13
CA SER B 208 35.49 -17.75 46.22
C SER B 208 34.82 -18.92 45.53
N THR B 209 34.99 -20.11 46.10
CA THR B 209 34.27 -21.30 45.67
C THR B 209 32.78 -21.30 46.06
N GLN B 210 31.92 -21.72 45.15
CA GLN B 210 30.50 -21.80 45.49
C GLN B 210 29.97 -23.20 45.18
N SER B 211 29.51 -23.90 46.22
CA SER B 211 29.17 -25.31 46.09
C SER B 211 27.67 -25.59 46.07
N VAL B 212 27.28 -26.54 45.21
CA VAL B 212 25.91 -27.04 45.19
C VAL B 212 25.90 -28.58 45.12
N LEU B 213 25.17 -29.18 46.04
CA LEU B 213 25.12 -30.63 46.22
C LEU B 213 23.82 -31.21 45.67
N SER B 214 23.92 -32.35 45.01
CA SER B 214 22.75 -33.01 44.45
C SER B 214 22.95 -34.52 44.42
N LYS B 215 21.92 -35.23 43.95
CA LYS B 215 21.96 -36.69 43.88
C LYS B 215 21.78 -37.17 42.45
N ASP B 216 22.44 -38.27 42.11
CA ASP B 216 22.22 -38.94 40.84
C ASP B 216 21.00 -39.84 41.00
N PRO B 217 19.92 -39.54 40.26
CA PRO B 217 18.68 -40.31 40.37
C PRO B 217 18.86 -41.78 39.95
N ASN B 218 19.87 -42.05 39.13
CA ASN B 218 20.14 -43.42 38.71
C ASN B 218 21.25 -44.08 39.54
N GLU B 219 21.35 -43.67 40.81
CA GLU B 219 22.38 -44.20 41.70
C GLU B 219 21.80 -44.68 43.03
N LYS B 220 21.79 -45.99 43.22
CA LYS B 220 21.19 -46.58 44.40
C LYS B 220 22.21 -46.77 45.51
N ARG B 221 23.38 -46.17 45.36
CA ARG B 221 24.43 -46.28 46.35
C ARG B 221 24.63 -44.94 47.04
N ASP B 222 25.42 -44.92 48.11
CA ASP B 222 25.71 -43.70 48.83
C ASP B 222 26.64 -42.81 47.99
N HIS B 223 26.20 -41.59 47.70
CA HIS B 223 26.92 -40.75 46.75
C HIS B 223 26.63 -39.26 46.96
N MET B 224 27.43 -38.44 46.30
CA MET B 224 27.25 -36.99 46.30
C MET B 224 27.67 -36.40 44.95
N VAL B 225 26.74 -35.74 44.27
CA VAL B 225 27.06 -35.03 43.03
C VAL B 225 27.36 -33.58 43.34
N LEU B 226 28.62 -33.18 43.15
CA LEU B 226 29.07 -31.86 43.53
C LEU B 226 29.36 -30.96 42.33
N LEU B 227 28.69 -29.81 42.29
CA LEU B 227 29.00 -28.77 41.31
C LEU B 227 29.60 -27.58 42.05
N GLU B 228 30.68 -27.02 41.52
CA GLU B 228 31.44 -26.02 42.27
C GLU B 228 31.91 -24.87 41.39
N PHE B 229 31.89 -23.66 41.94
CA PHE B 229 32.32 -22.47 41.21
C PHE B 229 33.37 -21.68 41.99
N VAL B 230 34.64 -21.93 41.68
CA VAL B 230 35.75 -21.29 42.41
C VAL B 230 36.37 -20.12 41.64
N THR B 231 36.43 -18.97 42.30
CA THR B 231 37.00 -17.77 41.70
C THR B 231 37.95 -17.10 42.68
N ALA B 232 39.07 -16.57 42.18
CA ALA B 232 39.99 -15.80 43.01
C ALA B 232 39.60 -14.33 42.99
N ALA B 233 39.72 -13.67 44.14
CA ALA B 233 39.41 -12.26 44.26
C ALA B 233 40.16 -11.67 45.44
N GLY B 234 40.25 -10.34 45.50
CA GLY B 234 40.96 -9.72 46.59
C GLY B 234 40.70 -8.24 46.83
N ILE B 235 40.22 -7.92 48.03
CA ILE B 235 40.25 -6.55 48.51
C ILE B 235 41.60 -6.34 49.19
N THR B 236 42.47 -5.57 48.54
CA THR B 236 43.86 -5.48 48.94
C THR B 236 44.26 -4.05 49.33
N GLY C 12 1.01 11.53 40.70
CA GLY C 12 1.35 11.26 39.32
C GLY C 12 1.88 12.49 38.61
N GLU C 13 1.02 13.48 38.43
CA GLU C 13 1.42 14.72 37.78
C GLU C 13 2.52 15.44 38.57
N GLU C 14 2.56 15.19 39.88
CA GLU C 14 3.54 15.79 40.76
C GLU C 14 4.97 15.55 40.28
N LEU C 15 5.22 14.35 39.75
CA LEU C 15 6.56 13.98 39.30
C LEU C 15 6.99 14.77 38.06
N PHE C 16 6.02 15.37 37.38
CA PHE C 16 6.32 16.08 36.14
C PHE C 16 6.35 17.59 36.29
N THR C 17 6.42 18.06 37.53
CA THR C 17 6.71 19.46 37.79
C THR C 17 8.22 19.67 37.61
N GLY C 18 8.60 20.82 37.07
CA GLY C 18 10.00 21.10 36.81
C GLY C 18 10.51 20.29 35.62
N VAL C 19 11.83 20.23 35.46
CA VAL C 19 12.43 19.52 34.34
C VAL C 19 12.80 18.08 34.71
N VAL C 20 12.38 17.13 33.89
CA VAL C 20 12.68 15.71 34.15
C VAL C 20 13.56 15.10 33.06
N PRO C 21 14.72 14.57 33.45
CA PRO C 21 15.64 13.93 32.49
C PRO C 21 15.01 12.73 31.79
N ILE C 22 15.39 12.50 30.54
CA ILE C 22 14.80 11.42 29.74
C ILE C 22 15.87 10.52 29.13
N LEU C 23 15.75 9.23 29.40
CA LEU C 23 16.62 8.22 28.79
C LEU C 23 15.80 7.27 27.93
N VAL C 24 16.13 7.20 26.65
CA VAL C 24 15.43 6.31 25.73
C VAL C 24 16.37 5.27 25.13
N GLU C 25 16.01 4.00 25.26
CA GLU C 25 16.82 2.93 24.67
C GLU C 25 15.97 2.03 23.77
N LEU C 26 16.28 2.05 22.47
CA LEU C 26 15.52 1.31 21.48
C LEU C 26 16.37 0.24 20.80
N ASP C 27 15.81 -0.97 20.68
CA ASP C 27 16.48 -2.04 19.93
C ASP C 27 15.54 -2.56 18.85
N GLY C 28 16.02 -2.60 17.61
CA GLY C 28 15.14 -2.94 16.51
C GLY C 28 15.68 -3.93 15.48
N ASP C 29 14.76 -4.41 14.65
CA ASP C 29 15.08 -5.33 13.56
C ASP C 29 14.18 -5.01 12.38
N VAL C 30 14.77 -4.55 11.28
CA VAL C 30 14.01 -4.21 10.08
C VAL C 30 14.45 -5.04 8.88
N ASN C 31 13.64 -6.02 8.50
CA ASN C 31 13.94 -6.94 7.41
C ASN C 31 15.27 -7.68 7.62
N GLY C 32 15.62 -7.92 8.87
CA GLY C 32 16.88 -8.57 9.19
C GLY C 32 17.88 -7.63 9.82
N HIS C 33 17.91 -6.39 9.34
CA HIS C 33 18.84 -5.39 9.84
C HIS C 33 18.60 -5.09 11.32
N LYS C 34 19.52 -5.51 12.16
CA LYS C 34 19.42 -5.27 13.60
C LYS C 34 20.16 -4.00 14.01
N PHE C 35 19.51 -3.16 14.81
CA PHE C 35 20.11 -1.89 15.21
C PHE C 35 19.68 -1.45 16.61
N SER C 36 20.24 -0.34 17.06
CA SER C 36 19.94 0.20 18.39
C SER C 36 20.16 1.71 18.48
N VAL C 37 19.27 2.39 19.19
CA VAL C 37 19.34 3.83 19.37
C VAL C 37 19.36 4.19 20.86
N ARG C 38 20.27 5.08 21.24
CA ARG C 38 20.34 5.57 22.60
C ARG C 38 20.14 7.08 22.60
N GLY C 39 19.10 7.53 23.28
CA GLY C 39 18.75 8.93 23.32
C GLY C 39 18.76 9.49 24.72
N GLU C 40 19.27 10.71 24.85
CA GLU C 40 19.27 11.38 26.15
C GLU C 40 18.70 12.78 25.99
N GLY C 41 17.99 13.25 27.00
CA GLY C 41 17.48 14.61 26.97
C GLY C 41 16.72 14.99 28.21
N GLU C 42 15.73 15.85 28.04
CA GLU C 42 14.89 16.27 29.16
C GLU C 42 13.56 16.80 28.67
N GLY C 43 12.54 16.62 29.50
CA GLY C 43 11.19 17.03 29.16
C GLY C 43 10.60 17.91 30.23
N ASP C 44 9.73 18.81 29.81
CA ASP C 44 9.05 19.73 30.70
C ASP C 44 7.54 19.68 30.47
N ALA C 45 6.87 18.85 31.25
CA ALA C 45 5.43 18.65 31.09
C ALA C 45 4.63 19.90 31.42
N THR C 46 5.21 20.79 32.22
CA THR C 46 4.56 22.05 32.56
C THR C 46 4.76 23.06 31.44
N ASN C 47 5.31 22.59 30.32
CA ASN C 47 5.44 23.40 29.11
C ASN C 47 5.17 22.56 27.86
N GLY C 48 4.87 21.29 28.05
CA GLY C 48 4.63 20.36 26.94
C GLY C 48 5.79 20.34 25.96
N LYS C 49 7.00 20.48 26.48
CA LYS C 49 8.19 20.66 25.66
C LYS C 49 9.22 19.55 25.89
N LEU C 50 9.72 19.00 24.79
CA LEU C 50 10.69 17.90 24.83
C LEU C 50 11.96 18.30 24.11
N THR C 51 13.10 18.03 24.74
CA THR C 51 14.38 18.23 24.05
C THR C 51 15.26 17.00 24.18
N LEU C 52 15.43 16.29 23.07
CA LEU C 52 16.12 15.01 23.05
C LEU C 52 17.26 14.97 22.04
N LYS C 53 18.15 13.98 22.21
CA LYS C 53 19.22 13.71 21.26
C LYS C 53 19.42 12.20 21.15
N PHE C 54 19.07 11.64 20.01
CA PHE C 54 19.16 10.20 19.78
C PHE C 54 20.38 9.87 18.92
N ILE C 55 21.04 8.77 19.23
CA ILE C 55 22.22 8.33 18.49
C ILE C 55 22.15 6.85 18.14
N CYS C 56 22.44 6.50 16.90
CA CYS C 56 22.51 5.10 16.51
C CYS C 56 23.78 4.48 17.07
N THR C 57 23.62 3.55 18.00
CA THR C 57 24.77 2.93 18.66
C THR C 57 25.38 1.80 17.83
N THR C 58 24.62 1.31 16.86
CA THR C 58 25.08 0.22 15.99
C THR C 58 25.99 0.76 14.89
N GLY C 59 25.88 2.05 14.61
CA GLY C 59 26.69 2.69 13.60
C GLY C 59 25.89 3.60 12.69
N LYS C 60 25.34 3.02 11.63
CA LYS C 60 24.51 3.76 10.68
C LYS C 60 23.10 3.20 10.68
N LEU C 61 22.11 4.09 10.80
CA LEU C 61 20.71 3.69 10.85
C LEU C 61 20.26 3.11 9.50
N PRO C 62 19.65 1.92 9.53
CA PRO C 62 19.16 1.26 8.32
C PRO C 62 17.84 1.85 7.84
N VAL C 63 17.32 2.79 8.62
CA VAL C 63 16.03 3.41 8.35
C VAL C 63 16.14 4.92 8.59
N PRO C 64 15.39 5.74 7.82
CA PRO C 64 15.33 7.18 8.11
C PRO C 64 14.88 7.50 9.52
N TRP C 65 15.54 8.46 10.15
CA TRP C 65 15.18 8.90 11.50
C TRP C 65 13.72 9.31 11.73
N PRO C 66 13.12 10.07 10.78
CA PRO C 66 11.71 10.46 10.97
C PRO C 66 10.75 9.30 11.27
N THR C 67 11.02 8.14 10.69
CA THR C 67 10.18 6.96 10.90
C THR C 67 10.17 6.47 12.36
N LEU C 68 11.13 6.94 13.14
CA LEU C 68 11.26 6.50 14.53
C LEU C 68 10.80 7.56 15.53
N VAL C 69 10.31 8.69 15.03
CA VAL C 69 9.89 9.78 15.90
C VAL C 69 8.71 9.40 16.80
N THR C 70 7.74 8.68 16.25
CA THR C 70 6.58 8.26 17.04
C THR C 70 6.93 7.17 18.04
N THR C 71 7.88 6.32 17.66
CA THR C 71 8.29 5.19 18.49
C THR C 71 9.17 5.67 19.65
N LEU C 72 10.15 6.50 19.35
CA LEU C 72 11.03 7.06 20.39
C LEU C 72 10.27 8.01 21.31
C3 KWS C 73 6.53 8.06 24.08
N1 KWS C 73 9.60 9.18 21.21
O3 KWS C 73 6.09 7.10 24.79
C1 KWS C 73 7.32 9.96 21.30
C2 KWS C 73 5.20 8.92 21.36
N2 KWS C 73 6.50 10.69 20.58
O2 KWS C 73 4.27 8.16 21.58
N3 KWS C 73 6.56 8.82 21.84
CA1 KWS C 73 8.75 10.27 21.56
CB KWS C 73 9.18 11.50 20.81
CA2 KWS C 73 5.22 10.13 20.56
CA3 KWS C 73 7.05 7.79 22.68
CB2 KWS C 73 4.15 10.64 19.88
OG1 KWS C 73 10.13 11.17 19.88
CG2 KWS C 73 9.79 12.44 21.76
N VAL C 74 6.73 9.35 24.37
CA VAL C 74 6.43 9.63 25.77
C VAL C 74 5.44 10.79 25.94
N GLN C 75 4.15 10.49 25.88
CA GLN C 75 3.11 11.49 26.02
C GLN C 75 2.91 11.93 27.47
N CYS C 76 3.78 11.46 28.37
CA CYS C 76 3.73 11.90 29.75
C CYS C 76 4.30 13.31 29.89
N PHE C 77 4.92 13.81 28.83
CA PHE C 77 5.46 15.17 28.83
C PHE C 77 4.61 16.11 27.98
N SER C 78 3.37 15.72 27.71
CA SER C 78 2.46 16.58 26.95
C SER C 78 1.82 17.63 27.85
N ARG C 79 1.42 18.75 27.26
CA ARG C 79 0.77 19.82 28.00
C ARG C 79 -0.70 19.51 28.25
N TYR C 80 -1.05 19.34 29.53
CA TYR C 80 -2.44 19.15 29.91
C TYR C 80 -2.94 20.33 30.72
N PRO C 81 -3.94 21.06 30.17
CA PRO C 81 -4.54 22.22 30.85
C PRO C 81 -5.09 21.87 32.24
N ASP C 82 -5.31 22.89 33.06
CA ASP C 82 -5.68 22.68 34.47
C ASP C 82 -6.99 21.91 34.67
N HIS C 83 -7.94 22.09 33.76
CA HIS C 83 -9.22 21.39 33.85
C HIS C 83 -9.13 19.96 33.33
N MET C 84 -8.17 19.71 32.45
CA MET C 84 -8.01 18.39 31.85
C MET C 84 -6.95 17.56 32.57
N LYS C 85 -6.62 17.95 33.79
CA LYS C 85 -5.63 17.21 34.59
C LYS C 85 -6.20 15.87 35.04
N ARG C 86 -7.52 15.77 35.10
CA ARG C 86 -8.19 14.53 35.44
C ARG C 86 -8.06 13.53 34.31
N HIS C 87 -7.91 14.03 33.10
CA HIS C 87 -7.85 13.19 31.91
C HIS C 87 -6.43 12.85 31.48
N ASP C 88 -5.46 13.17 32.35
CA ASP C 88 -4.06 12.86 32.08
C ASP C 88 -3.74 11.44 32.50
N PHE C 89 -3.78 10.50 31.55
CA PHE C 89 -3.51 9.11 31.85
C PHE C 89 -2.03 8.81 31.98
N PHE C 90 -1.24 9.44 31.12
CA PHE C 90 0.20 9.15 31.03
C PHE C 90 0.96 9.49 32.30
N LYS C 91 0.45 10.44 33.07
CA LYS C 91 1.11 10.84 34.31
C LYS C 91 0.62 10.02 35.50
N SER C 92 -0.66 9.69 35.50
CA SER C 92 -1.26 8.94 36.60
C SER C 92 -0.68 7.52 36.72
N ALA C 93 -0.22 6.98 35.59
CA ALA C 93 0.39 5.66 35.58
C ALA C 93 1.74 5.67 36.30
N MET C 94 2.32 6.86 36.41
CA MET C 94 3.60 7.03 37.06
C MET C 94 3.44 6.99 38.59
N PRO C 95 4.53 6.66 39.32
CA PRO C 95 5.88 6.34 38.85
C PRO C 95 6.00 4.92 38.30
N GLU C 96 5.00 4.08 38.57
CA GLU C 96 5.00 2.70 38.08
C GLU C 96 5.23 2.64 36.58
N GLY C 97 4.33 3.27 35.82
CA GLY C 97 4.52 3.41 34.38
C GLY C 97 3.48 2.71 33.52
N TYR C 98 3.78 2.59 32.23
CA TYR C 98 2.86 1.93 31.30
C TYR C 98 3.58 1.25 30.13
N VAL C 99 2.88 0.29 29.53
CA VAL C 99 3.34 -0.37 28.32
C VAL C 99 2.66 0.26 27.11
N GLN C 100 3.46 0.63 26.12
CA GLN C 100 2.94 1.21 24.88
C GLN C 100 3.19 0.25 23.71
N GLU C 101 2.12 -0.39 23.25
CA GLU C 101 2.20 -1.31 22.12
C GLU C 101 1.69 -0.62 20.87
N ARG C 102 2.34 -0.88 19.74
CA ARG C 102 1.98 -0.21 18.50
C ARG C 102 2.17 -1.07 17.27
N THR C 103 1.17 -1.08 16.39
CA THR C 103 1.36 -1.62 15.05
C THR C 103 1.33 -0.48 14.06
N ILE C 104 2.43 -0.30 13.34
CA ILE C 104 2.55 0.82 12.41
C ILE C 104 2.54 0.34 10.97
N SER C 105 1.42 0.55 10.29
CA SER C 105 1.25 0.08 8.91
C SER C 105 1.59 1.16 7.90
N PHE C 106 2.81 1.13 7.38
CA PHE C 106 3.18 2.02 6.29
C PHE C 106 2.40 1.61 5.04
N LYS C 107 1.68 2.55 4.45
CA LYS C 107 0.89 2.26 3.25
C LYS C 107 1.81 1.93 2.09
N ASP C 108 1.46 0.87 1.36
CA ASP C 108 2.23 0.40 0.21
C ASP C 108 3.68 0.04 0.55
N ASP C 109 3.92 -0.32 1.81
CA ASP C 109 5.25 -0.76 2.23
C ASP C 109 5.18 -1.66 3.46
N GLY C 110 6.26 -1.71 4.24
CA GLY C 110 6.38 -2.64 5.35
C GLY C 110 5.64 -2.25 6.60
N THR C 111 5.79 -3.04 7.66
CA THR C 111 5.08 -2.80 8.91
C THR C 111 5.99 -2.85 10.14
N TYR C 112 5.85 -1.85 10.99
CA TYR C 112 6.52 -1.82 12.29
C TYR C 112 5.64 -2.48 13.34
N LYS C 113 6.31 -3.07 14.33
CA LYS C 113 5.62 -3.63 15.48
C LYS C 113 6.46 -3.34 16.72
N THR C 114 5.93 -2.47 17.58
CA THR C 114 6.68 -2.00 18.74
C THR C 114 6.00 -2.38 20.06
N ARG C 115 6.83 -2.59 21.08
CA ARG C 115 6.37 -2.86 22.42
C ARG C 115 7.33 -2.12 23.34
N ALA C 116 6.83 -1.14 24.08
CA ALA C 116 7.69 -0.28 24.87
C ALA C 116 7.29 -0.16 26.33
N GLU C 117 8.28 0.11 27.19
CA GLU C 117 8.05 0.39 28.60
C GLU C 117 8.39 1.84 28.89
N VAL C 118 7.44 2.55 29.50
CA VAL C 118 7.67 3.94 29.88
C VAL C 118 7.47 4.09 31.38
N LYS C 119 8.54 4.36 32.12
CA LYS C 119 8.44 4.45 33.57
C LYS C 119 9.62 5.18 34.22
N PHE C 120 9.48 5.49 35.51
CA PHE C 120 10.51 6.20 36.25
C PHE C 120 11.52 5.24 36.88
N GLU C 121 12.78 5.40 36.52
CA GLU C 121 13.87 4.70 37.20
C GLU C 121 14.72 5.73 37.93
N GLY C 122 14.73 5.66 39.26
CA GLY C 122 15.37 6.69 40.06
C GLY C 122 14.56 7.96 39.94
N ASP C 123 15.16 8.99 39.37
CA ASP C 123 14.44 10.23 39.08
C ASP C 123 14.53 10.57 37.59
N THR C 124 14.64 9.53 36.76
CA THR C 124 14.74 9.70 35.32
C THR C 124 13.61 8.97 34.61
N LEU C 125 12.91 9.69 33.72
CA LEU C 125 11.86 9.08 32.92
C LEU C 125 12.49 8.26 31.80
N VAL C 126 12.40 6.94 31.91
CA VAL C 126 13.01 6.02 30.95
C VAL C 126 11.97 5.40 30.03
N ASN C 127 12.32 5.33 28.74
CA ASN C 127 11.50 4.67 27.73
C ASN C 127 12.33 3.64 26.97
N ARG C 128 12.07 2.36 27.23
CA ARG C 128 12.80 1.27 26.58
C ARG C 128 11.93 0.61 25.51
N ILE C 129 12.46 0.47 24.31
CA ILE C 129 11.64 0.02 23.17
C ILE C 129 12.14 -1.25 22.47
N GLU C 130 11.21 -2.16 22.20
CA GLU C 130 11.47 -3.34 21.38
C GLU C 130 10.73 -3.19 20.05
N LEU C 131 11.47 -3.20 18.95
CA LEU C 131 10.89 -2.91 17.64
C LEU C 131 11.19 -4.00 16.60
N LYS C 132 10.22 -4.30 15.74
CA LYS C 132 10.39 -5.29 14.69
C LYS C 132 9.76 -4.83 13.38
N GLY C 133 10.57 -4.70 12.34
CA GLY C 133 10.06 -4.28 11.03
C GLY C 133 10.04 -5.42 10.04
N ILE C 134 8.88 -5.62 9.39
CA ILE C 134 8.73 -6.70 8.43
C ILE C 134 8.23 -6.25 7.07
N ASP C 135 8.51 -7.08 6.06
CA ASP C 135 7.91 -6.95 4.74
C ASP C 135 8.14 -5.61 4.04
N PHE C 136 9.17 -4.89 4.45
CA PHE C 136 9.56 -3.67 3.77
C PHE C 136 10.23 -4.02 2.45
N LYS C 137 9.76 -3.42 1.36
CA LYS C 137 10.32 -3.69 0.04
C LYS C 137 11.68 -3.02 -0.12
N GLU C 138 12.60 -3.70 -0.80
CA GLU C 138 13.90 -3.10 -1.12
C GLU C 138 13.66 -1.87 -1.99
N ASP C 139 14.58 -0.92 -1.90
CA ASP C 139 14.43 0.41 -2.52
C ASP C 139 13.04 1.03 -2.38
N GLY C 140 12.40 0.77 -1.24
CA GLY C 140 11.10 1.36 -0.95
C GLY C 140 11.29 2.75 -0.36
N ASN C 141 10.18 3.39 0.01
CA ASN C 141 10.23 4.72 0.61
C ASN C 141 11.10 4.76 1.87
N ILE C 142 11.06 3.66 2.62
CA ILE C 142 11.78 3.56 3.89
C ILE C 142 13.22 3.08 3.69
N LEU C 143 13.39 1.87 3.16
CA LEU C 143 14.71 1.29 2.99
C LEU C 143 15.52 1.99 1.90
N GLY C 144 14.84 2.79 1.09
CA GLY C 144 15.51 3.54 0.04
C GLY C 144 16.00 4.90 0.52
N HIS C 145 15.65 5.23 1.75
CA HIS C 145 15.99 6.53 2.35
C HIS C 145 15.58 7.71 1.47
N LYS C 146 14.28 7.85 1.23
CA LYS C 146 13.78 8.91 0.36
C LYS C 146 12.84 9.84 1.12
N LEU C 147 13.05 9.95 2.42
CA LEU C 147 12.18 10.75 3.28
C LEU C 147 12.89 12.00 3.78
N GLU C 148 12.15 13.11 3.83
CA GLU C 148 12.73 14.40 4.24
C GLU C 148 13.06 14.42 5.73
N TYR C 149 14.07 15.20 6.10
CA TYR C 149 14.49 15.27 7.49
C TYR C 149 13.61 16.24 8.28
N ASN C 150 12.32 15.93 8.32
CA ASN C 150 11.37 16.70 9.12
C ASN C 150 10.23 15.83 9.64
N PHE C 151 9.31 16.45 10.36
CA PHE C 151 8.15 15.73 10.87
C PHE C 151 6.94 16.67 10.89
N ASN C 152 5.79 16.15 10.50
CA ASN C 152 4.59 16.96 10.35
C ASN C 152 3.72 17.02 11.59
N SER C 153 2.98 18.12 11.73
CA SER C 153 2.10 18.33 12.86
C SER C 153 0.83 17.50 12.71
N HIS C 154 0.47 16.78 13.78
CA HIS C 154 -0.68 15.88 13.75
C HIS C 154 -1.59 16.07 14.95
N ASN C 155 -2.82 15.57 14.82
CA ASN C 155 -3.77 15.59 15.93
C ASN C 155 -4.18 14.19 16.35
N VAL C 156 -3.67 13.75 17.48
CA VAL C 156 -3.87 12.39 17.97
C VAL C 156 -5.15 12.31 18.79
N TYR C 157 -5.94 11.26 18.57
CA TYR C 157 -7.21 11.11 19.28
C TYR C 157 -7.11 10.05 20.39
N ILE C 158 -7.26 10.49 21.64
CA ILE C 158 -7.12 9.60 22.79
C ILE C 158 -8.47 9.18 23.37
N THR C 159 -8.65 7.88 23.53
CA THR C 159 -9.85 7.34 24.19
C THR C 159 -9.51 6.37 25.32
N ALA C 160 -10.48 6.11 26.18
CA ALA C 160 -10.28 5.17 27.28
C ALA C 160 -10.49 3.74 26.81
N ASP C 161 -9.86 2.79 27.50
CA ASP C 161 -9.99 1.38 27.17
C ASP C 161 -10.21 0.57 28.44
N LYS C 162 -11.48 0.40 28.82
CA LYS C 162 -11.84 -0.18 30.11
C LYS C 162 -11.39 -1.63 30.31
N GLN C 163 -11.15 -2.34 29.22
CA GLN C 163 -10.72 -3.74 29.30
C GLN C 163 -9.26 -3.84 29.69
N LYS C 164 -8.44 -2.97 29.12
CA LYS C 164 -7.01 -2.95 29.42
C LYS C 164 -6.70 -1.99 30.55
N ASN C 165 -7.76 -1.34 31.06
CA ASN C 165 -7.64 -0.33 32.11
C ASN C 165 -6.71 0.82 31.68
N GLY C 166 -6.55 1.00 30.38
CA GLY C 166 -5.67 2.00 29.83
C GLY C 166 -6.31 2.83 28.74
N ILE C 167 -5.55 3.16 27.70
CA ILE C 167 -6.06 4.01 26.63
C ILE C 167 -5.76 3.49 25.22
N LYS C 168 -6.57 3.93 24.27
CA LYS C 168 -6.46 3.51 22.87
C LYS C 168 -6.37 4.73 21.96
N ALA C 169 -5.56 4.61 20.90
CA ALA C 169 -5.42 5.68 19.91
C ALA C 169 -5.00 5.17 18.53
N ASN C 170 -5.75 5.55 17.51
CA ASN C 170 -5.37 5.26 16.12
C ASN C 170 -5.16 6.55 15.34
N PHE C 171 -4.10 6.60 14.52
CA PHE C 171 -3.85 7.84 13.79
C PHE C 171 -3.05 7.68 12.49
N LYS C 172 -2.89 8.78 11.77
CA LYS C 172 -2.16 8.79 10.51
C LYS C 172 -1.00 9.76 10.55
N ILE C 173 0.21 9.22 10.37
CA ILE C 173 1.40 10.04 10.29
C ILE C 173 1.72 10.29 8.82
N ARG C 174 2.11 11.52 8.51
CA ARG C 174 2.47 11.87 7.14
C ARG C 174 3.97 12.15 7.07
N HIS C 175 4.66 11.37 6.26
CA HIS C 175 6.10 11.59 6.04
C HIS C 175 6.34 12.22 4.69
N ASN C 176 6.89 13.43 4.68
CA ASN C 176 7.24 14.10 3.42
C ASN C 176 8.29 13.33 2.65
N VAL C 177 7.95 12.92 1.43
CA VAL C 177 8.86 12.22 0.55
C VAL C 177 9.59 13.21 -0.34
N GLU C 178 10.84 12.93 -0.68
CA GLU C 178 11.68 13.85 -1.43
C GLU C 178 11.19 14.13 -2.86
N ASP C 179 10.27 13.32 -3.35
CA ASP C 179 9.72 13.52 -4.70
C ASP C 179 8.50 14.44 -4.69
N GLY C 180 8.16 14.95 -3.51
CA GLY C 180 7.02 15.85 -3.37
C GLY C 180 5.78 15.15 -2.87
N SER C 181 5.77 13.83 -2.95
CA SER C 181 4.62 13.05 -2.48
C SER C 181 4.65 12.85 -0.98
N VAL C 182 3.69 12.07 -0.47
CA VAL C 182 3.59 11.80 0.95
C VAL C 182 3.54 10.30 1.21
N GLN C 183 4.25 9.86 2.24
CA GLN C 183 4.20 8.46 2.67
C GLN C 183 3.38 8.36 3.95
N LEU C 184 2.29 7.60 3.90
CA LEU C 184 1.40 7.46 5.06
C LEU C 184 1.84 6.34 5.99
N ALA C 185 1.70 6.57 7.29
CA ALA C 185 1.98 5.56 8.31
C ALA C 185 0.79 5.45 9.25
N ASP C 186 0.07 4.33 9.16
CA ASP C 186 -1.14 4.13 9.96
C ASP C 186 -0.85 3.48 11.31
N HIS C 187 -0.89 4.29 12.37
CA HIS C 187 -0.57 3.83 13.72
C HIS C 187 -1.78 3.30 14.49
N TYR C 188 -1.60 2.12 15.07
CA TYR C 188 -2.57 1.54 15.99
C TYR C 188 -1.88 1.39 17.34
N GLN C 189 -2.42 2.05 18.36
CA GLN C 189 -1.71 2.19 19.64
C GLN C 189 -2.53 1.85 20.89
N GLN C 190 -1.97 0.96 21.72
CA GLN C 190 -2.54 0.62 23.02
C GLN C 190 -1.58 1.06 24.13
N ASN C 191 -2.15 1.59 25.21
CA ASN C 191 -1.34 1.90 26.40
C ASN C 191 -1.97 1.29 27.64
N THR C 192 -1.20 0.46 28.34
CA THR C 192 -1.73 -0.29 29.48
C THR C 192 -0.90 -0.08 30.74
N PRO C 193 -1.56 0.26 31.87
CA PRO C 193 -0.85 0.41 33.14
C PRO C 193 -0.14 -0.88 33.54
N ILE C 194 0.97 -0.77 34.26
CA ILE C 194 1.75 -1.96 34.61
C ILE C 194 1.58 -2.38 36.06
N GLY C 195 1.12 -1.46 36.90
CA GLY C 195 0.84 -1.78 38.29
C GLY C 195 -0.62 -1.49 38.62
N ASP C 196 -1.25 -2.42 39.32
CA ASP C 196 -2.65 -2.23 39.72
C ASP C 196 -2.80 -1.03 40.66
N GLY C 197 -3.78 -0.19 40.39
CA GLY C 197 -4.02 1.01 41.17
C GLY C 197 -4.76 2.05 40.34
N PRO C 198 -5.02 3.22 40.92
CA PRO C 198 -5.73 4.30 40.22
C PRO C 198 -4.92 4.82 39.05
N VAL C 199 -5.58 5.14 37.93
CA VAL C 199 -4.86 5.48 36.72
C VAL C 199 -5.45 6.62 35.89
N LEU C 200 -6.57 7.18 36.34
CA LEU C 200 -7.24 8.29 35.65
C LEU C 200 -7.56 7.97 34.19
N LEU C 201 -8.62 7.20 33.96
CA LEU C 201 -9.09 6.91 32.62
C LEU C 201 -9.85 8.11 32.06
N PRO C 202 -9.41 8.62 30.90
CA PRO C 202 -9.88 9.91 30.39
C PRO C 202 -11.10 9.82 29.47
N ASP C 203 -11.81 10.94 29.35
CA ASP C 203 -12.83 11.07 28.33
C ASP C 203 -12.14 11.34 27.01
N ASN C 204 -12.85 11.07 25.91
CA ASN C 204 -12.29 11.25 24.58
C ASN C 204 -11.74 12.65 24.36
N HIS C 205 -10.43 12.76 24.20
CA HIS C 205 -9.82 14.06 23.95
C HIS C 205 -8.79 13.95 22.83
N TYR C 206 -8.00 15.01 22.63
CA TYR C 206 -6.97 14.95 21.60
C TYR C 206 -5.70 15.73 21.93
N LEU C 207 -4.57 15.16 21.53
CA LEU C 207 -3.28 15.82 21.64
C LEU C 207 -2.93 16.48 20.31
N SER C 208 -2.14 17.54 20.37
CA SER C 208 -1.62 18.20 19.18
C SER C 208 -0.10 18.26 19.27
N THR C 209 0.57 17.88 18.19
CA THR C 209 2.02 17.75 18.20
C THR C 209 2.67 18.65 17.16
N GLN C 210 3.84 19.18 17.50
CA GLN C 210 4.67 19.94 16.57
C GLN C 210 6.13 19.57 16.81
N SER C 211 6.70 18.81 15.88
CA SER C 211 8.07 18.34 16.05
C SER C 211 9.06 19.04 15.12
N VAL C 212 10.25 19.33 15.66
CA VAL C 212 11.32 19.96 14.90
C VAL C 212 12.62 19.17 15.11
N LEU C 213 13.21 18.68 14.04
CA LEU C 213 14.45 17.92 14.15
C LEU C 213 15.66 18.63 13.53
N SER C 214 16.77 18.61 14.25
CA SER C 214 18.00 19.29 13.82
C SER C 214 19.22 18.41 14.04
N LYS C 215 20.39 19.00 13.84
CA LYS C 215 21.65 18.26 13.93
C LYS C 215 22.62 18.85 14.96
N ASP C 216 23.61 18.05 15.33
CA ASP C 216 24.73 18.52 16.13
C ASP C 216 25.97 18.43 15.23
N PRO C 217 26.54 19.59 14.87
CA PRO C 217 27.73 19.64 14.01
C PRO C 217 28.96 19.03 14.70
N ASN C 218 28.92 18.96 16.02
CA ASN C 218 30.01 18.38 16.80
C ASN C 218 29.91 16.85 16.87
N GLU C 219 28.85 16.30 16.27
CA GLU C 219 28.63 14.86 16.29
C GLU C 219 29.03 14.17 14.99
N LYS C 220 29.83 13.11 15.10
CA LYS C 220 30.25 12.33 13.94
C LYS C 220 29.36 11.10 13.71
N ARG C 221 28.72 10.63 14.78
CA ARG C 221 27.79 9.52 14.68
C ARG C 221 26.53 9.89 13.91
N ASP C 222 25.90 8.90 13.30
CA ASP C 222 24.58 9.08 12.71
C ASP C 222 23.59 9.30 13.84
N HIS C 223 22.98 10.49 13.89
CA HIS C 223 22.15 10.87 15.02
C HIS C 223 21.00 11.78 14.62
N MET C 224 20.23 12.22 15.61
CA MET C 224 19.09 13.11 15.40
C MET C 224 18.81 13.94 16.65
N VAL C 225 18.70 15.25 16.49
CA VAL C 225 18.29 16.10 17.61
C VAL C 225 16.80 16.38 17.47
N LEU C 226 16.05 16.22 18.57
CA LEU C 226 14.60 16.37 18.51
C LEU C 226 14.06 17.42 19.48
N LEU C 227 13.08 18.18 19.02
CA LEU C 227 12.42 19.21 19.82
C LEU C 227 10.92 19.11 19.61
N GLU C 228 10.19 18.71 20.63
CA GLU C 228 8.78 18.35 20.45
C GLU C 228 7.81 19.12 21.34
N PHE C 229 6.87 19.82 20.72
CA PHE C 229 5.83 20.56 21.46
C PHE C 229 4.48 19.84 21.38
N VAL C 230 4.00 19.30 22.49
CA VAL C 230 2.71 18.62 22.49
C VAL C 230 1.74 19.18 23.54
N THR C 231 0.56 19.59 23.08
CA THR C 231 -0.44 20.16 23.98
C THR C 231 -1.79 19.45 23.87
N ALA C 232 -2.44 19.20 25.01
CA ALA C 232 -3.73 18.51 25.03
C ALA C 232 -4.90 19.48 24.97
N ALA C 233 -5.98 19.04 24.33
CA ALA C 233 -7.21 19.82 24.22
C ALA C 233 -8.37 18.92 23.85
N GLY C 234 -9.57 19.50 23.72
CA GLY C 234 -10.74 18.73 23.31
C GLY C 234 -11.86 18.71 24.34
N ILE C 235 -11.49 18.80 25.60
CA ILE C 235 -12.46 18.75 26.69
C ILE C 235 -12.73 20.13 27.28
N THR C 236 -13.97 20.58 27.15
CA THR C 236 -14.40 21.89 27.66
C THR C 236 -15.01 21.78 29.06
N HIS C 237 -14.15 21.67 30.07
CA HIS C 237 -14.57 21.50 31.46
C HIS C 237 -15.51 20.29 31.64
N GLU D 13 25.61 39.14 3.81
CA GLU D 13 26.13 38.18 4.78
C GLU D 13 26.78 38.88 5.96
N GLU D 14 27.48 39.96 5.68
CA GLU D 14 28.27 40.67 6.70
C GLU D 14 27.40 41.34 7.76
N LEU D 15 26.09 41.38 7.54
CA LEU D 15 25.18 42.06 8.45
C LEU D 15 24.38 41.10 9.32
N PHE D 16 24.42 39.82 8.97
CA PHE D 16 23.60 38.83 9.67
C PHE D 16 24.39 38.03 10.71
N THR D 17 25.51 38.59 11.16
CA THR D 17 26.26 38.01 12.25
C THR D 17 25.76 38.56 13.59
N GLY D 18 24.91 37.79 14.25
CA GLY D 18 24.29 38.24 15.49
C GLY D 18 22.77 38.28 15.36
N VAL D 19 22.10 38.79 16.39
CA VAL D 19 20.64 38.89 16.40
C VAL D 19 20.14 40.15 15.72
N VAL D 20 19.33 39.98 14.68
CA VAL D 20 18.79 41.12 13.93
C VAL D 20 17.29 41.29 14.15
N PRO D 21 16.87 42.47 14.63
CA PRO D 21 15.45 42.76 14.87
C PRO D 21 14.65 42.72 13.57
N ILE D 22 13.45 42.13 13.62
CA ILE D 22 12.59 42.01 12.46
C ILE D 22 11.25 42.72 12.66
N LEU D 23 10.91 43.58 11.72
CA LEU D 23 9.62 44.24 11.68
C LEU D 23 8.91 43.93 10.36
N VAL D 24 7.78 43.23 10.44
CA VAL D 24 7.01 42.88 9.26
C VAL D 24 5.67 43.59 9.30
N GLU D 25 5.35 44.29 8.22
CA GLU D 25 4.02 44.90 8.09
C GLU D 25 3.33 44.38 6.84
N LEU D 26 2.05 44.05 6.96
CA LEU D 26 1.30 43.49 5.85
C LEU D 26 -0.04 44.20 5.71
N ASP D 27 -0.35 44.66 4.51
CA ASP D 27 -1.67 45.22 4.24
C ASP D 27 -2.36 44.39 3.17
N GLY D 28 -3.47 43.76 3.52
CA GLY D 28 -4.14 42.83 2.63
C GLY D 28 -5.61 43.13 2.37
N ASP D 29 -6.09 42.63 1.24
CA ASP D 29 -7.48 42.78 0.85
C ASP D 29 -7.99 41.50 0.22
N VAL D 30 -8.70 40.68 1.01
CA VAL D 30 -9.22 39.41 0.49
C VAL D 30 -10.74 39.46 0.31
N ASN D 31 -11.18 39.36 -0.95
CA ASN D 31 -12.59 39.44 -1.31
C ASN D 31 -13.31 40.67 -0.76
N GLY D 32 -12.60 41.79 -0.68
CA GLY D 32 -13.18 43.03 -0.19
C GLY D 32 -12.91 43.25 1.28
N HIS D 33 -12.52 42.20 1.98
CA HIS D 33 -12.21 42.30 3.40
C HIS D 33 -10.77 42.78 3.60
N LYS D 34 -10.64 44.01 4.09
CA LYS D 34 -9.33 44.62 4.28
C LYS D 34 -8.80 44.40 5.69
N PHE D 35 -7.52 44.08 5.79
CA PHE D 35 -6.91 43.81 7.08
C PHE D 35 -5.43 44.18 7.09
N SER D 36 -4.89 44.42 8.28
CA SER D 36 -3.48 44.76 8.42
C SER D 36 -2.84 43.94 9.54
N VAL D 37 -1.59 43.56 9.34
CA VAL D 37 -0.87 42.73 10.29
C VAL D 37 0.49 43.36 10.62
N ARG D 38 0.80 43.44 11.91
CA ARG D 38 2.11 43.88 12.36
C ARG D 38 2.79 42.79 13.18
N GLY D 39 3.93 42.32 12.72
CA GLY D 39 4.69 41.31 13.44
C GLY D 39 6.06 41.80 13.82
N GLU D 40 6.37 41.75 15.12
CA GLU D 40 7.69 42.15 15.58
C GLU D 40 8.43 40.96 16.18
N GLY D 41 9.76 40.99 16.09
CA GLY D 41 10.55 39.93 16.68
C GLY D 41 12.03 40.04 16.39
N GLU D 42 12.72 38.92 16.35
CA GLU D 42 14.14 38.91 16.04
C GLU D 42 14.58 37.59 15.40
N GLY D 43 15.59 37.68 14.55
CA GLY D 43 16.11 36.51 13.85
C GLY D 43 17.61 36.33 14.03
N ASP D 44 18.03 35.08 14.01
CA ASP D 44 19.44 34.72 14.11
C ASP D 44 19.83 33.87 12.90
N ALA D 45 20.34 34.53 11.87
CA ALA D 45 20.71 33.86 10.62
C ALA D 45 21.82 32.84 10.82
N THR D 46 22.62 33.03 11.86
CA THR D 46 23.72 32.12 12.17
C THR D 46 23.19 30.74 12.52
N ASN D 47 22.11 30.69 13.29
CA ASN D 47 21.47 29.43 13.65
C ASN D 47 20.25 29.13 12.81
N GLY D 48 19.90 30.04 11.90
CA GLY D 48 18.72 29.89 11.09
C GLY D 48 17.45 29.92 11.92
N LYS D 49 17.44 30.78 12.93
CA LYS D 49 16.35 30.82 13.90
C LYS D 49 15.49 32.07 13.75
N LEU D 50 14.17 31.91 13.91
CA LEU D 50 13.25 33.03 13.84
C LEU D 50 12.30 33.02 15.04
N THR D 51 12.34 34.10 15.80
CA THR D 51 11.39 34.28 16.90
C THR D 51 10.52 35.51 16.63
N LEU D 52 9.29 35.28 16.18
CA LEU D 52 8.41 36.39 15.80
C LEU D 52 7.05 36.35 16.50
N LYS D 53 6.40 37.51 16.54
CA LYS D 53 5.04 37.62 17.04
C LYS D 53 4.21 38.53 16.15
N PHE D 54 3.23 37.95 15.46
CA PHE D 54 2.36 38.69 14.56
C PHE D 54 1.03 39.02 15.22
N ILE D 55 0.48 40.19 14.90
CA ILE D 55 -0.81 40.62 15.44
C ILE D 55 -1.65 41.26 14.34
N CYS D 56 -2.93 40.91 14.28
CA CYS D 56 -3.84 41.59 13.35
C CYS D 56 -4.28 42.91 13.95
N THR D 57 -3.82 44.00 13.35
CA THR D 57 -4.02 45.34 13.89
C THR D 57 -5.42 45.89 13.63
N THR D 58 -6.08 45.39 12.57
CA THR D 58 -7.41 45.85 12.22
C THR D 58 -8.50 45.18 13.05
N GLY D 59 -8.22 43.98 13.54
CA GLY D 59 -9.18 43.22 14.33
C GLY D 59 -9.05 41.72 14.12
N LYS D 60 -10.11 41.09 13.62
CA LYS D 60 -10.08 39.66 13.31
C LYS D 60 -9.43 39.43 11.96
N LEU D 61 -8.59 38.40 11.88
CA LEU D 61 -7.98 38.01 10.61
C LEU D 61 -9.00 37.23 9.80
N PRO D 62 -9.33 37.72 8.60
CA PRO D 62 -10.38 37.12 7.75
C PRO D 62 -9.98 35.76 7.20
N VAL D 63 -8.70 35.43 7.29
CA VAL D 63 -8.16 34.16 6.81
C VAL D 63 -7.39 33.50 7.94
N PRO D 64 -7.22 32.16 7.90
CA PRO D 64 -6.48 31.54 9.01
C PRO D 64 -5.00 31.87 8.96
N TRP D 65 -4.36 31.95 10.13
CA TRP D 65 -2.95 32.31 10.22
C TRP D 65 -1.96 31.47 9.38
N PRO D 66 -2.16 30.13 9.31
CA PRO D 66 -1.26 29.32 8.47
C PRO D 66 -1.14 29.80 7.03
N THR D 67 -2.21 30.36 6.47
CA THR D 67 -2.20 30.84 5.09
C THR D 67 -1.30 32.06 4.89
N LEU D 68 -0.89 32.69 5.99
CA LEU D 68 -0.03 33.87 5.89
C LEU D 68 1.40 33.58 6.33
N VAL D 69 1.67 32.33 6.72
CA VAL D 69 3.00 31.96 7.19
C VAL D 69 4.06 32.13 6.11
N THR D 70 3.76 31.70 4.89
CA THR D 70 4.70 31.83 3.79
C THR D 70 4.93 33.29 3.40
N THR D 71 3.90 34.11 3.55
CA THR D 71 3.97 35.51 3.14
C THR D 71 4.57 36.38 4.23
N LEU D 72 4.18 36.12 5.47
CA LEU D 72 4.69 36.88 6.61
C LEU D 72 6.13 36.52 6.93
C3 KWS D 73 10.47 36.82 3.81
N1 KWS D 73 7.02 35.53 6.61
O3 KWS D 73 11.09 36.91 2.53
C1 KWS D 73 8.61 34.34 5.34
C2 KWS D 73 9.45 33.78 3.19
N2 KWS D 73 8.56 33.03 5.19
O2 KWS D 73 9.92 33.83 2.06
N3 KWS D 73 9.17 34.89 4.08
CA1 KWS D 73 8.40 35.02 6.78
CB KWS D 73 8.04 34.04 7.84
CA2 KWS D 73 9.03 32.62 3.94
CA3 KWS D 73 9.30 36.22 3.80
CB2 KWS D 73 9.11 31.32 3.52
OG1 KWS D 73 6.80 34.13 8.46
CG2 KWS D 73 9.06 34.21 8.87
N VAL D 74 11.16 36.27 4.90
CA VAL D 74 12.49 36.76 5.23
C VAL D 74 13.55 35.65 5.21
N GLN D 75 13.83 35.15 4.01
CA GLN D 75 14.78 34.05 3.83
C GLN D 75 16.24 34.48 3.99
N CYS D 76 16.46 35.73 4.37
CA CYS D 76 17.80 36.22 4.64
C CYS D 76 18.33 35.73 5.97
N PHE D 77 17.46 35.08 6.75
CA PHE D 77 17.86 34.53 8.03
C PHE D 77 18.08 33.02 7.96
N SER D 78 18.29 32.51 6.74
CA SER D 78 18.55 31.09 6.56
C SER D 78 19.99 30.75 6.91
N ARG D 79 20.20 29.59 7.52
CA ARG D 79 21.54 29.13 7.85
C ARG D 79 22.17 28.42 6.66
N TYR D 80 23.23 29.02 6.11
CA TYR D 80 23.94 28.43 4.98
C TYR D 80 25.22 27.73 5.41
N HIS D 83 29.66 26.39 3.96
CA HIS D 83 30.38 26.28 2.69
C HIS D 83 29.54 26.78 1.53
N MET D 84 28.24 26.91 1.75
CA MET D 84 27.32 27.38 0.71
C MET D 84 27.16 28.89 0.75
N LYS D 85 28.11 29.58 1.37
CA LYS D 85 28.04 31.03 1.55
C LYS D 85 27.94 31.81 0.24
N ARG D 86 28.49 31.24 -0.84
CA ARG D 86 28.47 31.93 -2.14
C ARG D 86 27.19 31.62 -2.92
N HIS D 87 26.33 30.79 -2.32
CA HIS D 87 25.05 30.44 -2.94
C HIS D 87 23.89 31.14 -2.21
N ASP D 88 24.21 32.24 -1.52
CA ASP D 88 23.21 32.97 -0.74
C ASP D 88 22.76 34.23 -1.47
N PHE D 89 21.58 34.16 -2.09
CA PHE D 89 21.01 35.30 -2.79
C PHE D 89 20.49 36.36 -1.81
N PHE D 90 19.86 35.90 -0.75
CA PHE D 90 19.12 36.79 0.16
C PHE D 90 19.99 37.78 0.94
N LYS D 91 21.10 37.30 1.49
CA LYS D 91 22.00 38.15 2.25
C LYS D 91 22.82 39.06 1.33
N SER D 92 23.04 38.59 0.11
CA SER D 92 23.78 39.33 -0.91
C SER D 92 23.18 40.70 -1.19
N ALA D 93 21.88 40.70 -1.49
CA ALA D 93 21.20 41.92 -1.93
C ALA D 93 20.94 42.91 -0.79
N MET D 94 21.40 42.56 0.41
CA MET D 94 21.34 43.45 1.56
C MET D 94 22.58 44.36 1.54
N PRO D 95 22.49 45.53 2.20
CA PRO D 95 21.37 46.07 2.99
C PRO D 95 20.33 46.76 2.12
N GLU D 96 20.51 46.70 0.80
CA GLU D 96 19.56 47.31 -0.12
C GLU D 96 18.21 46.61 -0.07
N GLY D 97 18.24 45.30 0.19
CA GLY D 97 17.01 44.52 0.34
C GLY D 97 16.71 43.62 -0.84
N TYR D 98 15.43 43.32 -1.05
CA TYR D 98 14.98 42.62 -2.26
C TYR D 98 13.46 42.67 -2.42
N VAL D 99 12.99 42.35 -3.62
CA VAL D 99 11.57 42.34 -3.91
C VAL D 99 11.07 40.93 -4.12
N GLN D 100 10.17 40.48 -3.25
CA GLN D 100 9.59 39.15 -3.36
C GLN D 100 8.16 39.22 -3.86
N GLU D 101 7.96 38.89 -5.13
CA GLU D 101 6.62 38.78 -5.69
C GLU D 101 6.23 37.31 -5.64
N ARG D 102 5.00 37.03 -5.23
CA ARG D 102 4.56 35.65 -5.09
C ARG D 102 3.07 35.47 -5.38
N THR D 103 2.76 34.42 -6.15
CA THR D 103 1.37 34.05 -6.42
C THR D 103 1.02 32.73 -5.74
N ILE D 104 -0.02 32.75 -4.92
CA ILE D 104 -0.43 31.59 -4.15
C ILE D 104 -1.82 31.09 -4.55
N SER D 105 -1.87 30.05 -5.37
CA SER D 105 -3.13 29.48 -5.83
C SER D 105 -3.62 28.36 -4.91
N PHE D 106 -4.76 28.57 -4.26
CA PHE D 106 -5.36 27.54 -3.41
C PHE D 106 -6.23 26.61 -4.22
N LYS D 107 -5.97 25.30 -4.12
CA LYS D 107 -6.68 24.32 -4.92
C LYS D 107 -8.18 24.36 -4.67
N ASP D 108 -8.94 24.47 -5.77
CA ASP D 108 -10.39 24.57 -5.71
C ASP D 108 -10.86 25.75 -4.86
N ASP D 109 -10.07 26.82 -4.83
CA ASP D 109 -10.42 27.98 -4.02
C ASP D 109 -9.81 29.26 -4.60
N GLY D 110 -9.64 30.27 -3.75
CA GLY D 110 -9.18 31.58 -4.21
C GLY D 110 -7.68 31.70 -4.42
N THR D 111 -7.22 32.92 -4.68
CA THR D 111 -5.81 33.15 -5.00
C THR D 111 -5.24 34.37 -4.28
N TYR D 112 -4.10 34.17 -3.62
CA TYR D 112 -3.33 35.27 -3.05
C TYR D 112 -2.39 35.83 -4.10
N LYS D 113 -2.28 37.16 -4.13
CA LYS D 113 -1.31 37.85 -4.94
C LYS D 113 -0.52 38.80 -4.05
N THR D 114 0.73 38.46 -3.79
CA THR D 114 1.54 39.19 -2.82
C THR D 114 2.75 39.87 -3.46
N ARG D 115 3.00 41.09 -3.02
CA ARG D 115 4.20 41.82 -3.41
C ARG D 115 4.90 42.32 -2.15
N ALA D 116 6.20 42.05 -2.02
CA ALA D 116 6.89 42.41 -0.80
C ALA D 116 8.25 43.06 -1.04
N GLU D 117 8.65 43.93 -0.11
CA GLU D 117 10.00 44.47 -0.07
C GLU D 117 10.62 44.20 1.29
N VAL D 118 11.68 43.39 1.28
CA VAL D 118 12.40 43.05 2.49
C VAL D 118 13.74 43.76 2.48
N LYS D 119 13.82 44.90 3.15
CA LYS D 119 15.04 45.71 3.15
C LYS D 119 15.48 46.05 4.56
N PHE D 120 16.71 46.55 4.69
CA PHE D 120 17.20 47.00 5.99
C PHE D 120 16.89 48.47 6.22
N GLU D 121 15.99 48.74 7.15
CA GLU D 121 15.70 50.11 7.56
C GLU D 121 16.39 50.39 8.88
N GLY D 122 17.36 51.31 8.85
CA GLY D 122 18.17 51.60 10.02
C GLY D 122 18.94 50.37 10.45
N ASP D 123 18.73 49.94 11.69
CA ASP D 123 19.36 48.73 12.20
C ASP D 123 18.37 47.58 12.28
N THR D 124 17.25 47.71 11.58
CA THR D 124 16.19 46.71 11.65
C THR D 124 15.79 46.15 10.28
N LEU D 125 15.78 44.83 10.18
CA LEU D 125 15.31 44.15 8.98
C LEU D 125 13.80 44.29 8.90
N VAL D 126 13.32 44.80 7.77
CA VAL D 126 11.90 45.11 7.59
C VAL D 126 11.32 44.40 6.36
N ASN D 127 10.13 43.84 6.52
CA ASN D 127 9.40 43.21 5.42
C ASN D 127 8.04 43.88 5.23
N ARG D 128 7.92 44.70 4.19
CA ARG D 128 6.67 45.39 3.91
C ARG D 128 5.92 44.73 2.74
N ILE D 129 4.70 44.30 3.02
CA ILE D 129 3.97 43.44 2.10
C ILE D 129 2.57 43.99 1.75
N GLU D 130 2.22 43.89 0.49
CA GLU D 130 0.86 44.15 0.04
C GLU D 130 0.27 42.84 -0.49
N LEU D 131 -0.92 42.50 0.00
CA LEU D 131 -1.54 41.21 -0.31
C LEU D 131 -2.95 41.39 -0.87
N LYS D 132 -3.29 40.58 -1.87
CA LYS D 132 -4.58 40.70 -2.54
C LYS D 132 -5.21 39.33 -2.80
N GLY D 133 -6.24 38.99 -2.04
CA GLY D 133 -6.94 37.74 -2.21
C GLY D 133 -8.21 37.89 -3.03
N ILE D 134 -8.37 37.05 -4.06
CA ILE D 134 -9.53 37.12 -4.94
C ILE D 134 -10.17 35.76 -5.17
N ASP D 135 -11.43 35.77 -5.62
CA ASP D 135 -12.14 34.56 -6.01
C ASP D 135 -12.25 33.47 -4.95
N PHE D 136 -12.14 33.84 -3.68
CA PHE D 136 -12.29 32.89 -2.60
C PHE D 136 -13.77 32.59 -2.34
N LYS D 137 -14.09 31.32 -2.17
CA LYS D 137 -15.45 30.94 -1.78
C LYS D 137 -15.71 31.38 -0.35
N GLU D 138 -16.92 31.85 -0.09
CA GLU D 138 -17.27 32.29 1.26
C GLU D 138 -17.34 31.10 2.22
N ASP D 139 -17.78 29.96 1.70
CA ASP D 139 -17.63 28.71 2.44
C ASP D 139 -16.23 28.17 2.15
N GLY D 140 -15.87 27.06 2.79
CA GLY D 140 -14.59 26.45 2.53
C GLY D 140 -13.57 26.68 3.64
N ASN D 141 -12.33 26.28 3.39
CA ASN D 141 -11.29 26.29 4.41
C ASN D 141 -10.80 27.67 4.80
N ILE D 142 -10.56 28.52 3.81
CA ILE D 142 -9.90 29.79 4.02
C ILE D 142 -10.81 30.84 4.69
N LEU D 143 -11.97 31.08 4.10
CA LEU D 143 -12.88 32.08 4.66
C LEU D 143 -13.82 31.47 5.69
N GLY D 144 -13.80 30.15 5.79
CA GLY D 144 -14.62 29.44 6.76
C GLY D 144 -13.82 29.01 7.98
N HIS D 145 -12.54 29.38 7.98
CA HIS D 145 -11.62 29.05 9.06
C HIS D 145 -11.68 27.57 9.47
N LYS D 146 -11.33 26.68 8.54
CA LYS D 146 -11.37 25.25 8.79
C LYS D 146 -9.98 24.64 8.85
N LEU D 147 -8.95 25.48 9.01
CA LEU D 147 -7.57 25.00 9.01
C LEU D 147 -6.99 24.89 10.42
N GLU D 148 -6.22 23.82 10.65
CA GLU D 148 -5.57 23.58 11.93
C GLU D 148 -4.47 24.63 12.18
N TYR D 149 -4.25 24.94 13.45
CA TYR D 149 -3.26 25.95 13.81
C TYR D 149 -1.84 25.37 13.83
N ASN D 150 -1.35 25.01 12.65
CA ASN D 150 0.02 24.52 12.49
C ASN D 150 0.52 24.75 11.06
N PHE D 151 1.77 24.39 10.80
CA PHE D 151 2.34 24.58 9.48
C PHE D 151 3.38 23.53 9.12
N ASN D 152 3.23 22.95 7.92
CA ASN D 152 4.19 21.96 7.43
C ASN D 152 4.47 22.16 5.95
N SER D 153 5.66 21.77 5.53
CA SER D 153 6.07 21.96 4.14
C SER D 153 7.20 21.01 3.76
N HIS D 154 7.29 20.70 2.48
CA HIS D 154 8.43 19.95 1.95
C HIS D 154 9.63 20.88 1.92
N ASN D 155 10.77 20.36 1.49
CA ASN D 155 11.93 21.20 1.24
C ASN D 155 11.67 22.01 -0.02
N VAL D 156 12.13 23.27 -0.03
CA VAL D 156 11.90 24.12 -1.20
C VAL D 156 13.12 24.13 -2.11
N TYR D 157 12.88 24.36 -3.40
CA TYR D 157 13.94 24.31 -4.41
C TYR D 157 14.15 25.69 -5.02
N ILE D 158 15.30 26.29 -4.71
CA ILE D 158 15.63 27.61 -5.23
C ILE D 158 16.48 27.51 -6.50
N THR D 159 16.03 28.17 -7.57
CA THR D 159 16.80 28.16 -8.82
C THR D 159 17.07 29.58 -9.30
N ALA D 160 18.03 29.72 -10.22
CA ALA D 160 18.29 31.00 -10.85
C ALA D 160 17.37 31.16 -12.05
N ASP D 161 16.69 32.30 -12.16
CA ASP D 161 15.68 32.50 -13.20
C ASP D 161 16.27 32.48 -14.62
N LYS D 162 16.88 33.59 -15.01
CA LYS D 162 17.37 33.73 -16.39
C LYS D 162 16.18 33.96 -17.32
N GLN D 163 15.90 35.22 -17.64
CA GLN D 163 16.72 36.33 -17.17
C GLN D 163 15.92 37.34 -16.34
N LYS D 164 15.61 36.98 -15.10
CA LYS D 164 14.98 37.91 -14.17
C LYS D 164 16.07 38.43 -13.22
N ASN D 165 17.27 37.91 -13.40
CA ASN D 165 18.45 38.31 -12.63
C ASN D 165 18.33 38.04 -11.12
N GLY D 166 17.33 37.24 -10.75
CA GLY D 166 17.14 36.86 -9.36
C GLY D 166 16.91 35.37 -9.24
N ILE D 167 15.97 34.98 -8.40
CA ILE D 167 15.67 33.56 -8.19
C ILE D 167 14.20 33.22 -8.40
N LYS D 168 13.95 31.97 -8.78
CA LYS D 168 12.59 31.44 -8.89
C LYS D 168 12.44 30.22 -7.96
N ALA D 169 11.26 30.08 -7.39
CA ALA D 169 10.95 28.94 -6.53
C ALA D 169 9.49 28.54 -6.64
N ASN D 170 9.23 27.25 -6.85
CA ASN D 170 7.87 26.76 -6.94
C ASN D 170 7.64 25.63 -5.94
N PHE D 171 6.62 25.76 -5.10
CA PHE D 171 6.37 24.71 -4.11
C PHE D 171 4.90 24.46 -3.78
N LYS D 172 4.62 23.40 -3.03
CA LYS D 172 3.26 23.08 -2.64
C LYS D 172 3.13 23.00 -1.12
N ILE D 173 2.35 23.90 -0.54
CA ILE D 173 2.09 23.86 0.89
C ILE D 173 0.81 23.07 1.16
N ARG D 174 0.87 22.16 2.14
CA ARG D 174 -0.31 21.39 2.53
C ARG D 174 -0.80 21.82 3.91
N HIS D 175 -1.87 22.62 3.94
CA HIS D 175 -2.49 23.00 5.20
C HIS D 175 -3.42 21.88 5.67
N ASN D 176 -3.36 21.54 6.94
CA ASN D 176 -4.25 20.51 7.48
C ASN D 176 -5.64 21.07 7.78
N VAL D 177 -6.66 20.38 7.27
CA VAL D 177 -8.03 20.81 7.48
C VAL D 177 -8.60 20.13 8.72
N GLU D 178 -9.49 20.83 9.42
CA GLU D 178 -10.03 20.33 10.67
C GLU D 178 -10.83 19.04 10.50
N ASP D 179 -11.37 18.83 9.31
CA ASP D 179 -12.15 17.61 9.02
C ASP D 179 -11.25 16.45 8.58
N GLY D 180 -9.94 16.68 8.61
CA GLY D 180 -8.98 15.63 8.32
C GLY D 180 -8.38 15.69 6.92
N SER D 181 -8.97 16.50 6.05
CA SER D 181 -8.52 16.59 4.67
C SER D 181 -7.28 17.49 4.52
N VAL D 182 -6.96 17.84 3.28
CA VAL D 182 -5.77 18.67 3.00
C VAL D 182 -6.09 19.83 2.06
N GLN D 183 -5.67 21.03 2.43
CA GLN D 183 -5.81 22.20 1.58
C GLN D 183 -4.49 22.47 0.86
N LEU D 184 -4.52 22.39 -0.46
CA LEU D 184 -3.32 22.61 -1.27
C LEU D 184 -3.12 24.09 -1.58
N ALA D 185 -1.86 24.52 -1.50
CA ALA D 185 -1.50 25.90 -1.77
C ALA D 185 -0.27 25.94 -2.66
N ASP D 186 -0.48 26.14 -3.96
CA ASP D 186 0.62 26.25 -4.91
C ASP D 186 1.27 27.61 -4.78
N HIS D 187 2.59 27.62 -4.64
CA HIS D 187 3.35 28.86 -4.52
C HIS D 187 4.30 29.04 -5.70
N TYR D 188 4.14 30.17 -6.38
CA TYR D 188 5.04 30.59 -7.44
C TYR D 188 5.75 31.85 -6.96
N GLN D 189 7.08 31.80 -6.86
CA GLN D 189 7.83 32.87 -6.22
C GLN D 189 8.99 33.40 -7.04
N GLN D 190 9.05 34.73 -7.14
CA GLN D 190 10.14 35.45 -7.78
C GLN D 190 10.78 36.42 -6.79
N ASN D 191 12.11 36.50 -6.83
CA ASN D 191 12.84 37.47 -6.02
C ASN D 191 13.83 38.27 -6.87
N THR D 192 13.73 39.59 -6.81
CA THR D 192 14.58 40.46 -7.62
C THR D 192 15.28 41.52 -6.75
N PRO D 193 16.60 41.61 -6.85
CA PRO D 193 17.40 42.50 -5.99
C PRO D 193 17.36 43.99 -6.38
N ILE D 194 16.21 44.63 -6.16
CA ILE D 194 16.03 46.08 -6.38
C ILE D 194 16.62 46.60 -7.69
N GLY D 195 16.11 46.10 -8.81
CA GLY D 195 16.62 46.48 -10.11
C GLY D 195 18.09 46.12 -10.26
N ASP D 196 18.93 46.82 -9.52
CA ASP D 196 20.37 46.57 -9.52
C ASP D 196 20.91 46.53 -8.08
N VAL D 199 25.66 41.07 -4.70
CA VAL D 199 25.00 40.92 -5.99
C VAL D 199 25.37 39.57 -6.63
N LEU D 200 25.24 38.49 -5.85
CA LEU D 200 25.59 37.17 -6.34
C LEU D 200 24.42 36.18 -6.36
N LEU D 201 24.27 35.49 -7.49
CA LEU D 201 23.18 34.55 -7.72
C LEU D 201 23.56 33.14 -7.28
N PRO D 202 22.57 32.30 -6.97
CA PRO D 202 22.84 30.93 -6.50
C PRO D 202 22.59 29.86 -7.56
N ASP D 203 23.07 28.65 -7.29
CA ASP D 203 22.74 27.50 -8.11
C ASP D 203 21.63 26.71 -7.44
N ASN D 204 21.11 25.69 -8.13
CA ASN D 204 20.00 24.90 -7.62
C ASN D 204 20.31 24.17 -6.31
N HIS D 205 19.79 24.70 -5.21
CA HIS D 205 19.95 24.10 -3.89
C HIS D 205 18.61 24.09 -3.17
N TYR D 206 18.53 23.38 -2.04
CA TYR D 206 17.27 23.31 -1.31
C TYR D 206 17.29 23.94 0.08
N LEU D 207 16.13 24.44 0.51
CA LEU D 207 15.95 24.96 1.86
C LEU D 207 15.02 24.04 2.66
N SER D 208 15.38 23.81 3.92
CA SER D 208 14.51 23.06 4.83
C SER D 208 14.00 23.98 5.92
N THR D 209 12.68 24.07 6.03
CA THR D 209 12.05 24.94 7.03
C THR D 209 11.18 24.12 7.97
N GLN D 210 11.29 24.41 9.26
CA GLN D 210 10.46 23.76 10.26
C GLN D 210 9.85 24.81 11.18
N SER D 211 8.52 24.92 11.12
CA SER D 211 7.80 26.00 11.76
C SER D 211 6.96 25.52 12.94
N VAL D 212 6.80 26.38 13.94
CA VAL D 212 6.01 26.09 15.12
C VAL D 212 5.10 27.28 15.43
N LEU D 213 3.80 27.03 15.49
CA LEU D 213 2.83 28.08 15.80
C LEU D 213 2.43 27.99 17.28
N SER D 214 2.18 29.14 17.90
CA SER D 214 1.82 29.17 19.31
C SER D 214 1.05 30.43 19.70
N LYS D 215 0.49 30.41 20.90
CA LYS D 215 -0.29 31.54 21.42
C LYS D 215 0.34 32.16 22.65
N ASP D 216 0.21 33.47 22.77
CA ASP D 216 0.60 34.18 23.98
C ASP D 216 -0.60 34.33 24.88
N PRO D 217 -0.54 33.76 26.10
CA PRO D 217 -1.64 33.78 27.06
C PRO D 217 -2.02 35.20 27.47
N ASN D 218 -1.05 36.11 27.48
CA ASN D 218 -1.32 37.50 27.84
C ASN D 218 -1.80 38.33 26.66
N GLU D 219 -2.24 37.65 25.60
CA GLU D 219 -2.76 38.32 24.42
C GLU D 219 -4.24 38.06 24.21
N LYS D 220 -5.02 39.14 24.16
CA LYS D 220 -6.46 39.02 23.95
C LYS D 220 -6.79 39.31 22.48
N ARG D 221 -5.76 39.57 21.69
CA ARG D 221 -5.94 39.91 20.27
C ARG D 221 -5.64 38.72 19.37
N ASP D 222 -6.13 38.80 18.14
CA ASP D 222 -5.85 37.79 17.13
C ASP D 222 -4.37 37.87 16.79
N HIS D 223 -3.64 36.79 17.04
CA HIS D 223 -2.19 36.82 16.93
C HIS D 223 -1.59 35.45 16.60
N MET D 224 -0.32 35.45 16.18
CA MET D 224 0.40 34.22 15.94
C MET D 224 1.85 34.34 16.40
N VAL D 225 2.24 33.55 17.39
CA VAL D 225 3.64 33.51 17.80
C VAL D 225 4.34 32.43 16.99
N LEU D 226 5.28 32.85 16.14
CA LEU D 226 5.92 31.95 15.20
C LEU D 226 7.39 31.67 15.54
N LEU D 227 7.75 30.39 15.57
CA LEU D 227 9.13 29.99 15.81
C LEU D 227 9.63 29.14 14.64
N GLU D 228 10.66 29.60 13.94
CA GLU D 228 11.11 28.88 12.75
C GLU D 228 12.58 28.46 12.74
N PHE D 229 12.85 27.29 12.18
CA PHE D 229 14.23 26.83 11.98
C PHE D 229 14.46 26.54 10.49
N VAL D 230 15.40 27.28 9.88
CA VAL D 230 15.66 27.16 8.44
C VAL D 230 17.12 26.83 8.14
N THR D 231 17.32 25.84 7.28
CA THR D 231 18.66 25.46 6.84
C THR D 231 18.75 25.36 5.32
N ALA D 232 19.98 25.31 4.80
CA ALA D 232 20.21 25.16 3.38
C ALA D 232 21.11 23.96 3.12
N ALA D 233 20.83 23.22 2.05
CA ALA D 233 21.64 22.05 1.71
C ALA D 233 21.53 21.68 0.23
N GLY D 234 22.41 20.80 -0.21
CA GLY D 234 22.44 20.37 -1.60
C GLY D 234 23.41 21.19 -2.43
N GLY E 12 8.82 21.24 -16.04
CA GLY E 12 8.11 20.78 -17.22
C GLY E 12 7.00 21.72 -17.64
N GLU E 13 5.85 21.59 -17.00
CA GLU E 13 4.69 22.42 -17.32
C GLU E 13 4.78 23.80 -16.66
N GLU E 14 5.94 24.09 -16.07
CA GLU E 14 6.15 25.35 -15.37
C GLU E 14 6.15 26.53 -16.34
N LEU E 15 6.28 26.23 -17.63
CA LEU E 15 6.22 27.25 -18.67
C LEU E 15 4.77 27.55 -19.07
N PHE E 16 3.93 26.53 -19.02
CA PHE E 16 2.55 26.65 -19.50
C PHE E 16 1.59 27.19 -18.44
N THR E 17 2.14 27.55 -17.27
CA THR E 17 1.37 28.26 -16.26
C THR E 17 1.14 29.69 -16.74
N GLY E 18 -0.10 30.16 -16.64
CA GLY E 18 -0.45 31.48 -17.13
C GLY E 18 -0.65 31.49 -18.63
N VAL E 19 -0.84 32.67 -19.21
CA VAL E 19 -1.07 32.79 -20.64
C VAL E 19 0.25 32.94 -21.42
N VAL E 20 0.45 32.10 -22.42
CA VAL E 20 1.67 32.14 -23.22
C VAL E 20 1.36 32.40 -24.70
N PRO E 21 2.04 33.40 -25.29
CA PRO E 21 1.80 33.80 -26.68
C PRO E 21 2.18 32.70 -27.67
N ILE E 22 1.36 32.54 -28.72
CA ILE E 22 1.58 31.50 -29.72
C ILE E 22 1.78 32.09 -31.11
N LEU E 23 2.83 31.63 -31.78
CA LEU E 23 3.13 32.01 -33.16
C LEU E 23 3.13 30.80 -34.09
N VAL E 24 2.35 30.85 -35.15
CA VAL E 24 2.31 29.76 -36.11
C VAL E 24 2.75 30.21 -37.49
N GLU E 25 3.62 29.44 -38.12
CA GLU E 25 4.03 29.70 -39.49
C GLU E 25 3.83 28.44 -40.32
N LEU E 26 3.17 28.56 -41.47
CA LEU E 26 2.92 27.41 -42.33
C LEU E 26 3.32 27.72 -43.77
N ASP E 27 4.03 26.77 -44.39
CA ASP E 27 4.33 26.84 -45.81
C ASP E 27 3.78 25.61 -46.52
N GLY E 28 2.79 25.82 -47.39
CA GLY E 28 2.11 24.70 -48.02
C GLY E 28 2.12 24.71 -49.53
N ASP E 29 2.09 23.51 -50.12
CA ASP E 29 1.99 23.33 -51.57
C ASP E 29 0.96 22.25 -51.86
N VAL E 30 -0.22 22.66 -52.32
CA VAL E 30 -1.28 21.72 -52.64
C VAL E 30 -1.55 21.67 -54.14
N ASN E 31 -1.18 20.56 -54.78
CA ASN E 31 -1.40 20.35 -56.21
C ASN E 31 -0.75 21.39 -57.11
N GLY E 32 0.34 22.00 -56.63
CA GLY E 32 1.02 23.03 -57.39
C GLY E 32 0.56 24.43 -57.01
N HIS E 33 -0.26 24.51 -55.97
CA HIS E 33 -0.68 25.79 -55.42
C HIS E 33 0.10 26.08 -54.14
N LYS E 34 1.04 27.03 -54.23
CA LYS E 34 1.88 27.38 -53.09
C LYS E 34 1.30 28.55 -52.29
N PHE E 35 1.34 28.43 -50.97
CA PHE E 35 0.75 29.43 -50.08
C PHE E 35 1.46 29.46 -48.73
N SER E 36 1.31 30.57 -48.02
CA SER E 36 1.85 30.70 -46.67
C SER E 36 0.77 31.20 -45.70
N VAL E 37 0.82 30.69 -44.48
CA VAL E 37 -0.13 31.08 -43.44
C VAL E 37 0.60 31.58 -42.20
N ARG E 38 0.17 32.72 -41.66
CA ARG E 38 0.71 33.22 -40.39
C ARG E 38 -0.38 33.34 -39.33
N GLY E 39 -0.15 32.72 -38.17
CA GLY E 39 -1.08 32.80 -37.07
C GLY E 39 -0.49 33.48 -35.85
N GLU E 40 -1.24 34.42 -35.29
CA GLU E 40 -0.87 35.04 -34.03
C GLU E 40 -1.94 34.77 -33.01
N GLY E 41 -1.55 34.37 -31.81
CA GLY E 41 -2.55 34.12 -30.78
C GLY E 41 -2.00 33.95 -29.38
N GLU E 42 -2.84 33.40 -28.50
CA GLU E 42 -2.41 33.08 -27.15
C GLU E 42 -3.15 31.85 -26.64
N GLY E 43 -2.46 31.06 -25.84
CA GLY E 43 -3.01 29.82 -25.32
C GLY E 43 -2.85 29.67 -23.81
N ASP E 44 -3.93 29.23 -23.17
CA ASP E 44 -3.93 28.96 -21.74
C ASP E 44 -4.22 27.49 -21.50
N ALA E 45 -3.17 26.73 -21.19
CA ALA E 45 -3.28 25.29 -21.02
C ALA E 45 -4.01 24.89 -19.74
N THR E 46 -3.99 25.76 -18.75
CA THR E 46 -4.68 25.49 -17.49
C THR E 46 -6.18 25.35 -17.69
N ASN E 47 -6.71 26.07 -18.69
CA ASN E 47 -8.12 25.97 -19.05
C ASN E 47 -8.31 25.18 -20.34
N GLY E 48 -7.20 24.85 -21.00
CA GLY E 48 -7.25 24.12 -22.25
C GLY E 48 -7.81 24.96 -23.38
N LYS E 49 -7.62 26.27 -23.28
CA LYS E 49 -8.19 27.20 -24.25
C LYS E 49 -7.13 27.77 -25.19
N LEU E 50 -7.47 27.86 -26.47
CA LEU E 50 -6.59 28.43 -27.47
C LEU E 50 -7.35 29.52 -28.22
N THR E 51 -6.73 30.68 -28.38
CA THR E 51 -7.33 31.73 -29.19
C THR E 51 -6.32 32.28 -30.19
N LEU E 52 -6.53 31.94 -31.46
CA LEU E 52 -5.60 32.39 -32.51
C LEU E 52 -6.30 33.05 -33.69
N LYS E 53 -5.52 33.79 -34.47
CA LYS E 53 -5.98 34.41 -35.70
C LYS E 53 -4.99 34.09 -36.81
N PHE E 54 -5.47 33.39 -37.84
CA PHE E 54 -4.63 33.00 -38.95
C PHE E 54 -4.96 33.82 -40.19
N ILE E 55 -3.93 34.30 -40.87
CA ILE E 55 -4.10 35.01 -42.13
C ILE E 55 -3.27 34.33 -43.21
N CYS E 56 -3.73 34.42 -44.45
CA CYS E 56 -2.96 33.94 -45.58
C CYS E 56 -2.10 35.09 -46.11
N THR E 57 -0.78 34.89 -46.12
CA THR E 57 0.15 35.96 -46.48
C THR E 57 0.45 36.01 -47.98
N THR E 58 -0.13 35.09 -48.73
CA THR E 58 0.12 35.02 -50.18
C THR E 58 -1.14 35.27 -50.99
N GLY E 59 -2.19 35.78 -50.33
CA GLY E 59 -3.43 36.07 -51.00
C GLY E 59 -4.57 35.18 -50.55
N LYS E 60 -5.44 34.81 -51.47
CA LYS E 60 -6.58 33.95 -51.16
C LYS E 60 -6.12 32.52 -50.91
N LEU E 61 -6.70 31.87 -49.90
CA LEU E 61 -6.33 30.50 -49.56
C LEU E 61 -6.85 29.54 -50.63
N PRO E 62 -5.96 28.68 -51.15
CA PRO E 62 -6.29 27.73 -52.22
C PRO E 62 -7.15 26.57 -51.72
N VAL E 63 -7.13 26.35 -50.40
CA VAL E 63 -7.86 25.26 -49.78
C VAL E 63 -8.79 25.86 -48.72
N PRO E 64 -9.92 25.19 -48.42
CA PRO E 64 -10.74 25.70 -47.31
C PRO E 64 -9.99 25.70 -45.97
N TRP E 65 -10.28 26.70 -45.14
CA TRP E 65 -9.65 26.82 -43.83
C TRP E 65 -9.78 25.59 -42.91
N PRO E 66 -10.99 25.00 -42.77
CA PRO E 66 -11.15 23.85 -41.87
C PRO E 66 -10.17 22.70 -42.15
N THR E 67 -9.68 22.58 -43.38
CA THR E 67 -8.74 21.52 -43.74
C THR E 67 -7.38 21.66 -43.06
N LEU E 68 -7.08 22.85 -42.55
CA LEU E 68 -5.77 23.11 -41.95
C LEU E 68 -5.84 23.28 -40.42
N VAL E 69 -7.02 23.09 -39.86
CA VAL E 69 -7.22 23.24 -38.42
C VAL E 69 -6.35 22.27 -37.61
N THR E 70 -6.38 20.99 -37.98
CA THR E 70 -5.60 19.97 -37.27
C THR E 70 -4.09 20.17 -37.43
N THR E 71 -3.69 20.87 -38.49
CA THR E 71 -2.27 21.03 -38.78
C THR E 71 -1.71 22.33 -38.20
N LEU E 72 -2.60 23.29 -37.97
CA LEU E 72 -2.22 24.57 -37.38
C LEU E 72 -2.08 24.45 -35.86
C3 KWS E 73 -0.13 21.71 -32.86
N1 KWS E 73 -3.28 23.93 -35.42
O3 KWS E 73 1.08 21.34 -32.75
C1 KWS E 73 -3.32 22.13 -33.85
C2 KWS E 73 -2.63 19.87 -33.72
N2 KWS E 73 -4.38 21.40 -33.61
O2 KWS E 73 -1.97 18.84 -33.71
N3 KWS E 73 -2.16 21.21 -33.94
CA1 KWS E 73 -3.31 23.61 -34.01
CB KWS E 73 -4.72 24.11 -33.74
CA2 KWS E 73 -4.05 20.03 -33.52
CA3 KWS E 73 -0.81 21.60 -34.19
CB2 KWS E 73 -4.96 19.04 -33.27
OG1 KWS E 73 -5.54 24.20 -34.86
CG2 KWS E 73 -4.47 25.48 -33.30
N VAL E 74 -0.79 22.50 -32.01
CA VAL E 74 -0.14 22.78 -30.73
C VAL E 74 -0.83 22.08 -29.56
N GLN E 75 -0.71 20.76 -29.51
CA GLN E 75 -1.37 19.96 -28.49
C GLN E 75 -0.74 20.07 -27.11
N CYS E 76 0.09 21.10 -26.91
CA CYS E 76 0.71 21.34 -25.62
C CYS E 76 -0.11 22.32 -24.80
N PHE E 77 -1.28 22.68 -25.31
CA PHE E 77 -2.17 23.59 -24.61
C PHE E 77 -3.44 22.88 -24.16
N SER E 78 -3.45 21.56 -24.27
CA SER E 78 -4.59 20.77 -23.81
C SER E 78 -4.63 20.69 -22.29
N ARG E 79 -5.83 20.83 -21.73
CA ARG E 79 -6.00 20.77 -20.27
C ARG E 79 -5.69 19.39 -19.74
N TYR E 80 -4.54 19.26 -19.10
CA TYR E 80 -4.18 18.01 -18.42
C TYR E 80 -4.46 18.13 -16.93
N PRO E 81 -5.33 17.26 -16.41
CA PRO E 81 -5.70 17.25 -14.99
C PRO E 81 -4.49 17.01 -14.10
N ASP E 82 -4.60 17.36 -12.82
CA ASP E 82 -3.47 17.26 -11.89
C ASP E 82 -2.89 15.85 -11.83
N HIS E 83 -3.75 14.86 -11.99
CA HIS E 83 -3.33 13.47 -11.84
C HIS E 83 -2.73 12.86 -13.11
N MET E 84 -3.01 13.48 -14.26
CA MET E 84 -2.48 12.97 -15.52
C MET E 84 -1.30 13.80 -16.03
N LYS E 85 -0.69 14.57 -15.15
CA LYS E 85 0.42 15.43 -15.54
C LYS E 85 1.69 14.65 -15.81
N ARG E 86 1.73 13.39 -15.38
CA ARG E 86 2.84 12.49 -15.70
C ARG E 86 2.52 11.80 -17.02
N HIS E 87 1.51 12.30 -17.71
CA HIS E 87 1.14 11.77 -19.02
C HIS E 87 1.04 12.90 -20.05
N ASP E 88 1.56 14.07 -19.68
CA ASP E 88 1.59 15.22 -20.56
C ASP E 88 2.93 15.27 -21.30
N PHE E 89 2.99 14.57 -22.43
CA PHE E 89 4.22 14.50 -23.22
C PHE E 89 4.59 15.83 -23.87
N PHE E 90 3.57 16.56 -24.32
CA PHE E 90 3.76 17.77 -25.11
C PHE E 90 4.49 18.88 -24.35
N LYS E 91 4.17 19.05 -23.07
CA LYS E 91 4.80 20.09 -22.26
C LYS E 91 6.19 19.69 -21.78
N SER E 92 6.43 18.40 -21.67
CA SER E 92 7.71 17.91 -21.15
C SER E 92 8.82 18.00 -22.19
N ALA E 93 8.44 17.99 -23.46
CA ALA E 93 9.41 18.13 -24.55
C ALA E 93 9.87 19.59 -24.66
N MET E 94 9.27 20.46 -23.86
CA MET E 94 9.61 21.87 -23.84
C MET E 94 10.80 22.14 -22.91
N PRO E 95 11.53 23.24 -23.13
CA PRO E 95 11.32 24.27 -24.16
C PRO E 95 11.91 23.89 -25.52
N GLU E 96 12.68 22.81 -25.58
CA GLU E 96 13.31 22.39 -26.83
C GLU E 96 12.26 22.07 -27.91
N GLY E 97 11.18 21.41 -27.49
CA GLY E 97 10.08 21.11 -28.39
C GLY E 97 10.13 19.75 -29.05
N TYR E 98 9.18 19.50 -29.95
CA TYR E 98 9.06 18.21 -30.60
C TYR E 98 8.74 18.31 -32.09
N VAL E 99 9.15 17.29 -32.84
CA VAL E 99 8.83 17.17 -34.25
C VAL E 99 7.53 16.41 -34.44
N GLN E 100 6.57 17.04 -35.10
CA GLN E 100 5.29 16.42 -35.38
C GLN E 100 5.15 16.11 -36.86
N GLU E 101 5.19 14.82 -37.19
CA GLU E 101 5.03 14.39 -38.57
C GLU E 101 3.62 13.84 -38.78
N ARG E 102 2.98 14.25 -39.86
CA ARG E 102 1.61 13.82 -40.14
C ARG E 102 1.41 13.40 -41.59
N THR E 103 0.68 12.33 -41.78
CA THR E 103 0.14 11.98 -43.09
C THR E 103 -1.37 11.94 -42.98
N ILE E 104 -2.05 12.84 -43.68
CA ILE E 104 -3.51 12.86 -43.63
C ILE E 104 -4.12 12.49 -44.98
N SER E 105 -5.03 11.54 -44.94
CA SER E 105 -5.63 11.00 -46.15
C SER E 105 -7.10 11.36 -46.24
N PHE E 106 -7.42 12.31 -47.10
CA PHE E 106 -8.80 12.61 -47.42
C PHE E 106 -9.36 11.43 -48.21
N LYS E 107 -10.40 10.80 -47.67
CA LYS E 107 -11.01 9.66 -48.33
C LYS E 107 -11.57 10.07 -49.69
N ASP E 108 -11.29 9.24 -50.70
CA ASP E 108 -11.70 9.51 -52.08
C ASP E 108 -11.14 10.85 -52.61
N ASP E 109 -9.98 11.25 -52.10
CA ASP E 109 -9.34 12.47 -52.55
C ASP E 109 -7.83 12.46 -52.27
N GLY E 110 -7.23 13.64 -52.18
CA GLY E 110 -5.79 13.78 -52.03
C GLY E 110 -5.25 13.43 -50.66
N THR E 111 -4.01 13.85 -50.41
CA THR E 111 -3.29 13.52 -49.18
C THR E 111 -2.31 14.63 -48.82
N TYR E 112 -2.32 15.05 -47.56
CA TYR E 112 -1.29 15.98 -47.07
C TYR E 112 -0.17 15.21 -46.38
N LYS E 113 1.06 15.66 -46.59
CA LYS E 113 2.20 15.17 -45.81
C LYS E 113 2.87 16.38 -45.17
N THR E 114 2.82 16.42 -43.84
CA THR E 114 3.27 17.58 -43.08
C THR E 114 4.41 17.22 -42.13
N ARG E 115 5.34 18.16 -41.98
CA ARG E 115 6.39 18.06 -40.97
C ARG E 115 6.44 19.38 -40.22
N ALA E 116 6.32 19.32 -38.90
CA ALA E 116 6.27 20.52 -38.09
C ALA E 116 7.23 20.48 -36.91
N GLU E 117 7.63 21.66 -36.44
CA GLU E 117 8.40 21.79 -35.22
C GLU E 117 7.67 22.71 -34.25
N VAL E 118 7.20 22.14 -33.16
CA VAL E 118 6.54 22.89 -32.10
C VAL E 118 7.54 23.06 -30.97
N LYS E 119 7.98 24.30 -30.74
CA LYS E 119 9.01 24.55 -29.74
C LYS E 119 8.77 25.84 -28.97
N PHE E 120 9.72 26.18 -28.10
CA PHE E 120 9.65 27.43 -27.33
C PHE E 120 10.80 28.35 -27.68
N GLU E 121 10.55 29.27 -28.61
CA GLU E 121 11.55 30.27 -28.98
C GLU E 121 11.35 31.51 -28.12
N GLY E 122 12.34 31.80 -27.27
CA GLY E 122 12.23 32.89 -26.32
C GLY E 122 11.05 32.68 -25.39
N ASP E 123 10.22 33.70 -25.27
CA ASP E 123 9.01 33.60 -24.46
C ASP E 123 7.79 33.34 -25.34
N THR E 124 8.01 32.75 -26.51
CA THR E 124 6.92 32.49 -27.44
C THR E 124 6.96 31.07 -27.99
N LEU E 125 5.82 30.38 -27.92
CA LEU E 125 5.71 29.04 -28.46
C LEU E 125 5.45 29.09 -29.96
N VAL E 126 6.35 28.48 -30.73
CA VAL E 126 6.27 28.55 -32.18
C VAL E 126 5.98 27.20 -32.83
N ASN E 127 5.06 27.21 -33.79
CA ASN E 127 4.71 26.03 -34.58
C ASN E 127 5.11 26.26 -36.03
N ARG E 128 6.20 25.64 -36.47
CA ARG E 128 6.70 25.83 -37.83
C ARG E 128 6.40 24.62 -38.70
N ILE E 129 5.52 24.80 -39.69
CA ILE E 129 4.98 23.69 -40.46
C ILE E 129 5.34 23.78 -41.94
N GLU E 130 5.78 22.66 -42.51
CA GLU E 130 5.89 22.52 -43.96
C GLU E 130 4.91 21.44 -44.40
N LEU E 131 4.09 21.77 -45.40
CA LEU E 131 2.98 20.89 -45.79
C LEU E 131 2.94 20.69 -47.30
N LYS E 132 2.83 19.43 -47.72
CA LYS E 132 2.74 19.12 -49.15
C LYS E 132 1.57 18.18 -49.46
N GLY E 133 0.55 18.71 -50.11
CA GLY E 133 -0.60 17.91 -50.50
C GLY E 133 -0.58 17.58 -51.98
N ILE E 134 -0.88 16.32 -52.31
CA ILE E 134 -0.83 15.86 -53.69
C ILE E 134 -2.07 15.05 -54.06
N ASP E 135 -2.26 14.85 -55.36
CA ASP E 135 -3.33 13.99 -55.90
C ASP E 135 -4.74 14.44 -55.54
N PHE E 136 -4.92 15.74 -55.36
CA PHE E 136 -6.25 16.30 -55.10
C PHE E 136 -6.98 16.61 -56.41
N LYS E 137 -8.30 16.44 -56.40
CA LYS E 137 -9.09 16.70 -57.60
C LYS E 137 -9.87 18.00 -57.45
N GLU E 138 -9.99 18.75 -58.54
CA GLU E 138 -10.73 20.01 -58.53
C GLU E 138 -12.24 19.77 -58.37
N ASP E 139 -12.69 18.60 -58.80
CA ASP E 139 -14.09 18.23 -58.63
C ASP E 139 -14.43 18.14 -57.14
N GLY E 140 -13.51 17.55 -56.38
CA GLY E 140 -13.73 17.22 -54.98
C GLY E 140 -14.02 18.38 -54.05
N ASN E 141 -14.31 18.05 -52.80
CA ASN E 141 -14.69 19.03 -51.79
C ASN E 141 -13.54 19.97 -51.40
N ILE E 142 -12.31 19.53 -51.61
CA ILE E 142 -11.14 20.30 -51.21
C ILE E 142 -10.87 21.48 -52.17
N LEU E 143 -10.45 21.18 -53.40
CA LEU E 143 -10.16 22.24 -54.35
C LEU E 143 -11.42 22.91 -54.86
N GLY E 144 -12.56 22.24 -54.70
CA GLY E 144 -13.84 22.78 -55.10
C GLY E 144 -14.44 23.68 -54.03
N HIS E 145 -13.82 23.67 -52.85
CA HIS E 145 -14.29 24.46 -51.71
C HIS E 145 -15.75 24.19 -51.37
N LYS E 146 -16.07 22.91 -51.14
CA LYS E 146 -17.43 22.52 -50.81
C LYS E 146 -17.54 22.20 -49.32
N LEU E 147 -16.52 22.58 -48.57
CA LEU E 147 -16.49 22.32 -47.12
C LEU E 147 -16.97 23.55 -46.34
N GLU E 148 -17.91 23.32 -45.41
CA GLU E 148 -18.55 24.41 -44.68
C GLU E 148 -17.68 24.98 -43.57
N TYR E 149 -17.86 26.26 -43.27
CA TYR E 149 -16.99 26.97 -42.32
C TYR E 149 -17.27 26.58 -40.87
N ASN E 150 -16.91 25.35 -40.53
CA ASN E 150 -16.97 24.88 -39.15
C ASN E 150 -15.97 23.76 -38.90
N PHE E 151 -16.00 23.18 -37.72
CA PHE E 151 -15.12 22.07 -37.40
C PHE E 151 -15.78 21.19 -36.35
N ASN E 152 -15.78 19.89 -36.60
CA ASN E 152 -16.39 18.95 -35.65
C ASN E 152 -15.53 18.76 -34.41
N SER E 153 -16.18 18.29 -33.35
CA SER E 153 -15.48 18.02 -32.11
C SER E 153 -15.03 16.56 -32.09
N HIS E 154 -13.79 16.32 -31.70
CA HIS E 154 -13.19 14.99 -31.86
C HIS E 154 -12.58 14.39 -30.60
N ASN E 155 -12.20 13.12 -30.71
CA ASN E 155 -11.50 12.40 -29.64
C ASN E 155 -10.25 11.70 -30.19
N VAL E 156 -9.09 12.14 -29.73
CA VAL E 156 -7.81 11.60 -30.19
C VAL E 156 -7.31 10.55 -29.23
N TYR E 157 -6.93 9.38 -29.73
CA TYR E 157 -6.35 8.36 -28.87
C TYR E 157 -4.83 8.40 -28.90
N ILE E 158 -4.24 8.93 -27.83
CA ILE E 158 -2.79 9.08 -27.76
C ILE E 158 -2.11 7.85 -27.15
N THR E 159 -1.14 7.29 -27.87
CA THR E 159 -0.33 6.21 -27.31
C THR E 159 1.15 6.58 -27.34
N ALA E 160 1.98 5.75 -26.71
CA ALA E 160 3.40 6.03 -26.60
C ALA E 160 4.23 5.16 -27.54
N ASP E 161 5.06 5.80 -28.34
CA ASP E 161 6.01 5.08 -29.18
C ASP E 161 7.36 5.01 -28.44
N LYS E 162 7.61 3.87 -27.82
CA LYS E 162 8.83 3.65 -27.05
C LYS E 162 9.98 3.23 -27.96
N GLN E 163 9.72 3.20 -29.27
CA GLN E 163 10.75 2.86 -30.25
C GLN E 163 11.39 4.13 -30.79
N LYS E 164 10.79 5.29 -30.47
CA LYS E 164 11.30 6.57 -30.92
C LYS E 164 11.31 7.60 -29.81
N ASN E 165 11.08 7.14 -28.58
CA ASN E 165 11.01 8.01 -27.40
C ASN E 165 9.94 9.09 -27.56
N GLY E 166 8.89 8.79 -28.32
CA GLY E 166 7.85 9.76 -28.58
C GLY E 166 6.43 9.25 -28.40
N ILE E 167 5.49 9.83 -29.13
CA ILE E 167 4.10 9.38 -29.09
C ILE E 167 3.53 9.16 -30.49
N LYS E 168 2.44 8.40 -30.54
CA LYS E 168 1.77 8.07 -31.79
C LYS E 168 0.25 8.28 -31.64
N ALA E 169 -0.40 8.73 -32.71
CA ALA E 169 -1.85 8.93 -32.69
C ALA E 169 -2.47 8.76 -34.08
N ASN E 170 -3.58 8.06 -34.16
CA ASN E 170 -4.35 7.95 -35.40
C ASN E 170 -5.79 8.36 -35.16
N PHE E 171 -6.35 9.17 -36.06
CA PHE E 171 -7.73 9.60 -35.85
C PHE E 171 -8.52 9.97 -37.11
N LYS E 172 -9.83 10.16 -36.93
CA LYS E 172 -10.73 10.48 -38.03
C LYS E 172 -11.31 11.87 -37.87
N ILE E 173 -10.94 12.77 -38.78
CA ILE E 173 -11.50 14.12 -38.76
C ILE E 173 -12.67 14.20 -39.74
N ARG E 174 -13.85 14.54 -39.22
CA ARG E 174 -15.03 14.67 -40.05
C ARG E 174 -15.25 16.14 -40.43
N HIS E 175 -15.09 16.43 -41.71
CA HIS E 175 -15.39 17.76 -42.22
C HIS E 175 -16.81 17.78 -42.79
N ASN E 176 -17.56 18.84 -42.53
CA ASN E 176 -18.91 18.94 -43.04
C ASN E 176 -18.95 19.53 -44.45
N VAL E 177 -19.63 18.82 -45.36
CA VAL E 177 -19.75 19.24 -46.75
C VAL E 177 -21.07 20.00 -46.94
N GLU E 178 -21.10 20.90 -47.92
CA GLU E 178 -22.25 21.75 -48.15
C GLU E 178 -23.51 21.00 -48.61
N ASP E 179 -23.33 19.80 -49.16
CA ASP E 179 -24.47 19.00 -49.61
C ASP E 179 -25.02 18.13 -48.48
N GLY E 180 -24.50 18.30 -47.28
CA GLY E 180 -24.98 17.58 -46.13
C GLY E 180 -24.25 16.29 -45.85
N SER E 181 -23.20 16.03 -46.63
CA SER E 181 -22.40 14.81 -46.43
C SER E 181 -21.17 15.11 -45.59
N VAL E 182 -20.30 14.10 -45.45
CA VAL E 182 -19.09 14.25 -44.63
C VAL E 182 -17.83 13.84 -45.37
N GLN E 183 -16.88 14.78 -45.45
CA GLN E 183 -15.56 14.50 -46.01
C GLN E 183 -14.66 13.99 -44.90
N LEU E 184 -14.17 12.75 -45.04
CA LEU E 184 -13.31 12.16 -44.03
C LEU E 184 -11.84 12.51 -44.25
N ALA E 185 -11.13 12.73 -43.16
CA ALA E 185 -9.71 13.05 -43.18
C ALA E 185 -8.98 12.16 -42.17
N ASP E 186 -8.30 11.13 -42.67
CA ASP E 186 -7.65 10.15 -41.82
C ASP E 186 -6.24 10.57 -41.42
N HIS E 187 -6.08 10.99 -40.16
CA HIS E 187 -4.77 11.47 -39.68
C HIS E 187 -3.89 10.39 -39.07
N TYR E 188 -2.65 10.34 -39.54
CA TYR E 188 -1.61 9.49 -39.00
C TYR E 188 -0.51 10.40 -38.44
N GLN E 189 -0.25 10.30 -37.15
CA GLN E 189 0.58 11.29 -36.47
C GLN E 189 1.67 10.70 -35.56
N GLN E 190 2.90 11.18 -35.77
CA GLN E 190 4.05 10.83 -34.93
C GLN E 190 4.58 12.09 -34.27
N ASN E 191 5.03 11.96 -33.02
CA ASN E 191 5.69 13.07 -32.34
C ASN E 191 6.97 12.62 -31.63
N THR E 192 8.07 13.34 -31.89
CA THR E 192 9.38 12.93 -31.38
C THR E 192 10.18 14.11 -30.80
N PRO E 193 10.61 14.00 -29.54
CA PRO E 193 11.35 15.08 -28.86
C PRO E 193 12.62 15.50 -29.60
N ILE E 194 12.91 16.79 -29.57
CA ILE E 194 14.14 17.34 -30.17
C ILE E 194 15.34 17.07 -29.28
N GLY E 195 15.19 17.33 -27.99
CA GLY E 195 16.28 17.18 -27.04
C GLY E 195 16.32 15.82 -26.36
N ASP E 196 17.29 15.64 -25.47
CA ASP E 196 17.47 14.38 -24.76
C ASP E 196 17.39 14.59 -23.25
N PRO E 198 14.55 14.56 -20.15
CA PRO E 198 14.25 13.28 -20.80
C PRO E 198 12.76 12.97 -20.70
N VAL E 199 12.35 11.78 -21.11
CA VAL E 199 10.97 11.30 -20.89
C VAL E 199 9.98 12.12 -21.77
N LEU E 200 8.70 11.73 -21.88
CA LEU E 200 8.03 10.66 -21.13
C LEU E 200 7.39 9.59 -21.99
N LEU E 201 6.80 8.61 -21.30
CA LEU E 201 5.85 7.69 -21.89
C LEU E 201 4.53 7.89 -21.16
N PRO E 202 3.49 8.35 -21.87
CA PRO E 202 2.19 8.47 -21.23
C PRO E 202 1.39 7.17 -21.37
N ASP E 203 0.75 6.74 -20.30
CA ASP E 203 -0.14 5.59 -20.39
C ASP E 203 -1.31 5.98 -21.29
N ASN E 204 -1.93 4.98 -21.91
CA ASN E 204 -2.99 5.21 -22.89
C ASN E 204 -4.12 6.10 -22.38
N HIS E 205 -4.17 7.32 -22.92
CA HIS E 205 -5.23 8.27 -22.60
C HIS E 205 -5.72 8.93 -23.88
N TYR E 206 -6.73 9.79 -23.78
CA TYR E 206 -7.26 10.47 -24.94
C TYR E 206 -7.47 11.97 -24.75
N LEU E 207 -7.59 12.69 -25.87
CA LEU E 207 -7.84 14.13 -25.84
C LEU E 207 -9.19 14.45 -26.47
N SER E 208 -10.01 15.23 -25.78
CA SER E 208 -11.28 15.69 -26.33
C SER E 208 -11.13 17.13 -26.82
N THR E 209 -11.47 17.36 -28.08
CA THR E 209 -11.32 18.67 -28.70
C THR E 209 -12.65 19.21 -29.19
N GLN E 210 -12.89 20.50 -28.94
CA GLN E 210 -14.05 21.20 -29.47
C GLN E 210 -13.58 22.51 -30.08
N SER E 211 -13.93 22.74 -31.35
CA SER E 211 -13.44 23.92 -32.06
C SER E 211 -14.55 24.85 -32.56
N VAL E 212 -14.20 26.14 -32.67
CA VAL E 212 -15.10 27.15 -33.20
C VAL E 212 -14.37 28.08 -34.16
N LEU E 213 -14.89 28.19 -35.38
CA LEU E 213 -14.32 29.07 -36.40
C LEU E 213 -15.17 30.32 -36.57
N SER E 214 -14.51 31.48 -36.56
CA SER E 214 -15.18 32.77 -36.66
C SER E 214 -14.41 33.71 -37.58
N LYS E 215 -14.99 34.88 -37.83
CA LYS E 215 -14.40 35.88 -38.71
C LYS E 215 -14.25 37.23 -38.02
N ASP E 216 -13.25 38.00 -38.45
CA ASP E 216 -13.05 39.37 -37.99
C ASP E 216 -13.62 40.32 -39.04
N PRO E 217 -14.62 41.12 -38.66
CA PRO E 217 -15.22 42.09 -39.59
C PRO E 217 -14.23 43.18 -40.00
N ASN E 218 -13.26 43.48 -39.14
CA ASN E 218 -12.27 44.51 -39.42
C ASN E 218 -11.07 43.98 -40.19
N GLU E 219 -11.25 42.86 -40.89
CA GLU E 219 -10.19 42.23 -41.64
C GLU E 219 -10.59 42.02 -43.11
N LYS E 220 -9.73 42.44 -44.02
CA LYS E 220 -10.06 42.42 -45.44
C LYS E 220 -9.20 41.46 -46.26
N ARG E 221 -8.54 40.52 -45.58
CA ARG E 221 -7.76 39.49 -46.25
C ARG E 221 -8.38 38.12 -46.01
N ASP E 222 -7.82 37.08 -46.61
CA ASP E 222 -8.31 35.74 -46.37
C ASP E 222 -7.82 35.27 -45.01
N HIS E 223 -8.75 35.01 -44.09
CA HIS E 223 -8.39 34.75 -42.70
C HIS E 223 -9.30 33.72 -42.03
N MET E 224 -8.88 33.26 -40.86
CA MET E 224 -9.69 32.39 -40.01
C MET E 224 -9.40 32.65 -38.53
N VAL E 225 -10.43 33.01 -37.78
CA VAL E 225 -10.29 33.18 -36.34
C VAL E 225 -10.65 31.87 -35.64
N LEU E 226 -9.71 31.31 -34.88
CA LEU E 226 -9.90 30.00 -34.27
C LEU E 226 -9.93 30.04 -32.75
N LEU E 227 -11.04 29.54 -32.19
CA LEU E 227 -11.15 29.33 -30.75
C LEU E 227 -11.22 27.84 -30.49
N GLU E 228 -10.41 27.33 -29.57
CA GLU E 228 -10.33 25.89 -29.36
C GLU E 228 -10.35 25.51 -27.88
N PHE E 229 -11.00 24.40 -27.56
CA PHE E 229 -11.03 23.87 -26.20
C PHE E 229 -10.64 22.39 -26.20
N VAL E 230 -9.49 22.08 -25.62
CA VAL E 230 -9.00 20.70 -25.57
C VAL E 230 -8.72 20.26 -24.15
N THR E 231 -9.40 19.19 -23.72
CA THR E 231 -9.15 18.63 -22.39
C THR E 231 -8.62 17.20 -22.49
N ALA E 232 -7.95 16.74 -21.44
CA ALA E 232 -7.38 15.39 -21.44
C ALA E 232 -8.10 14.46 -20.47
N ALA E 233 -8.32 13.22 -20.91
CA ALA E 233 -9.05 12.23 -20.11
C ALA E 233 -8.87 10.87 -20.77
N GLY E 234 -8.86 9.78 -20.00
CA GLY E 234 -8.98 9.84 -18.55
C GLY E 234 -8.40 8.60 -17.92
N ILE E 235 -7.36 8.79 -17.13
CA ILE E 235 -6.81 7.72 -16.32
C ILE E 235 -7.21 8.02 -14.88
N THR E 236 -8.22 7.31 -14.41
CA THR E 236 -8.72 7.50 -13.04
C THR E 236 -7.58 7.30 -12.05
N HIS E 237 -7.26 8.36 -11.31
CA HIS E 237 -5.97 8.49 -10.63
C HIS E 237 -5.54 7.34 -9.72
N GLY E 238 -4.36 6.80 -9.98
CA GLY E 238 -3.53 7.27 -11.08
C GLY E 238 -2.57 8.37 -10.67
N GLU F 13 17.57 -21.85 -27.81
CA GLU F 13 17.47 -21.10 -29.05
C GLU F 13 16.48 -19.93 -28.90
N GLU F 14 15.23 -20.27 -28.63
CA GLU F 14 14.20 -19.26 -28.43
C GLU F 14 14.16 -18.79 -26.97
N LEU F 15 13.18 -17.95 -26.64
CA LEU F 15 13.05 -17.46 -25.27
C LEU F 15 11.63 -17.03 -24.96
N PHE F 16 10.77 -18.02 -24.67
CA PHE F 16 9.39 -17.76 -24.30
C PHE F 16 9.01 -18.51 -23.04
N THR F 17 10.01 -18.86 -22.24
CA THR F 17 9.78 -19.47 -20.95
C THR F 17 9.33 -18.41 -19.96
N GLY F 18 8.07 -18.51 -19.53
CA GLY F 18 7.49 -17.51 -18.65
C GLY F 18 6.57 -16.57 -19.40
N VAL F 19 5.91 -15.68 -18.67
CA VAL F 19 4.97 -14.73 -19.25
C VAL F 19 5.67 -13.57 -19.92
N VAL F 20 5.38 -13.34 -21.21
CA VAL F 20 5.96 -12.21 -21.94
C VAL F 20 4.86 -11.26 -22.46
N PRO F 21 5.09 -9.95 -22.32
CA PRO F 21 4.06 -8.97 -22.71
C PRO F 21 3.90 -8.84 -24.22
N ILE F 22 2.67 -8.61 -24.67
CA ILE F 22 2.36 -8.53 -26.09
C ILE F 22 1.72 -7.20 -26.47
N LEU F 23 2.25 -6.58 -27.54
CA LEU F 23 1.61 -5.42 -28.16
C LEU F 23 1.36 -5.69 -29.65
N VAL F 24 0.16 -5.33 -30.10
CA VAL F 24 -0.26 -5.51 -31.48
C VAL F 24 -0.76 -4.19 -32.04
N GLU F 25 -0.27 -3.84 -33.22
CA GLU F 25 -0.71 -2.62 -33.88
C GLU F 25 -1.13 -2.94 -35.30
N LEU F 26 -2.38 -2.66 -35.65
CA LEU F 26 -2.86 -2.93 -37.00
C LEU F 26 -3.32 -1.64 -37.67
N ASP F 27 -2.90 -1.45 -38.91
CA ASP F 27 -3.43 -0.37 -39.74
C ASP F 27 -4.10 -0.98 -40.96
N GLY F 28 -5.42 -0.80 -41.04
CA GLY F 28 -6.20 -1.42 -42.10
C GLY F 28 -6.99 -0.45 -42.96
N ASP F 29 -7.41 -0.94 -44.13
CA ASP F 29 -8.14 -0.14 -45.10
C ASP F 29 -9.16 -1.03 -45.80
N VAL F 30 -10.41 -1.01 -45.32
CA VAL F 30 -11.46 -1.82 -45.90
C VAL F 30 -12.42 -0.98 -46.74
N ASN F 31 -12.37 -1.19 -48.06
CA ASN F 31 -13.20 -0.44 -49.01
C ASN F 31 -13.08 1.08 -48.90
N GLY F 32 -11.88 1.55 -48.56
CA GLY F 32 -11.65 2.97 -48.37
C GLY F 32 -11.76 3.38 -46.91
N HIS F 33 -12.53 2.62 -46.14
CA HIS F 33 -12.70 2.90 -44.72
C HIS F 33 -11.44 2.51 -43.96
N LYS F 34 -10.57 3.48 -43.73
CA LYS F 34 -9.32 3.22 -43.04
C LYS F 34 -9.50 3.23 -41.52
N PHE F 35 -8.70 2.45 -40.81
CA PHE F 35 -8.86 2.30 -39.37
C PHE F 35 -7.59 1.73 -38.74
N SER F 36 -7.51 1.82 -37.41
CA SER F 36 -6.36 1.30 -36.68
C SER F 36 -6.80 0.58 -35.41
N VAL F 37 -6.11 -0.52 -35.08
CA VAL F 37 -6.42 -1.30 -33.89
C VAL F 37 -5.18 -1.48 -33.02
N ARG F 38 -5.32 -1.24 -31.71
CA ARG F 38 -4.23 -1.48 -30.79
C ARG F 38 -4.62 -2.50 -29.74
N GLY F 39 -3.76 -3.50 -29.55
CA GLY F 39 -4.02 -4.55 -28.58
C GLY F 39 -2.88 -4.71 -27.60
N GLU F 40 -3.19 -4.64 -26.31
CA GLU F 40 -2.17 -4.86 -25.28
C GLU F 40 -2.54 -6.05 -24.41
N GLY F 41 -1.54 -6.82 -24.00
CA GLY F 41 -1.79 -7.95 -23.12
C GLY F 41 -0.56 -8.73 -22.76
N GLU F 42 -0.74 -10.02 -22.45
CA GLU F 42 0.37 -10.88 -22.12
C GLU F 42 0.15 -12.32 -22.60
N GLY F 43 1.24 -12.96 -22.99
CA GLY F 43 1.21 -14.32 -23.49
C GLY F 43 2.05 -15.27 -22.68
N ASP F 44 1.55 -16.50 -22.50
CA ASP F 44 2.22 -17.52 -21.72
C ASP F 44 2.38 -18.78 -22.55
N ALA F 45 3.47 -18.85 -23.31
CA ALA F 45 3.72 -19.98 -24.21
C ALA F 45 3.89 -21.30 -23.45
N THR F 46 4.26 -21.19 -22.18
CA THR F 46 4.41 -22.37 -21.33
C THR F 46 3.08 -23.09 -21.17
N ASN F 47 2.01 -22.32 -21.00
CA ASN F 47 0.67 -22.88 -20.89
C ASN F 47 -0.14 -22.64 -22.16
N GLY F 48 0.50 -22.07 -23.18
CA GLY F 48 -0.16 -21.78 -24.45
C GLY F 48 -1.30 -20.80 -24.28
N LYS F 49 -1.17 -19.89 -23.31
CA LYS F 49 -2.24 -18.98 -22.96
C LYS F 49 -1.99 -17.56 -23.48
N LEU F 50 -3.02 -16.97 -24.09
CA LEU F 50 -2.96 -15.61 -24.59
C LEU F 50 -4.05 -14.79 -23.92
N THR F 51 -3.69 -13.64 -23.37
CA THR F 51 -4.70 -12.74 -22.83
C THR F 51 -4.46 -11.32 -23.34
N LEU F 52 -5.29 -10.89 -24.28
CA LEU F 52 -5.11 -9.59 -24.89
C LEU F 52 -6.38 -8.74 -24.87
N LYS F 53 -6.23 -7.44 -25.04
CA LYS F 53 -7.36 -6.55 -25.19
C LYS F 53 -7.10 -5.60 -26.36
N PHE F 54 -7.99 -5.65 -27.35
CA PHE F 54 -7.86 -4.81 -28.53
C PHE F 54 -8.92 -3.71 -28.51
N ILE F 55 -8.55 -2.53 -29.01
CA ILE F 55 -9.53 -1.47 -29.25
C ILE F 55 -9.26 -0.82 -30.60
N CYS F 56 -10.29 -0.23 -31.19
CA CYS F 56 -10.11 0.53 -32.41
C CYS F 56 -9.82 1.98 -32.04
N THR F 57 -8.58 2.40 -32.29
CA THR F 57 -8.13 3.72 -31.86
C THR F 57 -8.68 4.86 -32.73
N THR F 58 -9.30 4.51 -33.85
CA THR F 58 -9.82 5.53 -34.77
C THR F 58 -11.33 5.73 -34.59
N GLY F 59 -11.96 4.88 -33.80
CA GLY F 59 -13.40 4.96 -33.59
C GLY F 59 -14.08 3.61 -33.69
N LYS F 60 -15.18 3.56 -34.43
CA LYS F 60 -15.91 2.31 -34.61
C LYS F 60 -15.28 1.43 -35.67
N LEU F 61 -15.06 0.16 -35.33
CA LEU F 61 -14.50 -0.80 -36.28
C LEU F 61 -15.50 -1.07 -37.40
N PRO F 62 -15.07 -0.91 -38.66
CA PRO F 62 -15.93 -1.08 -39.84
C PRO F 62 -16.30 -2.54 -40.10
N VAL F 63 -15.55 -3.45 -39.48
CA VAL F 63 -15.75 -4.88 -39.69
C VAL F 63 -15.96 -5.56 -38.32
N PRO F 64 -16.70 -6.68 -38.28
CA PRO F 64 -16.87 -7.41 -37.01
C PRO F 64 -15.54 -7.84 -36.39
N TRP F 65 -15.51 -7.89 -35.06
CA TRP F 65 -14.31 -8.30 -34.35
C TRP F 65 -13.77 -9.71 -34.67
N PRO F 66 -14.66 -10.72 -34.76
CA PRO F 66 -14.15 -12.06 -35.11
C PRO F 66 -13.38 -12.12 -36.44
N THR F 67 -13.69 -11.21 -37.36
CA THR F 67 -13.03 -11.20 -38.66
C THR F 67 -11.56 -10.79 -38.58
N LEU F 68 -11.16 -10.21 -37.45
CA LEU F 68 -9.77 -9.77 -37.29
C LEU F 68 -8.99 -10.64 -36.30
N VAL F 69 -9.62 -11.71 -35.80
CA VAL F 69 -8.98 -12.60 -34.84
C VAL F 69 -7.74 -13.29 -35.40
N THR F 70 -7.90 -13.97 -36.53
CA THR F 70 -6.80 -14.69 -37.16
C THR F 70 -5.65 -13.76 -37.57
N THR F 71 -5.97 -12.51 -37.87
CA THR F 71 -4.99 -11.55 -38.38
C THR F 71 -4.21 -10.88 -37.23
N LEU F 72 -4.93 -10.53 -36.17
CA LEU F 72 -4.31 -9.89 -35.00
C LEU F 72 -3.40 -10.87 -34.25
C3 KWS F 73 0.04 -13.89 -34.86
N1 KWS F 73 -3.70 -12.00 -34.00
O3 KWS F 73 1.15 -13.58 -35.40
C1 KWS F 73 -3.33 -14.34 -34.25
C2 KWS F 73 -2.36 -15.64 -36.00
N2 KWS F 73 -4.01 -15.46 -34.40
O2 KWS F 73 -1.64 -16.02 -36.90
N3 KWS F 73 -2.23 -14.40 -35.26
CA1 KWS F 73 -3.55 -13.22 -33.26
CB KWS F 73 -4.78 -13.54 -32.39
CA2 KWS F 73 -3.51 -16.28 -35.41
CA3 KWS F 73 -1.24 -13.44 -35.42
CB2 KWS F 73 -4.02 -17.47 -35.77
OG1 KWS F 73 -5.92 -13.18 -33.04
CG2 KWS F 73 -4.69 -12.84 -31.11
N VAL F 74 -0.31 -13.96 -33.56
CA VAL F 74 0.96 -14.38 -32.97
C VAL F 74 0.96 -15.87 -32.58
N GLN F 75 1.66 -16.66 -33.39
CA GLN F 75 1.69 -18.11 -33.23
C GLN F 75 2.95 -18.55 -32.49
N CYS F 76 3.78 -17.59 -32.09
CA CYS F 76 5.00 -17.87 -31.34
C CYS F 76 4.70 -18.20 -29.88
N PHE F 77 3.42 -18.13 -29.51
CA PHE F 77 3.00 -18.45 -28.15
C PHE F 77 2.25 -19.78 -28.10
N SER F 78 2.24 -20.49 -29.21
CA SER F 78 1.61 -21.81 -29.27
C SER F 78 2.45 -22.83 -28.51
N ARG F 79 1.78 -23.64 -27.68
CA ARG F 79 2.47 -24.67 -26.91
C ARG F 79 2.95 -25.82 -27.78
N TYR F 80 4.27 -26.04 -27.79
CA TYR F 80 4.87 -27.18 -28.47
C TYR F 80 5.46 -28.13 -27.44
N PRO F 81 4.93 -29.36 -27.36
CA PRO F 81 5.42 -30.37 -26.42
C PRO F 81 6.88 -30.75 -26.71
N ASP F 82 7.50 -31.49 -25.79
CA ASP F 82 8.92 -31.82 -25.88
C ASP F 82 9.27 -32.72 -27.07
N HIS F 83 8.45 -33.73 -27.33
CA HIS F 83 8.71 -34.63 -28.44
C HIS F 83 8.56 -33.92 -29.79
N MET F 84 7.79 -32.83 -29.79
CA MET F 84 7.66 -31.98 -30.96
C MET F 84 8.21 -30.59 -30.68
N LYS F 85 9.28 -30.51 -29.89
CA LYS F 85 9.90 -29.23 -29.59
C LYS F 85 10.60 -28.68 -30.83
N ARG F 86 11.04 -29.58 -31.70
CA ARG F 86 11.50 -29.20 -33.02
C ARG F 86 10.25 -29.01 -33.88
N HIS F 87 10.43 -28.77 -35.17
CA HIS F 87 9.33 -28.46 -36.09
C HIS F 87 8.65 -27.14 -35.72
N ASP F 88 9.24 -26.39 -34.80
CA ASP F 88 8.67 -25.12 -34.36
C ASP F 88 9.36 -23.95 -35.05
N PHE F 89 8.71 -23.44 -36.09
CA PHE F 89 9.23 -22.29 -36.81
C PHE F 89 9.06 -21.01 -35.99
N PHE F 90 7.88 -20.87 -35.42
CA PHE F 90 7.45 -19.64 -34.74
C PHE F 90 8.44 -19.10 -33.71
N LYS F 91 8.88 -19.96 -32.79
CA LYS F 91 9.76 -19.51 -31.72
C LYS F 91 11.21 -19.41 -32.17
N SER F 92 11.59 -20.27 -33.10
CA SER F 92 12.97 -20.33 -33.60
C SER F 92 13.43 -19.05 -34.29
N ALA F 93 12.49 -18.30 -34.85
CA ALA F 93 12.82 -17.08 -35.58
C ALA F 93 12.98 -15.87 -34.66
N MET F 94 12.78 -16.10 -33.36
CA MET F 94 12.91 -15.03 -32.37
C MET F 94 14.35 -14.90 -31.92
N PRO F 95 14.77 -13.67 -31.55
CA PRO F 95 13.96 -12.44 -31.56
C PRO F 95 14.00 -11.71 -32.90
N GLU F 96 14.65 -12.29 -33.89
CA GLU F 96 14.82 -11.63 -35.19
C GLU F 96 13.49 -11.34 -35.87
N GLY F 97 12.53 -12.26 -35.74
CA GLY F 97 11.18 -12.03 -36.22
C GLY F 97 10.81 -12.71 -37.51
N TYR F 98 9.51 -12.75 -37.81
CA TYR F 98 9.03 -13.30 -39.06
C TYR F 98 7.94 -12.44 -39.70
N VAL F 99 7.89 -12.48 -41.03
CA VAL F 99 6.87 -11.79 -41.80
C VAL F 99 5.75 -12.77 -42.14
N GLN F 100 4.56 -12.49 -41.60
CA GLN F 100 3.38 -13.33 -41.81
C GLN F 100 2.40 -12.66 -42.77
N GLU F 101 2.34 -13.19 -43.99
CA GLU F 101 1.43 -12.66 -45.01
C GLU F 101 0.24 -13.59 -45.21
N ARG F 102 -0.94 -13.00 -45.32
CA ARG F 102 -2.16 -13.77 -45.50
C ARG F 102 -3.08 -13.17 -46.57
N THR F 103 -3.76 -14.04 -47.28
CA THR F 103 -4.85 -13.64 -48.16
C THR F 103 -6.11 -14.35 -47.67
N ILE F 104 -7.09 -13.56 -47.25
CA ILE F 104 -8.32 -14.10 -46.69
C ILE F 104 -9.50 -13.80 -47.59
N SER F 105 -9.98 -14.80 -48.32
CA SER F 105 -11.12 -14.59 -49.20
C SER F 105 -12.41 -15.03 -48.52
N PHE F 106 -13.32 -14.09 -48.30
CA PHE F 106 -14.63 -14.41 -47.74
C PHE F 106 -15.57 -14.90 -48.84
N LYS F 107 -16.25 -16.01 -48.57
CA LYS F 107 -17.16 -16.60 -49.54
C LYS F 107 -18.31 -15.65 -49.88
N ASP F 108 -18.51 -15.41 -51.17
CA ASP F 108 -19.52 -14.49 -51.66
C ASP F 108 -19.35 -13.07 -51.08
N ASP F 109 -18.10 -12.66 -50.89
CA ASP F 109 -17.80 -11.33 -50.36
C ASP F 109 -16.37 -10.87 -50.74
N GLY F 110 -15.81 -9.99 -49.93
CA GLY F 110 -14.53 -9.36 -50.25
C GLY F 110 -13.28 -10.09 -49.76
N THR F 111 -12.13 -9.45 -49.95
CA THR F 111 -10.84 -10.09 -49.70
C THR F 111 -9.91 -9.26 -48.83
N TYR F 112 -9.35 -9.89 -47.80
CA TYR F 112 -8.30 -9.31 -46.98
C TYR F 112 -6.95 -9.60 -47.60
N LYS F 113 -6.10 -8.58 -47.67
CA LYS F 113 -4.69 -8.77 -48.02
C LYS F 113 -3.83 -8.22 -46.89
N THR F 114 -3.28 -9.12 -46.07
CA THR F 114 -2.56 -8.71 -44.88
C THR F 114 -1.07 -9.05 -44.92
N ARG F 115 -0.25 -8.14 -44.42
CA ARG F 115 1.17 -8.41 -44.21
C ARG F 115 1.59 -7.93 -42.83
N ALA F 116 2.15 -8.82 -42.04
CA ALA F 116 2.57 -8.45 -40.68
C ALA F 116 4.02 -8.75 -40.38
N GLU F 117 4.64 -7.90 -39.58
CA GLU F 117 5.94 -8.17 -39.00
C GLU F 117 5.74 -8.53 -37.53
N VAL F 118 6.06 -9.77 -37.18
CA VAL F 118 5.98 -10.21 -35.79
C VAL F 118 7.39 -10.43 -35.26
N LYS F 119 7.82 -9.57 -34.33
CA LYS F 119 9.19 -9.61 -33.85
C LYS F 119 9.32 -9.08 -32.43
N PHE F 120 10.48 -9.31 -31.80
CA PHE F 120 10.69 -8.93 -30.42
C PHE F 120 11.35 -7.56 -30.29
N GLU F 121 10.59 -6.57 -29.82
CA GLU F 121 11.14 -5.25 -29.51
C GLU F 121 11.27 -5.10 -28.01
N GLY F 122 12.50 -5.09 -27.52
CA GLY F 122 12.76 -5.05 -26.09
C GLY F 122 12.35 -6.35 -25.44
N ASP F 123 11.64 -6.26 -24.32
CA ASP F 123 11.12 -7.45 -23.65
C ASP F 123 9.65 -7.68 -24.01
N THR F 124 9.21 -7.04 -25.10
CA THR F 124 7.82 -7.13 -25.53
C THR F 124 7.70 -7.69 -26.94
N LEU F 125 6.81 -8.66 -27.11
CA LEU F 125 6.55 -9.24 -28.42
C LEU F 125 5.59 -8.34 -29.20
N VAL F 126 5.96 -8.04 -30.45
CA VAL F 126 5.23 -7.06 -31.25
C VAL F 126 4.68 -7.65 -32.54
N ASN F 127 3.41 -7.36 -32.80
CA ASN F 127 2.75 -7.76 -34.04
C ASN F 127 2.25 -6.53 -34.80
N ARG F 128 3.01 -6.07 -35.79
CA ARG F 128 2.60 -4.92 -36.58
C ARG F 128 2.05 -5.31 -37.95
N ILE F 129 0.80 -4.94 -38.21
CA ILE F 129 0.06 -5.45 -39.36
C ILE F 129 -0.41 -4.35 -40.30
N GLU F 130 -0.31 -4.62 -41.59
CA GLU F 130 -0.90 -3.77 -42.62
C GLU F 130 -1.97 -4.58 -43.35
N LEU F 131 -3.20 -4.08 -43.33
CA LEU F 131 -4.34 -4.82 -43.90
C LEU F 131 -5.06 -4.04 -45.01
N LYS F 132 -5.36 -4.72 -46.11
CA LYS F 132 -6.07 -4.10 -47.23
C LYS F 132 -7.24 -4.95 -47.70
N GLY F 133 -8.45 -4.57 -47.30
CA GLY F 133 -9.66 -5.26 -47.71
C GLY F 133 -10.26 -4.63 -48.97
N ILE F 134 -10.48 -5.43 -49.99
CA ILE F 134 -11.03 -4.92 -51.25
C ILE F 134 -12.20 -5.77 -51.74
N ASP F 135 -12.98 -5.21 -52.67
CA ASP F 135 -14.10 -5.90 -53.30
C ASP F 135 -15.15 -6.41 -52.32
N PHE F 136 -15.24 -5.76 -51.16
CA PHE F 136 -16.28 -6.09 -50.19
C PHE F 136 -17.59 -5.40 -50.57
N LYS F 137 -18.68 -6.16 -50.53
CA LYS F 137 -19.99 -5.61 -50.82
C LYS F 137 -20.68 -5.15 -49.55
N GLU F 138 -21.46 -4.07 -49.65
CA GLU F 138 -22.26 -3.61 -48.52
C GLU F 138 -23.42 -4.58 -48.34
N ASP F 139 -24.16 -4.42 -47.25
CA ASP F 139 -25.31 -5.28 -46.93
C ASP F 139 -24.95 -6.75 -46.69
N GLY F 140 -23.68 -7.10 -46.91
CA GLY F 140 -23.19 -8.43 -46.61
C GLY F 140 -22.92 -8.60 -45.12
N ASN F 141 -22.42 -9.77 -44.74
CA ASN F 141 -22.17 -10.07 -43.33
C ASN F 141 -21.02 -9.24 -42.76
N ILE F 142 -20.11 -8.83 -43.63
CA ILE F 142 -18.89 -8.13 -43.22
C ILE F 142 -19.11 -6.63 -42.97
N LEU F 143 -19.67 -5.93 -43.95
CA LEU F 143 -19.87 -4.49 -43.81
C LEU F 143 -21.20 -4.19 -43.15
N GLY F 144 -22.06 -5.20 -43.07
CA GLY F 144 -23.37 -5.05 -42.46
C GLY F 144 -23.40 -5.46 -41.01
N HIS F 145 -22.26 -5.92 -40.50
CA HIS F 145 -22.14 -6.38 -39.12
C HIS F 145 -23.20 -7.39 -38.73
N LYS F 146 -23.23 -8.51 -39.44
CA LYS F 146 -24.24 -9.54 -39.19
C LYS F 146 -23.63 -10.77 -38.53
N LEU F 147 -22.39 -10.65 -38.06
CA LEU F 147 -21.69 -11.78 -37.45
C LEU F 147 -21.77 -11.76 -35.93
N GLU F 148 -21.97 -12.94 -35.34
CA GLU F 148 -22.06 -13.07 -33.90
C GLU F 148 -20.70 -12.88 -33.23
N TYR F 149 -20.71 -12.44 -31.97
CA TYR F 149 -19.48 -12.13 -31.26
C TYR F 149 -18.82 -13.38 -30.68
N ASN F 150 -18.33 -14.24 -31.58
CA ASN F 150 -17.63 -15.45 -31.17
C ASN F 150 -16.66 -15.94 -32.23
N PHE F 151 -16.00 -17.06 -31.96
CA PHE F 151 -15.00 -17.58 -32.87
C PHE F 151 -14.65 -19.04 -32.58
N ASN F 152 -14.98 -19.93 -33.51
CA ASN F 152 -14.55 -21.32 -33.43
C ASN F 152 -13.66 -21.66 -34.62
N SER F 153 -12.92 -22.77 -34.53
CA SER F 153 -11.98 -23.13 -35.58
C SER F 153 -11.75 -24.62 -35.70
N HIS F 154 -11.37 -25.06 -36.90
CA HIS F 154 -10.89 -26.41 -37.11
C HIS F 154 -9.43 -26.47 -36.71
N ASN F 155 -8.83 -27.67 -36.81
CA ASN F 155 -7.40 -27.80 -36.61
C ASN F 155 -6.67 -27.17 -37.80
N VAL F 156 -5.58 -26.47 -37.52
CA VAL F 156 -4.79 -25.88 -38.60
C VAL F 156 -3.88 -26.95 -39.18
N TYR F 157 -2.92 -26.54 -40.00
CA TYR F 157 -1.94 -27.47 -40.58
C TYR F 157 -0.83 -26.69 -41.25
N ILE F 158 0.33 -26.62 -40.60
CA ILE F 158 1.46 -25.91 -41.18
C ILE F 158 2.44 -26.87 -41.86
N THR F 159 2.93 -26.44 -43.01
CA THR F 159 3.86 -27.24 -43.81
C THR F 159 5.12 -26.42 -44.06
N ALA F 160 6.21 -27.10 -44.37
CA ALA F 160 7.45 -26.41 -44.70
C ALA F 160 7.44 -25.96 -46.16
N ASP F 161 7.76 -24.69 -46.40
CA ASP F 161 7.69 -24.15 -47.75
C ASP F 161 9.05 -23.77 -48.32
N LYS F 162 9.31 -24.23 -49.55
CA LYS F 162 10.45 -23.76 -50.32
C LYS F 162 10.19 -22.30 -50.66
N GLN F 163 11.26 -21.54 -50.88
CA GLN F 163 11.16 -20.10 -50.88
C GLN F 163 11.22 -19.72 -49.41
N LYS F 164 11.88 -20.58 -48.64
CA LYS F 164 12.00 -20.42 -47.20
C LYS F 164 12.72 -21.63 -46.58
N ASN F 165 13.19 -21.54 -45.33
CA ASN F 165 13.02 -20.42 -44.40
C ASN F 165 11.58 -19.94 -44.20
N GLY F 166 10.72 -20.83 -43.74
CA GLY F 166 9.34 -20.46 -43.51
C GLY F 166 8.30 -21.55 -43.70
N ILE F 167 7.05 -21.18 -43.48
CA ILE F 167 5.96 -22.17 -43.53
C ILE F 167 4.76 -21.69 -44.35
N LYS F 168 3.96 -22.67 -44.78
CA LYS F 168 2.74 -22.37 -45.53
C LYS F 168 1.56 -23.10 -44.89
N ALA F 169 0.41 -22.44 -44.86
CA ALA F 169 -0.80 -23.04 -44.27
C ALA F 169 -2.04 -22.59 -45.03
N ASN F 170 -3.01 -23.49 -45.13
CA ASN F 170 -4.28 -23.17 -45.78
C ASN F 170 -5.43 -23.66 -44.92
N PHE F 171 -6.32 -22.75 -44.52
CA PHE F 171 -7.41 -23.19 -43.64
C PHE F 171 -8.74 -22.45 -43.82
N LYS F 172 -9.81 -23.05 -43.31
CA LYS F 172 -11.15 -22.51 -43.48
C LYS F 172 -11.74 -22.08 -42.14
N ILE F 173 -12.07 -20.80 -42.02
CA ILE F 173 -12.72 -20.30 -40.80
C ILE F 173 -14.20 -20.04 -41.06
N ARG F 174 -15.06 -20.62 -40.22
CA ARG F 174 -16.49 -20.44 -40.35
C ARG F 174 -17.01 -19.45 -39.31
N HIS F 175 -17.23 -18.20 -39.73
CA HIS F 175 -17.80 -17.20 -38.84
C HIS F 175 -19.31 -17.41 -38.74
N ASN F 176 -19.87 -17.17 -37.56
CA ASN F 176 -21.31 -17.35 -37.36
C ASN F 176 -22.12 -16.09 -37.68
N VAL F 177 -23.12 -16.25 -38.53
CA VAL F 177 -24.01 -15.15 -38.91
C VAL F 177 -25.19 -15.12 -37.95
N GLU F 178 -25.76 -13.94 -37.74
CA GLU F 178 -26.83 -13.76 -36.76
C GLU F 178 -28.12 -14.49 -37.13
N ASP F 179 -28.33 -14.75 -38.41
CA ASP F 179 -29.53 -15.46 -38.85
C ASP F 179 -29.42 -16.98 -38.70
N GLY F 180 -28.21 -17.45 -38.39
CA GLY F 180 -27.97 -18.87 -38.21
C GLY F 180 -27.12 -19.49 -39.30
N SER F 181 -26.80 -18.69 -40.32
CA SER F 181 -25.99 -19.18 -41.43
C SER F 181 -24.49 -19.10 -41.13
N VAL F 182 -23.68 -19.38 -42.14
CA VAL F 182 -22.23 -19.42 -41.95
C VAL F 182 -21.50 -18.61 -43.00
N GLN F 183 -20.58 -17.76 -42.55
CA GLN F 183 -19.72 -16.98 -43.43
C GLN F 183 -18.36 -17.64 -43.53
N LEU F 184 -18.04 -18.16 -44.72
CA LEU F 184 -16.77 -18.83 -44.94
C LEU F 184 -15.62 -17.85 -45.15
N ALA F 185 -14.44 -18.21 -44.66
CA ALA F 185 -13.25 -17.40 -44.82
C ALA F 185 -12.04 -18.27 -45.11
N ASP F 186 -11.62 -18.25 -46.37
CA ASP F 186 -10.47 -19.04 -46.82
C ASP F 186 -9.17 -18.28 -46.51
N HIS F 187 -8.31 -18.91 -45.73
CA HIS F 187 -7.05 -18.32 -45.33
C HIS F 187 -5.85 -18.98 -46.01
N TYR F 188 -5.17 -18.19 -46.83
CA TYR F 188 -3.91 -18.55 -47.47
C TYR F 188 -2.78 -17.87 -46.70
N GLN F 189 -1.96 -18.64 -46.02
CA GLN F 189 -0.95 -18.09 -45.11
C GLN F 189 0.48 -18.51 -45.46
N GLN F 190 1.39 -17.55 -45.46
CA GLN F 190 2.81 -17.84 -45.62
C GLN F 190 3.66 -17.00 -44.66
N ASN F 191 4.56 -17.66 -43.93
CA ASN F 191 5.44 -16.96 -42.99
C ASN F 191 6.90 -17.16 -43.37
N THR F 192 7.67 -16.07 -43.40
CA THR F 192 9.12 -16.16 -43.66
C THR F 192 9.92 -15.11 -42.89
N PRO F 193 11.01 -15.53 -42.21
CA PRO F 193 11.74 -14.64 -41.32
C PRO F 193 12.74 -13.72 -42.03
N ILE F 194 13.33 -12.81 -41.27
CA ILE F 194 14.36 -11.92 -41.78
C ILE F 194 15.62 -12.74 -42.06
N GLY F 195 15.87 -13.73 -41.20
CA GLY F 195 16.98 -14.65 -41.37
C GLY F 195 18.10 -14.41 -40.38
N ASP F 196 19.00 -15.39 -40.24
CA ASP F 196 18.95 -16.62 -41.03
C ASP F 196 19.24 -17.85 -40.18
N GLY F 197 18.45 -18.90 -40.36
CA GLY F 197 18.69 -20.18 -39.72
C GLY F 197 17.66 -20.63 -38.70
N PRO F 198 16.46 -21.05 -39.18
CA PRO F 198 15.43 -21.55 -38.28
C PRO F 198 15.32 -23.08 -38.35
N PRO F 202 10.64 -27.71 -40.43
CA PRO F 202 9.49 -28.26 -39.70
C PRO F 202 8.67 -29.23 -40.54
N ASP F 203 8.26 -30.36 -39.97
CA ASP F 203 7.45 -31.32 -40.70
C ASP F 203 5.96 -31.06 -40.48
N ASN F 204 5.12 -31.80 -41.20
CA ASN F 204 3.69 -31.56 -41.17
C ASN F 204 3.03 -31.90 -39.83
N HIS F 205 2.72 -30.86 -39.06
CA HIS F 205 1.99 -31.02 -37.81
C HIS F 205 0.85 -30.01 -37.78
N TYR F 206 -0.07 -30.15 -36.82
CA TYR F 206 -1.22 -29.27 -36.76
C TYR F 206 -1.36 -28.53 -35.43
N LEU F 207 -1.93 -27.34 -35.49
CA LEU F 207 -2.21 -26.55 -34.30
C LEU F 207 -3.70 -26.59 -33.97
N SER F 208 -4.02 -26.73 -32.69
CA SER F 208 -5.40 -26.62 -32.24
C SER F 208 -5.56 -25.33 -31.44
N THR F 209 -6.53 -24.52 -31.85
CA THR F 209 -6.77 -23.24 -31.18
C THR F 209 -8.22 -23.11 -30.72
N GLN F 210 -8.40 -22.54 -29.54
CA GLN F 210 -9.71 -22.29 -28.99
C GLN F 210 -9.75 -20.88 -28.43
N SER F 211 -10.65 -20.06 -28.95
CA SER F 211 -10.72 -18.66 -28.55
C SER F 211 -12.02 -18.32 -27.84
N VAL F 212 -11.92 -17.40 -26.88
CA VAL F 212 -13.08 -16.86 -26.18
C VAL F 212 -13.01 -15.35 -26.20
N LEU F 213 -14.00 -14.71 -26.81
CA LEU F 213 -14.05 -13.27 -26.86
C LEU F 213 -15.05 -12.72 -25.85
N SER F 214 -14.70 -11.60 -25.23
CA SER F 214 -15.61 -10.95 -24.28
C SER F 214 -15.43 -9.44 -24.30
N LYS F 215 -16.15 -8.76 -23.42
CA LYS F 215 -16.11 -7.31 -23.35
C LYS F 215 -15.73 -6.83 -21.95
N ASP F 216 -14.99 -5.72 -21.90
CA ASP F 216 -14.73 -5.03 -20.65
C ASP F 216 -15.94 -4.14 -20.34
N PRO F 217 -16.61 -4.40 -19.22
CA PRO F 217 -17.79 -3.61 -18.83
C PRO F 217 -17.43 -2.17 -18.55
N ASN F 218 -16.19 -1.92 -18.16
CA ASN F 218 -15.72 -0.56 -17.90
C ASN F 218 -15.05 0.09 -19.11
N GLU F 219 -15.30 -0.46 -20.30
CA GLU F 219 -14.78 0.12 -21.53
C GLU F 219 -15.91 0.56 -22.47
N LYS F 220 -16.05 1.87 -22.63
CA LYS F 220 -17.15 2.44 -23.40
C LYS F 220 -16.81 2.57 -24.88
N ARG F 221 -15.68 2.03 -25.29
CA ARG F 221 -15.24 2.13 -26.68
C ARG F 221 -15.31 0.78 -27.38
N ASP F 222 -15.26 0.80 -28.70
CA ASP F 222 -15.31 -0.43 -29.50
C ASP F 222 -14.07 -1.27 -29.21
N HIS F 223 -14.28 -2.43 -28.60
CA HIS F 223 -13.17 -3.25 -28.12
C HIS F 223 -13.46 -4.74 -28.19
N MET F 224 -12.42 -5.53 -27.91
CA MET F 224 -12.55 -6.98 -27.79
C MET F 224 -11.48 -7.51 -26.84
N VAL F 225 -11.89 -8.06 -25.69
CA VAL F 225 -10.93 -8.76 -24.85
C VAL F 225 -10.90 -10.25 -25.18
N LEU F 226 -9.77 -10.69 -25.73
CA LEU F 226 -9.61 -12.03 -26.24
C LEU F 226 -8.76 -12.90 -25.34
N LEU F 227 -9.31 -14.05 -24.95
CA LEU F 227 -8.58 -15.07 -24.21
C LEU F 227 -8.42 -16.24 -25.17
N GLU F 228 -7.22 -16.80 -25.25
CA GLU F 228 -6.95 -17.80 -26.28
C GLU F 228 -6.06 -18.95 -25.80
N PHE F 229 -6.47 -20.18 -26.11
CA PHE F 229 -5.69 -21.36 -25.76
C PHE F 229 -5.29 -22.14 -27.01
N VAL F 230 -3.99 -22.23 -27.26
CA VAL F 230 -3.48 -22.89 -28.46
C VAL F 230 -2.40 -23.92 -28.15
N THR F 231 -2.61 -25.16 -28.60
CA THR F 231 -1.64 -26.23 -28.41
C THR F 231 -1.22 -26.82 -29.75
N ALA F 232 -0.15 -27.61 -29.76
CA ALA F 232 0.29 -28.28 -30.98
C ALA F 232 0.16 -29.79 -30.83
N ALA F 233 0.07 -30.49 -31.96
CA ALA F 233 -0.07 -31.95 -31.94
C ALA F 233 0.45 -32.58 -33.24
N GLY G 12 -38.61 45.15 -34.07
CA GLY G 12 -38.49 43.88 -33.38
C GLY G 12 -37.06 43.58 -32.96
N GLU G 13 -36.11 44.01 -33.79
CA GLU G 13 -34.70 43.85 -33.49
C GLU G 13 -34.28 44.71 -32.30
N GLU G 14 -35.10 45.71 -31.98
CA GLU G 14 -34.75 46.69 -30.95
C GLU G 14 -34.99 46.19 -29.54
N LEU G 15 -35.05 44.87 -29.37
CA LEU G 15 -35.10 44.27 -28.05
C LEU G 15 -33.85 43.43 -27.87
N PHE G 16 -33.08 43.31 -28.94
CA PHE G 16 -31.89 42.48 -28.94
C PHE G 16 -30.62 43.25 -29.24
N THR G 17 -30.62 44.55 -28.96
CA THR G 17 -29.38 45.30 -28.95
C THR G 17 -28.84 45.29 -27.54
N GLY G 18 -27.59 44.88 -27.38
CA GLY G 18 -26.99 44.76 -26.07
C GLY G 18 -27.21 43.38 -25.48
N VAL G 19 -26.84 43.20 -24.22
CA VAL G 19 -26.93 41.90 -23.57
C VAL G 19 -28.27 41.72 -22.85
N VAL G 20 -28.99 40.65 -23.21
CA VAL G 20 -30.27 40.36 -22.57
C VAL G 20 -30.28 38.98 -21.91
N PRO G 21 -30.69 38.92 -20.63
CA PRO G 21 -30.71 37.67 -19.86
C PRO G 21 -31.68 36.64 -20.45
N ILE G 22 -31.30 35.37 -20.38
CA ILE G 22 -32.12 34.29 -20.90
C ILE G 22 -32.51 33.28 -19.82
N LEU G 23 -33.80 32.96 -19.80
CA LEU G 23 -34.33 31.90 -18.95
C LEU G 23 -35.00 30.82 -19.80
N VAL G 24 -34.55 29.58 -19.61
CA VAL G 24 -35.09 28.45 -20.33
C VAL G 24 -35.72 27.47 -19.34
N GLU G 25 -36.96 27.09 -19.60
CA GLU G 25 -37.64 26.11 -18.76
C GLU G 25 -38.12 24.94 -19.61
N LEU G 26 -37.67 23.73 -19.28
CA LEU G 26 -38.07 22.56 -20.05
C LEU G 26 -38.74 21.50 -19.18
N ASP G 27 -39.93 21.07 -19.59
CA ASP G 27 -40.58 19.94 -18.94
C ASP G 27 -40.71 18.80 -19.93
N GLY G 28 -39.97 17.72 -19.68
CA GLY G 28 -39.90 16.61 -20.61
C GLY G 28 -40.39 15.30 -20.04
N ASP G 29 -40.70 14.37 -20.93
CA ASP G 29 -41.18 13.05 -20.56
C ASP G 29 -40.76 12.07 -21.63
N VAL G 30 -39.71 11.30 -21.36
CA VAL G 30 -39.24 10.32 -22.34
C VAL G 30 -39.48 8.89 -21.86
N ASN G 31 -40.33 8.18 -22.59
CA ASN G 31 -40.72 6.80 -22.24
C ASN G 31 -41.23 6.66 -20.81
N GLY G 32 -41.97 7.66 -20.34
CA GLY G 32 -42.51 7.63 -19.00
C GLY G 32 -41.62 8.34 -17.99
N HIS G 33 -40.35 8.51 -18.34
CA HIS G 33 -39.40 9.18 -17.46
C HIS G 33 -39.56 10.69 -17.54
N LYS G 34 -40.19 11.27 -16.53
CA LYS G 34 -40.46 12.70 -16.50
C LYS G 34 -39.31 13.45 -15.83
N PHE G 35 -38.93 14.58 -16.42
CA PHE G 35 -37.82 15.37 -15.93
C PHE G 35 -38.03 16.85 -16.22
N SER G 36 -37.27 17.70 -15.53
CA SER G 36 -37.30 19.13 -15.80
C SER G 36 -35.89 19.70 -15.87
N VAL G 37 -35.73 20.74 -16.68
CA VAL G 37 -34.46 21.43 -16.84
C VAL G 37 -34.67 22.93 -16.71
N ARG G 38 -33.83 23.58 -15.91
CA ARG G 38 -33.82 25.04 -15.85
C ARG G 38 -32.47 25.57 -16.29
N GLY G 39 -32.46 26.39 -17.33
CA GLY G 39 -31.23 26.98 -17.82
C GLY G 39 -31.23 28.48 -17.69
N GLU G 40 -30.23 29.03 -17.04
CA GLU G 40 -30.14 30.49 -16.93
C GLU G 40 -28.85 30.99 -17.55
N GLY G 41 -28.91 32.19 -18.12
CA GLY G 41 -27.70 32.78 -18.67
C GLY G 41 -27.96 34.12 -19.33
N GLU G 42 -27.17 34.43 -20.34
CA GLU G 42 -27.36 35.66 -21.09
C GLU G 42 -26.99 35.53 -22.56
N GLY G 43 -27.78 36.19 -23.40
CA GLY G 43 -27.57 36.20 -24.83
C GLY G 43 -27.40 37.61 -25.36
N ASP G 44 -26.36 37.78 -26.16
CA ASP G 44 -26.11 39.05 -26.84
C ASP G 44 -26.79 38.93 -28.20
N ALA G 45 -26.77 40.00 -28.99
CA ALA G 45 -27.27 39.92 -30.37
C ALA G 45 -26.65 40.95 -31.31
N THR G 46 -25.32 41.02 -31.31
CA THR G 46 -24.57 41.82 -32.27
C THR G 46 -23.40 41.00 -32.82
N ASN G 47 -22.80 40.19 -31.96
CA ASN G 47 -21.60 39.41 -32.29
C ASN G 47 -21.90 37.98 -32.72
N GLY G 48 -22.20 37.11 -31.76
CA GLY G 48 -22.55 35.72 -32.04
C GLY G 48 -22.88 34.89 -30.80
N LYS G 49 -22.66 35.48 -29.63
CA LYS G 49 -22.63 34.78 -28.35
C LYS G 49 -23.96 34.33 -27.72
N LEU G 50 -23.88 33.18 -27.05
CA LEU G 50 -24.95 32.65 -26.19
C LEU G 50 -24.26 31.97 -25.01
N THR G 51 -24.46 32.49 -23.80
CA THR G 51 -23.85 31.85 -22.63
C THR G 51 -24.94 31.31 -21.70
N LEU G 52 -25.07 30.00 -21.63
CA LEU G 52 -26.13 29.41 -20.81
C LEU G 52 -25.64 28.33 -19.84
N LYS G 53 -26.44 28.07 -18.80
CA LYS G 53 -26.14 27.02 -17.84
C LYS G 53 -27.42 26.30 -17.43
N PHE G 54 -27.52 25.03 -17.85
CA PHE G 54 -28.71 24.23 -17.62
C PHE G 54 -28.51 23.23 -16.49
N ILE G 55 -29.53 23.06 -15.66
CA ILE G 55 -29.50 22.05 -14.61
C ILE G 55 -30.78 21.23 -14.65
N CYS G 56 -30.65 19.92 -14.49
CA CYS G 56 -31.81 19.06 -14.33
C CYS G 56 -32.32 19.21 -12.90
N THR G 57 -33.43 19.93 -12.74
CA THR G 57 -33.94 20.28 -11.42
C THR G 57 -34.58 19.08 -10.70
N THR G 58 -34.89 18.03 -11.45
CA THR G 58 -35.61 16.89 -10.88
C THR G 58 -34.69 15.71 -10.54
N GLY G 59 -33.42 15.80 -10.92
CA GLY G 59 -32.47 14.75 -10.60
C GLY G 59 -31.53 14.45 -11.76
N LYS G 60 -31.43 13.18 -12.13
CA LYS G 60 -30.59 12.79 -13.25
C LYS G 60 -31.35 12.87 -14.57
N LEU G 61 -30.71 13.45 -15.58
CA LEU G 61 -31.30 13.53 -16.90
C LEU G 61 -31.31 12.14 -17.54
N PRO G 62 -32.49 11.66 -17.94
CA PRO G 62 -32.66 10.32 -18.49
C PRO G 62 -32.14 10.21 -19.93
N VAL G 63 -31.85 11.35 -20.55
CA VAL G 63 -31.33 11.39 -21.91
C VAL G 63 -30.04 12.20 -21.93
N PRO G 64 -29.19 12.00 -22.95
CA PRO G 64 -27.95 12.79 -23.01
C PRO G 64 -28.22 14.26 -23.26
N TRP G 65 -27.42 15.14 -22.65
CA TRP G 65 -27.53 16.57 -22.87
C TRP G 65 -27.48 17.03 -24.34
N PRO G 66 -26.61 16.42 -25.19
CA PRO G 66 -26.61 16.82 -26.60
C PRO G 66 -27.97 16.70 -27.28
N THR G 67 -28.79 15.74 -26.85
CA THR G 67 -30.12 15.54 -27.43
C THR G 67 -31.08 16.68 -27.11
N LEU G 68 -30.70 17.55 -26.18
CA LEU G 68 -31.55 18.67 -25.80
C LEU G 68 -30.95 20.01 -26.19
N VAL G 69 -29.79 19.97 -26.83
CA VAL G 69 -29.12 21.19 -27.29
C VAL G 69 -29.99 21.98 -28.25
N THR G 70 -30.59 21.30 -29.23
CA THR G 70 -31.43 21.95 -30.23
C THR G 70 -32.76 22.44 -29.69
N THR G 71 -33.19 21.91 -28.55
CA THR G 71 -34.50 22.23 -27.99
C THR G 71 -34.43 23.33 -26.95
N LEU G 72 -33.35 23.33 -26.17
CA LEU G 72 -33.20 24.25 -25.06
C LEU G 72 -32.92 25.68 -25.51
C3 KWS G 73 -34.78 28.05 -28.74
N1 KWS G 73 -32.46 25.82 -26.75
O3 KWS G 73 -35.78 28.63 -29.30
C1 KWS G 73 -31.93 26.47 -28.96
C2 KWS G 73 -33.08 26.14 -31.02
N2 KWS G 73 -31.04 26.26 -29.90
O2 KWS G 73 -33.93 26.01 -31.88
N3 KWS G 73 -33.26 26.42 -29.61
CA1 KWS G 73 -31.70 26.75 -27.51
CB KWS G 73 -30.26 26.59 -27.33
CA2 KWS G 73 -31.64 26.04 -31.15
CA3 KWS G 73 -34.53 26.59 -28.97
CB2 KWS G 73 -30.97 25.78 -32.31
OG1 KWS G 73 -29.85 25.32 -26.98
CG2 KWS G 73 -29.86 27.53 -26.26
N VAL G 74 -33.75 28.72 -29.28
CA VAL G 74 -33.61 30.18 -29.20
C VAL G 74 -32.73 30.72 -30.34
N GLN G 75 -33.41 31.19 -31.37
CA GLN G 75 -32.74 31.63 -32.60
C GLN G 75 -32.91 33.12 -32.81
N CYS G 76 -33.45 33.79 -31.79
CA CYS G 76 -33.60 35.24 -31.83
C CYS G 76 -32.30 35.93 -31.47
N PHE G 77 -31.27 35.14 -31.21
CA PHE G 77 -29.94 35.67 -30.91
C PHE G 77 -29.00 35.41 -32.07
N SER G 78 -29.56 34.92 -33.17
CA SER G 78 -28.81 34.78 -34.42
C SER G 78 -28.49 36.18 -34.93
N ARG G 79 -27.21 36.44 -35.13
CA ARG G 79 -26.78 37.77 -35.55
C ARG G 79 -26.93 37.92 -37.05
N TYR G 80 -27.76 38.87 -37.47
CA TYR G 80 -27.97 39.13 -38.88
C TYR G 80 -27.22 40.38 -39.31
N PRO G 81 -26.32 40.25 -40.29
CA PRO G 81 -25.67 41.43 -40.87
C PRO G 81 -26.70 42.33 -41.55
N ASP G 82 -26.31 43.56 -41.86
CA ASP G 82 -27.26 44.59 -42.33
C ASP G 82 -28.10 44.20 -43.54
N HIS G 83 -27.50 43.46 -44.47
CA HIS G 83 -28.15 43.16 -45.75
C HIS G 83 -29.21 42.05 -45.68
N MET G 84 -29.41 41.48 -44.50
CA MET G 84 -30.34 40.36 -44.35
C MET G 84 -31.43 40.62 -43.32
N LYS G 85 -31.49 41.85 -42.81
CA LYS G 85 -32.38 42.17 -41.70
C LYS G 85 -33.87 41.85 -41.93
N ARG G 86 -34.34 42.07 -43.16
CA ARG G 86 -35.74 41.80 -43.49
C ARG G 86 -36.09 40.31 -43.39
N HIS G 87 -35.07 39.48 -43.33
CA HIS G 87 -35.24 38.03 -43.28
C HIS G 87 -35.17 37.48 -41.85
N ASP G 88 -34.77 38.34 -40.91
CA ASP G 88 -34.70 37.96 -39.50
C ASP G 88 -36.10 37.86 -38.89
N PHE G 89 -36.69 36.68 -38.97
CA PHE G 89 -38.04 36.45 -38.49
C PHE G 89 -38.14 36.46 -36.96
N PHE G 90 -37.09 35.97 -36.31
CA PHE G 90 -37.13 35.70 -34.88
C PHE G 90 -37.33 36.92 -33.99
N LYS G 91 -36.55 37.98 -34.22
CA LYS G 91 -36.66 39.19 -33.41
C LYS G 91 -37.92 39.98 -33.77
N SER G 92 -38.38 39.82 -35.01
CA SER G 92 -39.54 40.56 -35.49
C SER G 92 -40.83 40.16 -34.78
N ALA G 93 -40.90 38.91 -34.32
CA ALA G 93 -42.07 38.42 -33.60
C ALA G 93 -42.04 38.87 -32.14
N MET G 94 -40.95 39.52 -31.75
CA MET G 94 -40.78 40.01 -30.39
C MET G 94 -41.35 41.43 -30.27
N PRO G 95 -41.76 41.83 -29.05
CA PRO G 95 -41.73 41.05 -27.81
C PRO G 95 -42.89 40.09 -27.66
N GLU G 96 -43.77 40.03 -28.66
CA GLU G 96 -44.92 39.13 -28.62
C GLU G 96 -44.49 37.67 -28.70
N GLY G 97 -43.31 37.44 -29.26
CA GLY G 97 -42.73 36.10 -29.29
C GLY G 97 -43.32 35.19 -30.35
N TYR G 98 -42.86 33.94 -30.35
CA TYR G 98 -43.32 32.95 -31.31
C TYR G 98 -43.42 31.58 -30.68
N VAL G 99 -44.03 30.65 -31.42
CA VAL G 99 -44.17 29.27 -30.96
C VAL G 99 -43.35 28.35 -31.86
N GLN G 100 -42.43 27.61 -31.26
CA GLN G 100 -41.57 26.71 -32.01
C GLN G 100 -41.91 25.25 -31.71
N GLU G 101 -42.56 24.60 -32.66
CA GLU G 101 -42.80 23.17 -32.56
C GLU G 101 -41.76 22.42 -33.38
N ARG G 102 -41.39 21.23 -32.93
CA ARG G 102 -40.37 20.46 -33.61
C ARG G 102 -40.53 18.97 -33.38
N THR G 103 -40.26 18.19 -34.42
CA THR G 103 -40.22 16.73 -34.30
C THR G 103 -38.79 16.23 -34.54
N ILE G 104 -38.29 15.44 -33.60
CA ILE G 104 -36.93 14.91 -33.71
C ILE G 104 -36.92 13.39 -33.79
N SER G 105 -36.67 12.87 -34.99
CA SER G 105 -36.68 11.43 -35.22
C SER G 105 -35.28 10.82 -35.17
N PHE G 106 -34.98 10.11 -34.08
CA PHE G 106 -33.71 9.42 -33.96
C PHE G 106 -33.72 8.11 -34.75
N LYS G 107 -32.81 7.98 -35.70
CA LYS G 107 -32.76 6.81 -36.58
C LYS G 107 -32.62 5.51 -35.79
N ASP G 108 -33.49 4.55 -36.11
CA ASP G 108 -33.52 3.26 -35.44
C ASP G 108 -33.77 3.41 -33.93
N ASP G 109 -34.53 4.44 -33.56
CA ASP G 109 -34.82 4.72 -32.15
C ASP G 109 -36.06 5.60 -32.00
N GLY G 110 -36.29 6.10 -30.78
CA GLY G 110 -37.48 6.86 -30.46
C GLY G 110 -37.60 8.23 -31.10
N THR G 111 -38.63 8.97 -30.70
CA THR G 111 -38.92 10.27 -31.31
C THR G 111 -39.26 11.33 -30.26
N TYR G 112 -38.74 12.54 -30.44
CA TYR G 112 -39.08 13.69 -29.62
C TYR G 112 -40.19 14.50 -30.29
N LYS G 113 -41.11 14.99 -29.46
CA LYS G 113 -42.14 15.94 -29.90
C LYS G 113 -42.11 17.15 -28.99
N THR G 114 -41.60 18.27 -29.48
CA THR G 114 -41.37 19.45 -28.66
C THR G 114 -42.28 20.62 -29.03
N ARG G 115 -42.88 21.22 -28.01
CA ARG G 115 -43.72 22.40 -28.17
C ARG G 115 -43.16 23.52 -27.31
N ALA G 116 -42.70 24.60 -27.94
CA ALA G 116 -42.06 25.68 -27.20
C ALA G 116 -42.66 27.06 -27.46
N GLU G 117 -42.47 27.96 -26.50
CA GLU G 117 -42.84 29.36 -26.65
C GLU G 117 -41.66 30.25 -26.24
N VAL G 118 -41.13 30.98 -27.21
CA VAL G 118 -40.02 31.90 -26.97
C VAL G 118 -40.55 33.32 -26.99
N LYS G 119 -40.66 33.93 -25.81
CA LYS G 119 -41.25 35.26 -25.70
C LYS G 119 -40.48 36.13 -24.70
N PHE G 120 -40.91 37.39 -24.55
CA PHE G 120 -40.28 38.28 -23.60
C PHE G 120 -41.08 38.41 -22.30
N GLU G 121 -40.56 37.82 -21.23
CA GLU G 121 -41.13 38.01 -19.91
C GLU G 121 -40.36 39.13 -19.23
N GLY G 122 -41.00 40.28 -19.08
CA GLY G 122 -40.34 41.46 -18.56
C GLY G 122 -39.20 41.89 -19.46
N ASP G 123 -38.01 42.06 -18.88
CA ASP G 123 -36.82 42.38 -19.66
C ASP G 123 -35.99 41.12 -19.91
N THR G 124 -36.59 39.96 -19.70
CA THR G 124 -35.88 38.70 -19.85
C THR G 124 -36.47 37.85 -20.98
N LEU G 125 -35.60 37.36 -21.87
CA LEU G 125 -36.02 36.48 -22.94
C LEU G 125 -36.19 35.06 -22.38
N VAL G 126 -37.36 34.48 -22.61
CA VAL G 126 -37.71 33.19 -22.03
C VAL G 126 -38.15 32.16 -23.07
N ASN G 127 -37.63 30.94 -22.92
CA ASN G 127 -38.02 29.81 -23.76
C ASN G 127 -38.69 28.72 -22.91
N ARG G 128 -40.01 28.57 -23.05
CA ARG G 128 -40.76 27.61 -22.26
C ARG G 128 -41.20 26.41 -23.10
N ILE G 129 -40.65 25.24 -22.79
CA ILE G 129 -40.76 24.07 -23.65
C ILE G 129 -41.36 22.84 -22.96
N GLU G 130 -42.17 22.09 -23.70
CA GLU G 130 -42.60 20.77 -23.29
C GLU G 130 -42.09 19.74 -24.29
N LEU G 131 -41.56 18.63 -23.79
CA LEU G 131 -40.99 17.60 -24.65
C LEU G 131 -41.59 16.22 -24.38
N LYS G 132 -41.91 15.50 -25.45
CA LYS G 132 -42.56 14.20 -25.35
C LYS G 132 -41.84 13.16 -26.20
N GLY G 133 -41.10 12.28 -25.54
CA GLY G 133 -40.34 11.24 -26.23
C GLY G 133 -41.02 9.89 -26.13
N ILE G 134 -41.27 9.28 -27.28
CA ILE G 134 -41.94 7.98 -27.32
C ILE G 134 -41.14 6.94 -28.09
N ASP G 135 -41.44 5.68 -27.82
CA ASP G 135 -40.87 4.55 -28.56
C ASP G 135 -39.33 4.50 -28.52
N PHE G 136 -38.76 4.96 -27.43
CA PHE G 136 -37.31 4.83 -27.24
C PHE G 136 -36.96 3.46 -26.66
N LYS G 137 -35.83 2.91 -27.10
CA LYS G 137 -35.38 1.61 -26.61
C LYS G 137 -34.12 1.74 -25.77
N GLU G 138 -33.86 0.71 -24.95
CA GLU G 138 -32.71 0.72 -24.06
C GLU G 138 -31.51 0.01 -24.67
N ASP G 139 -31.28 0.26 -25.96
CA ASP G 139 -30.06 -0.20 -26.64
C ASP G 139 -28.72 0.19 -25.97
N GLY G 140 -28.53 1.44 -25.56
CA GLY G 140 -29.51 2.51 -25.60
C GLY G 140 -29.17 3.71 -26.46
N ASN G 141 -27.88 4.00 -26.58
CA ASN G 141 -27.42 5.23 -27.25
C ASN G 141 -27.97 6.49 -26.59
N ILE G 142 -29.29 6.64 -26.64
CA ILE G 142 -29.97 7.76 -25.99
C ILE G 142 -30.23 7.40 -24.53
N LEU G 143 -31.10 6.42 -24.30
CA LEU G 143 -31.45 5.99 -22.96
C LEU G 143 -30.26 5.31 -22.26
N GLY G 144 -29.36 4.74 -23.05
CA GLY G 144 -28.18 4.08 -22.51
C GLY G 144 -27.04 5.05 -22.22
N HIS G 145 -27.27 6.33 -22.52
CA HIS G 145 -26.26 7.38 -22.34
C HIS G 145 -24.91 7.04 -22.99
N LYS G 146 -24.95 6.69 -24.27
CA LYS G 146 -23.74 6.31 -24.99
C LYS G 146 -23.22 7.43 -25.88
N LEU G 147 -23.85 8.59 -25.79
CA LEU G 147 -23.44 9.76 -26.55
C LEU G 147 -22.41 10.58 -25.80
N GLU G 148 -21.44 11.12 -26.53
CA GLU G 148 -20.38 11.92 -25.92
C GLU G 148 -20.84 13.31 -25.56
N TYR G 149 -20.28 13.86 -24.48
CA TYR G 149 -20.59 15.23 -24.08
C TYR G 149 -20.06 16.20 -25.13
N ASN G 150 -20.73 16.20 -26.28
CA ASN G 150 -20.22 16.83 -27.49
C ASN G 150 -21.35 17.36 -28.34
N PHE G 151 -21.06 18.35 -29.17
CA PHE G 151 -22.05 18.83 -30.13
C PHE G 151 -21.46 19.60 -31.31
N ASN G 152 -21.56 19.00 -32.49
CA ASN G 152 -21.19 19.66 -33.73
C ASN G 152 -22.30 19.45 -34.76
N SER G 153 -22.64 20.51 -35.49
CA SER G 153 -23.79 20.47 -36.39
C SER G 153 -23.51 21.00 -37.78
N HIS G 154 -24.42 20.69 -38.71
CA HIS G 154 -24.36 21.20 -40.06
C HIS G 154 -24.98 22.60 -40.13
N ASN G 155 -25.06 23.15 -41.34
CA ASN G 155 -25.67 24.45 -41.56
C ASN G 155 -27.16 24.30 -41.85
N VAL G 156 -28.00 24.93 -41.04
CA VAL G 156 -29.44 24.71 -41.15
C VAL G 156 -30.08 25.62 -42.20
N TYR G 157 -30.95 25.03 -43.03
CA TYR G 157 -31.59 25.74 -44.13
C TYR G 157 -32.98 26.26 -43.73
N ILE G 158 -33.09 27.58 -43.61
CA ILE G 158 -34.34 28.20 -43.16
C ILE G 158 -35.18 28.73 -44.33
N THR G 159 -36.42 28.23 -44.44
CA THR G 159 -37.32 28.73 -45.48
C THR G 159 -38.60 29.31 -44.87
N ALA G 160 -39.44 29.93 -45.71
CA ALA G 160 -40.64 30.62 -45.22
C ALA G 160 -41.86 29.72 -45.22
N ASP G 161 -42.59 29.72 -44.11
CA ASP G 161 -43.85 29.00 -44.00
C ASP G 161 -45.01 29.99 -44.19
N LYS G 162 -45.53 30.05 -45.41
CA LYS G 162 -46.63 30.96 -45.72
C LYS G 162 -47.93 30.46 -45.09
N GLN G 163 -48.05 29.14 -44.99
CA GLN G 163 -49.26 28.52 -44.45
C GLN G 163 -49.45 28.84 -42.96
N LYS G 164 -48.38 29.24 -42.29
CA LYS G 164 -48.45 29.55 -40.86
C LYS G 164 -47.89 30.94 -40.55
N ASN G 165 -47.58 31.70 -41.60
CA ASN G 165 -47.01 33.04 -41.47
C ASN G 165 -45.65 33.04 -40.74
N GLY G 166 -45.04 31.87 -40.63
CA GLY G 166 -43.77 31.75 -39.92
C GLY G 166 -42.66 31.17 -40.78
N ILE G 167 -41.92 30.22 -40.22
CA ILE G 167 -40.83 29.59 -40.98
C ILE G 167 -40.82 28.07 -40.86
N LYS G 168 -40.28 27.43 -41.90
CA LYS G 168 -40.07 26.00 -41.91
C LYS G 168 -38.57 25.69 -41.97
N ALA G 169 -38.16 24.67 -41.25
CA ALA G 169 -36.76 24.26 -41.25
C ALA G 169 -36.63 22.75 -41.24
N ASN G 170 -35.58 22.24 -41.87
CA ASN G 170 -35.29 20.82 -41.92
C ASN G 170 -33.81 20.59 -41.82
N PHE G 171 -33.35 19.89 -40.79
CA PHE G 171 -31.92 19.59 -40.71
C PHE G 171 -31.62 18.20 -40.14
N LYS G 172 -30.37 17.77 -40.23
CA LYS G 172 -30.00 16.42 -39.82
C LYS G 172 -28.81 16.50 -38.87
N ILE G 173 -29.02 16.10 -37.62
CA ILE G 173 -27.95 16.17 -36.64
C ILE G 173 -27.24 14.82 -36.42
N ARG G 174 -25.91 14.88 -36.38
CA ARG G 174 -25.06 13.74 -36.15
C ARG G 174 -24.46 13.81 -34.76
N HIS G 175 -25.02 13.04 -33.83
CA HIS G 175 -24.46 12.93 -32.49
C HIS G 175 -23.34 11.90 -32.50
N ASN G 176 -22.29 12.13 -31.73
CA ASN G 176 -21.19 11.16 -31.67
C ASN G 176 -21.41 10.11 -30.58
N VAL G 177 -21.18 8.84 -30.93
CA VAL G 177 -21.36 7.75 -29.97
C VAL G 177 -20.00 7.35 -29.39
N GLU G 178 -20.00 6.85 -28.16
CA GLU G 178 -18.77 6.50 -27.46
C GLU G 178 -18.00 5.35 -28.10
N ASP G 179 -18.68 4.54 -28.90
CA ASP G 179 -18.04 3.41 -29.57
C ASP G 179 -17.41 3.82 -30.89
N GLY G 180 -17.66 5.06 -31.30
CA GLY G 180 -17.09 5.58 -32.53
C GLY G 180 -18.10 5.71 -33.65
N SER G 181 -19.30 5.17 -33.42
CA SER G 181 -20.36 5.25 -34.42
C SER G 181 -21.07 6.60 -34.36
N VAL G 182 -22.12 6.77 -35.16
CA VAL G 182 -22.86 8.02 -35.17
C VAL G 182 -24.36 7.80 -34.96
N GLN G 183 -24.94 8.60 -34.08
CA GLN G 183 -26.38 8.56 -33.82
C GLN G 183 -27.07 9.65 -34.63
N LEU G 184 -28.05 9.26 -35.42
CA LEU G 184 -28.70 10.20 -36.33
C LEU G 184 -30.03 10.72 -35.80
N ALA G 185 -30.22 12.02 -35.87
CA ALA G 185 -31.52 12.60 -35.52
C ALA G 185 -32.01 13.62 -36.55
N ASP G 186 -33.15 13.33 -37.16
CA ASP G 186 -33.77 14.22 -38.13
C ASP G 186 -34.61 15.28 -37.42
N HIS G 187 -34.37 16.54 -37.74
CA HIS G 187 -35.10 17.66 -37.15
C HIS G 187 -36.06 18.31 -38.14
N TYR G 188 -37.35 18.20 -37.82
CA TYR G 188 -38.41 18.83 -38.57
C TYR G 188 -38.96 19.99 -37.75
N GLN G 189 -38.60 21.21 -38.14
CA GLN G 189 -38.87 22.39 -37.34
C GLN G 189 -39.93 23.30 -37.98
N GLN G 190 -40.86 23.77 -37.15
CA GLN G 190 -41.94 24.64 -37.59
C GLN G 190 -42.11 25.79 -36.60
N ASN G 191 -42.03 27.02 -37.09
CA ASN G 191 -42.18 28.18 -36.23
C ASN G 191 -43.34 29.07 -36.66
N THR G 192 -44.23 29.36 -35.71
CA THR G 192 -45.43 30.14 -35.99
C THR G 192 -45.54 31.31 -35.01
N PRO G 193 -45.61 32.54 -35.54
CA PRO G 193 -45.74 33.72 -34.66
C PRO G 193 -47.13 33.78 -34.03
N ILE G 194 -47.20 34.20 -32.77
CA ILE G 194 -48.49 34.40 -32.12
C ILE G 194 -49.35 35.30 -32.99
N GLY G 195 -48.75 36.40 -33.45
CA GLY G 195 -49.49 37.44 -34.13
C GLY G 195 -49.93 38.47 -33.10
N ASP G 196 -51.02 39.19 -33.40
CA ASP G 196 -51.74 39.04 -34.66
C ASP G 196 -51.08 39.89 -35.72
N GLY G 197 -50.07 40.66 -35.31
CA GLY G 197 -49.46 41.67 -36.14
C GLY G 197 -48.44 41.21 -37.16
N PRO G 198 -47.30 41.92 -37.21
CA PRO G 198 -46.31 41.85 -38.29
C PRO G 198 -45.47 40.58 -38.31
N VAL G 199 -44.74 40.39 -39.42
CA VAL G 199 -43.84 39.25 -39.58
C VAL G 199 -42.39 39.72 -39.53
N LEU G 201 -40.33 38.03 -42.40
CA LEU G 201 -40.45 36.96 -43.39
C LEU G 201 -39.17 36.82 -44.20
N PRO G 202 -38.57 35.63 -44.19
CA PRO G 202 -37.29 35.41 -44.86
C PRO G 202 -37.39 34.75 -46.23
N ASP G 203 -36.51 35.15 -47.14
CA ASP G 203 -36.25 34.36 -48.32
C ASP G 203 -35.26 33.28 -47.89
N ASN G 204 -35.12 32.23 -48.68
CA ASN G 204 -34.31 31.09 -48.29
C ASN G 204 -32.84 31.43 -48.00
N HIS G 205 -32.44 31.23 -46.75
CA HIS G 205 -31.06 31.48 -46.31
C HIS G 205 -30.66 30.44 -45.26
N TYR G 206 -29.37 30.33 -44.98
CA TYR G 206 -28.90 29.35 -44.01
C TYR G 206 -28.27 29.96 -42.76
N LEU G 207 -28.52 29.31 -41.62
CA LEU G 207 -27.90 29.70 -40.35
C LEU G 207 -26.77 28.73 -40.02
N SER G 208 -25.66 29.28 -39.54
CA SER G 208 -24.54 28.46 -39.11
C SER G 208 -24.31 28.62 -37.61
N THR G 209 -24.37 27.52 -36.88
CA THR G 209 -24.23 27.55 -35.42
C THR G 209 -23.14 26.60 -34.95
N GLN G 210 -22.37 27.04 -33.96
CA GLN G 210 -21.28 26.25 -33.41
C GLN G 210 -21.38 26.18 -31.89
N SER G 211 -21.37 24.98 -31.35
CA SER G 211 -21.57 24.79 -29.91
C SER G 211 -20.34 24.27 -29.19
N VAL G 212 -20.18 24.68 -27.94
CA VAL G 212 -19.14 24.19 -27.05
C VAL G 212 -19.76 23.79 -25.72
N LEU G 213 -19.65 22.51 -25.39
CA LEU G 213 -20.22 21.97 -24.15
C LEU G 213 -19.16 21.88 -23.06
N SER G 214 -19.51 22.29 -21.86
CA SER G 214 -18.57 22.20 -20.74
C SER G 214 -19.31 21.96 -19.41
N LYS G 215 -18.53 21.77 -18.36
CA LYS G 215 -19.09 21.51 -17.03
C LYS G 215 -18.64 22.58 -16.04
N ASP G 216 -19.53 22.92 -15.11
CA ASP G 216 -19.19 23.76 -13.98
C ASP G 216 -18.61 22.88 -12.89
N PRO G 217 -17.34 23.10 -12.53
CA PRO G 217 -16.68 22.31 -11.48
C PRO G 217 -17.30 22.56 -10.10
N ASN G 218 -17.90 23.73 -9.90
CA ASN G 218 -18.52 24.06 -8.63
C ASN G 218 -19.98 23.65 -8.57
N GLU G 219 -20.42 22.85 -9.53
CA GLU G 219 -21.80 22.35 -9.55
C GLU G 219 -21.80 20.82 -9.47
N LYS G 220 -22.37 20.30 -8.39
CA LYS G 220 -22.35 18.85 -8.14
C LYS G 220 -23.61 18.15 -8.64
N ARG G 221 -24.39 18.84 -9.47
CA ARG G 221 -25.62 18.26 -10.03
C ARG G 221 -25.53 18.08 -11.54
N ASP G 222 -26.43 17.27 -12.09
CA ASP G 222 -26.48 17.04 -13.53
C ASP G 222 -26.73 18.35 -14.27
N HIS G 223 -25.70 18.83 -14.97
CA HIS G 223 -25.76 20.15 -15.59
C HIS G 223 -24.99 20.19 -16.90
N MET G 224 -25.25 21.24 -17.69
CA MET G 224 -24.50 21.50 -18.91
C MET G 224 -24.30 23.00 -19.07
N VAL G 225 -23.04 23.45 -19.08
CA VAL G 225 -22.79 24.85 -19.46
C VAL G 225 -22.47 24.96 -20.94
N LEU G 226 -23.31 25.72 -21.64
CA LEU G 226 -23.27 25.80 -23.10
C LEU G 226 -22.79 27.16 -23.57
N LEU G 227 -21.72 27.15 -24.34
CA LEU G 227 -21.25 28.34 -25.04
C LEU G 227 -21.62 28.18 -26.50
N GLU G 228 -22.18 29.22 -27.11
CA GLU G 228 -22.69 29.07 -28.47
C GLU G 228 -22.44 30.27 -29.37
N PHE G 229 -22.05 30.01 -30.62
CA PHE G 229 -21.82 31.07 -31.60
C PHE G 229 -22.69 30.89 -32.84
N VAL G 230 -23.58 31.85 -33.07
CA VAL G 230 -24.55 31.75 -34.17
C VAL G 230 -24.44 32.91 -35.17
N THR G 231 -24.30 32.56 -36.44
CA THR G 231 -24.28 33.55 -37.51
C THR G 231 -25.30 33.21 -38.60
N ALA G 232 -25.66 34.21 -39.40
CA ALA G 232 -26.60 34.01 -40.50
C ALA G 232 -25.91 34.30 -41.83
N ALA G 233 -26.35 33.60 -42.88
CA ALA G 233 -25.77 33.79 -44.21
C ALA G 233 -26.81 33.52 -45.30
N GLY G 234 -26.97 34.48 -46.21
CA GLY G 234 -27.92 34.34 -47.30
C GLY G 234 -27.77 35.41 -48.36
N GLY H 12 -34.01 -18.79 -4.24
CA GLY H 12 -33.43 -19.77 -5.12
C GLY H 12 -32.14 -19.28 -5.75
N GLU H 13 -32.18 -18.08 -6.31
CA GLU H 13 -31.00 -17.46 -6.93
C GLU H 13 -29.93 -17.14 -5.90
N GLU H 14 -30.35 -17.07 -4.63
CA GLU H 14 -29.44 -16.76 -3.53
C GLU H 14 -28.54 -17.94 -3.19
N LEU H 15 -28.79 -19.08 -3.82
CA LEU H 15 -27.98 -20.27 -3.63
C LEU H 15 -26.73 -20.22 -4.50
N PHE H 16 -26.82 -19.50 -5.61
CA PHE H 16 -25.71 -19.39 -6.55
C PHE H 16 -24.97 -18.07 -6.41
N THR H 17 -25.26 -17.34 -5.33
CA THR H 17 -24.59 -16.08 -5.04
C THR H 17 -23.16 -16.33 -4.53
N GLY H 18 -22.32 -16.92 -5.37
CA GLY H 18 -20.97 -17.26 -5.01
C GLY H 18 -20.49 -18.47 -5.79
N VAL H 19 -19.37 -19.05 -5.37
CA VAL H 19 -18.84 -20.23 -6.05
C VAL H 19 -19.49 -21.50 -5.51
N VAL H 20 -20.09 -22.27 -6.42
CA VAL H 20 -20.75 -23.52 -6.03
C VAL H 20 -20.02 -24.72 -6.64
N PRO H 21 -19.60 -25.67 -5.78
CA PRO H 21 -18.91 -26.87 -6.28
C PRO H 21 -19.86 -27.77 -7.06
N ILE H 22 -19.35 -28.43 -8.08
CA ILE H 22 -20.17 -29.27 -8.95
C ILE H 22 -19.62 -30.68 -9.06
N LEU H 23 -20.50 -31.67 -8.90
CA LEU H 23 -20.18 -33.04 -9.29
C LEU H 23 -21.23 -33.64 -10.23
N VAL H 24 -20.73 -34.29 -11.27
CA VAL H 24 -21.57 -34.90 -12.28
C VAL H 24 -21.26 -36.39 -12.34
N GLU H 25 -22.30 -37.22 -12.42
CA GLU H 25 -22.07 -38.65 -12.66
C GLU H 25 -23.03 -39.16 -13.73
N LEU H 26 -22.47 -39.74 -14.79
CA LEU H 26 -23.27 -40.17 -15.92
C LEU H 26 -23.00 -41.62 -16.30
N ASP H 27 -24.06 -42.42 -16.32
CA ASP H 27 -23.96 -43.79 -16.81
C ASP H 27 -24.60 -43.87 -18.19
N GLY H 28 -23.80 -44.25 -19.18
CA GLY H 28 -24.27 -44.31 -20.56
C GLY H 28 -24.00 -45.64 -21.23
N ASP H 29 -24.86 -46.00 -22.18
CA ASP H 29 -24.67 -47.23 -22.95
C ASP H 29 -24.92 -46.98 -24.44
N VAL H 30 -23.86 -47.07 -25.23
CA VAL H 30 -23.93 -46.82 -26.67
C VAL H 30 -23.59 -48.05 -27.50
N ASN H 31 -24.59 -48.63 -28.16
CA ASN H 31 -24.42 -49.83 -28.97
C ASN H 31 -23.76 -50.99 -28.24
N GLY H 32 -24.05 -51.11 -26.94
CA GLY H 32 -23.46 -52.17 -26.13
C GLY H 32 -22.29 -51.68 -25.30
N HIS H 33 -21.64 -50.61 -25.73
CA HIS H 33 -20.53 -50.02 -24.98
C HIS H 33 -21.04 -49.36 -23.71
N LYS H 34 -20.79 -50.00 -22.58
CA LYS H 34 -21.24 -49.48 -21.28
C LYS H 34 -20.12 -48.68 -20.63
N PHE H 35 -20.45 -47.47 -20.19
CA PHE H 35 -19.44 -46.58 -19.61
C PHE H 35 -20.01 -45.66 -18.53
N SER H 36 -19.18 -45.32 -17.55
CA SER H 36 -19.55 -44.36 -16.52
C SER H 36 -18.54 -43.21 -16.49
N VAL H 37 -19.01 -42.03 -16.15
CA VAL H 37 -18.13 -40.85 -16.11
C VAL H 37 -18.41 -39.96 -14.91
N ARG H 38 -17.35 -39.60 -14.19
CA ARG H 38 -17.45 -38.72 -13.03
C ARG H 38 -16.70 -37.42 -13.29
N GLY H 39 -17.34 -36.31 -12.93
CA GLY H 39 -16.76 -35.00 -13.15
C GLY H 39 -16.81 -34.13 -11.91
N GLU H 40 -15.69 -33.48 -11.61
CA GLU H 40 -15.63 -32.59 -10.45
C GLU H 40 -15.15 -31.20 -10.85
N GLY H 41 -15.71 -30.18 -10.21
CA GLY H 41 -15.23 -28.83 -10.43
C GLY H 41 -15.99 -27.79 -9.65
N GLU H 42 -16.00 -26.57 -10.18
CA GLU H 42 -16.74 -25.48 -9.56
C GLU H 42 -17.34 -24.56 -10.62
N GLY H 43 -18.44 -23.91 -10.24
CA GLY H 43 -19.10 -22.97 -11.13
C GLY H 43 -19.53 -21.73 -10.38
N ASP H 44 -19.27 -20.56 -10.95
CA ASP H 44 -19.70 -19.32 -10.32
C ASP H 44 -20.65 -18.54 -11.25
N ALA H 45 -21.86 -18.30 -10.75
CA ALA H 45 -22.92 -17.69 -11.56
C ALA H 45 -22.74 -16.20 -11.75
N THR H 46 -21.99 -15.56 -10.84
CA THR H 46 -21.71 -14.14 -10.95
C THR H 46 -20.98 -13.82 -12.25
N ASN H 47 -19.97 -14.63 -12.57
CA ASN H 47 -19.24 -14.46 -13.82
C ASN H 47 -19.71 -15.47 -14.88
N GLY H 48 -20.62 -16.35 -14.49
CA GLY H 48 -21.12 -17.38 -15.39
C GLY H 48 -20.03 -18.30 -15.91
N LYS H 49 -19.19 -18.79 -14.99
CA LYS H 49 -18.05 -19.62 -15.37
C LYS H 49 -18.18 -21.05 -14.85
N LEU H 50 -17.75 -22.00 -15.68
CA LEU H 50 -17.75 -23.42 -15.34
C LEU H 50 -16.37 -24.03 -15.53
N THR H 51 -15.74 -24.48 -14.44
CA THR H 51 -14.50 -25.23 -14.55
C THR H 51 -14.73 -26.66 -14.05
N LEU H 52 -14.58 -27.63 -14.95
CA LEU H 52 -14.86 -29.01 -14.59
C LEU H 52 -13.81 -29.96 -15.15
N LYS H 53 -13.73 -31.15 -14.56
CA LYS H 53 -12.89 -32.21 -15.08
C LYS H 53 -13.65 -33.52 -15.07
N PHE H 54 -13.85 -34.09 -16.25
CA PHE H 54 -14.61 -35.32 -16.40
C PHE H 54 -13.68 -36.49 -16.71
N ILE H 55 -14.05 -37.68 -16.25
CA ILE H 55 -13.21 -38.86 -16.41
C ILE H 55 -14.06 -40.12 -16.56
N CYS H 56 -13.63 -41.03 -17.43
CA CYS H 56 -14.33 -42.30 -17.60
C CYS H 56 -13.79 -43.35 -16.64
N THR H 57 -14.68 -43.88 -15.79
CA THR H 57 -14.28 -44.80 -14.72
C THR H 57 -14.16 -46.24 -15.17
N THR H 58 -14.86 -46.59 -16.26
CA THR H 58 -14.88 -47.97 -16.73
C THR H 58 -13.75 -48.27 -17.72
N GLY H 59 -13.01 -47.24 -18.11
CA GLY H 59 -11.94 -47.39 -19.07
C GLY H 59 -11.95 -46.28 -20.11
N LYS H 60 -11.59 -46.61 -21.34
CA LYS H 60 -11.58 -45.62 -22.42
C LYS H 60 -13.00 -45.29 -22.87
N LEU H 61 -13.28 -44.00 -23.04
CA LEU H 61 -14.59 -43.55 -23.49
C LEU H 61 -14.82 -44.01 -24.93
N PRO H 62 -15.97 -44.62 -25.20
CA PRO H 62 -16.28 -45.24 -26.50
C PRO H 62 -16.44 -44.22 -27.62
N VAL H 63 -16.79 -42.99 -27.26
CA VAL H 63 -17.13 -41.96 -28.24
C VAL H 63 -16.42 -40.65 -27.86
N PRO H 64 -16.02 -39.84 -28.87
CA PRO H 64 -15.33 -38.57 -28.60
C PRO H 64 -16.01 -37.69 -27.57
N TRP H 65 -15.21 -37.01 -26.75
CA TRP H 65 -15.70 -36.17 -25.67
C TRP H 65 -16.74 -35.08 -26.03
N PRO H 66 -16.54 -34.34 -27.15
CA PRO H 66 -17.50 -33.28 -27.50
C PRO H 66 -18.97 -33.67 -27.43
N THR H 67 -19.30 -34.88 -27.90
CA THR H 67 -20.68 -35.35 -27.93
C THR H 67 -21.34 -35.38 -26.54
N LEU H 68 -20.54 -35.47 -25.49
CA LEU H 68 -21.07 -35.50 -24.13
C LEU H 68 -21.09 -34.12 -23.47
N VAL H 69 -20.47 -33.15 -24.12
CA VAL H 69 -20.35 -31.80 -23.54
C VAL H 69 -21.71 -31.13 -23.32
N THR H 70 -22.64 -31.34 -24.24
CA THR H 70 -23.99 -30.78 -24.08
C THR H 70 -24.79 -31.53 -23.01
N THR H 71 -24.63 -32.86 -22.98
CA THR H 71 -25.36 -33.71 -22.05
C THR H 71 -24.86 -33.59 -20.60
N LEU H 72 -23.55 -33.53 -20.43
CA LEU H 72 -22.93 -33.38 -19.13
C LEU H 72 -23.41 -32.12 -18.42
C3 KWS H 73 -26.51 -29.05 -17.42
N1 KWS H 73 -23.01 -30.81 -19.05
O3 KWS H 73 -27.34 -29.51 -16.58
C1 KWS H 73 -24.05 -28.77 -19.68
C2 KWS H 73 -26.17 -28.30 -20.59
N2 KWS H 73 -23.88 -27.93 -20.68
O2 KWS H 73 -27.37 -28.27 -20.84
N3 KWS H 73 -25.50 -29.05 -19.56
CA1 KWS H 73 -22.97 -29.31 -18.80
CB KWS H 73 -21.61 -29.07 -19.37
CA2 KWS H 73 -25.10 -27.62 -21.28
CA3 KWS H 73 -26.12 -29.88 -18.61
CB2 KWS H 73 -25.22 -26.79 -22.35
OG1 KWS H 73 -21.00 -30.27 -19.70
CG2 KWS H 73 -20.77 -28.40 -18.35
N VAL H 74 -25.34 -28.53 -16.82
CA VAL H 74 -25.53 -27.59 -15.73
C VAL H 74 -25.66 -26.14 -16.22
N GLN H 75 -26.90 -25.69 -16.39
CA GLN H 75 -27.19 -24.35 -16.88
C GLN H 75 -27.74 -23.44 -15.78
N CYS H 76 -27.73 -23.92 -14.55
CA CYS H 76 -28.07 -23.08 -13.41
C CYS H 76 -26.89 -22.18 -13.06
N PHE H 77 -25.82 -22.32 -13.84
CA PHE H 77 -24.64 -21.48 -13.70
C PHE H 77 -24.57 -20.50 -14.86
N SER H 78 -25.61 -20.49 -15.69
CA SER H 78 -25.72 -19.51 -16.76
C SER H 78 -25.88 -18.12 -16.15
N ARG H 79 -25.05 -17.19 -16.62
CA ARG H 79 -25.09 -15.83 -16.11
C ARG H 79 -26.29 -15.06 -16.63
N TYR H 80 -27.32 -14.94 -15.81
CA TYR H 80 -28.48 -14.12 -16.14
C TYR H 80 -28.24 -12.68 -15.71
N PRO H 81 -28.36 -11.74 -16.66
CA PRO H 81 -28.13 -10.32 -16.36
C PRO H 81 -29.12 -9.78 -15.33
N ASP H 82 -28.85 -8.57 -14.86
CA ASP H 82 -29.62 -7.92 -13.80
C ASP H 82 -31.13 -7.90 -14.07
N HIS H 83 -31.51 -7.54 -15.28
CA HIS H 83 -32.91 -7.31 -15.63
C HIS H 83 -33.68 -8.58 -15.97
N MET H 84 -32.98 -9.70 -16.12
CA MET H 84 -33.61 -10.95 -16.54
C MET H 84 -33.62 -12.00 -15.44
N LYS H 85 -33.42 -11.56 -14.20
CA LYS H 85 -33.39 -12.46 -13.05
C LYS H 85 -34.71 -13.18 -12.81
N ARG H 86 -35.81 -12.57 -13.25
CA ARG H 86 -37.13 -13.18 -13.09
C ARG H 86 -37.33 -14.27 -14.14
N HIS H 87 -36.44 -14.32 -15.12
CA HIS H 87 -36.54 -15.29 -16.21
C HIS H 87 -35.57 -16.45 -16.04
N ASP H 88 -35.06 -16.62 -14.82
CA ASP H 88 -34.15 -17.73 -14.51
C ASP H 88 -34.92 -18.91 -13.92
N PHE H 89 -35.36 -19.81 -14.78
CA PHE H 89 -36.15 -20.97 -14.36
C PHE H 89 -35.33 -21.99 -13.58
N PHE H 90 -34.02 -21.96 -13.80
CA PHE H 90 -33.13 -23.04 -13.39
C PHE H 90 -32.59 -22.89 -11.97
N LYS H 91 -32.44 -21.66 -11.51
CA LYS H 91 -32.06 -21.40 -10.13
C LYS H 91 -33.31 -21.40 -9.25
N SER H 92 -34.47 -21.35 -9.89
CA SER H 92 -35.74 -21.40 -9.18
C SER H 92 -36.11 -22.84 -8.83
N ALA H 93 -35.62 -23.78 -9.62
CA ALA H 93 -35.90 -25.20 -9.40
C ALA H 93 -35.00 -25.76 -8.30
N MET H 94 -34.11 -24.92 -7.79
CA MET H 94 -33.22 -25.31 -6.71
C MET H 94 -33.85 -24.93 -5.37
N PRO H 95 -33.50 -25.64 -4.29
CA PRO H 95 -32.54 -26.76 -4.23
C PRO H 95 -33.16 -28.12 -4.55
N GLU H 96 -34.49 -28.19 -4.58
CA GLU H 96 -35.20 -29.45 -4.79
C GLU H 96 -34.76 -30.17 -6.07
N GLY H 97 -34.63 -29.40 -7.15
CA GLY H 97 -34.09 -29.94 -8.38
C GLY H 97 -35.05 -29.93 -9.55
N TYR H 98 -34.51 -30.18 -10.74
CA TYR H 98 -35.33 -30.31 -11.95
C TYR H 98 -34.81 -31.47 -12.80
N VAL H 99 -35.64 -31.89 -13.74
CA VAL H 99 -35.31 -33.00 -14.63
C VAL H 99 -35.04 -32.50 -16.04
N GLN H 100 -33.88 -32.89 -16.58
CA GLN H 100 -33.49 -32.52 -17.94
C GLN H 100 -33.52 -33.73 -18.88
N GLU H 101 -34.53 -33.75 -19.75
CA GLU H 101 -34.71 -34.81 -20.73
C GLU H 101 -34.21 -34.35 -22.10
N ARG H 102 -33.43 -35.20 -22.76
CA ARG H 102 -32.80 -34.84 -24.02
C ARG H 102 -32.89 -35.95 -25.07
N THR H 103 -33.19 -35.54 -26.30
CA THR H 103 -33.07 -36.43 -27.45
C THR H 103 -32.14 -35.77 -28.46
N ILE H 104 -30.94 -36.33 -28.60
CA ILE H 104 -29.92 -35.75 -29.47
C ILE H 104 -29.76 -36.56 -30.74
N SER H 105 -30.45 -36.14 -31.79
CA SER H 105 -30.32 -36.80 -33.09
C SER H 105 -29.08 -36.33 -33.83
N PHE H 106 -28.21 -37.26 -34.19
CA PHE H 106 -27.09 -36.95 -35.08
C PHE H 106 -27.49 -37.21 -36.52
N LYS H 107 -27.27 -36.23 -37.39
CA LYS H 107 -27.63 -36.38 -38.80
C LYS H 107 -26.83 -37.51 -39.44
N ASP H 108 -27.54 -38.39 -40.15
CA ASP H 108 -26.94 -39.53 -40.84
C ASP H 108 -26.18 -40.45 -39.89
N ASP H 109 -26.63 -40.50 -38.62
CA ASP H 109 -26.00 -41.36 -37.63
C ASP H 109 -26.94 -41.63 -36.47
N GLY H 110 -26.39 -42.02 -35.32
CA GLY H 110 -27.18 -42.46 -34.19
C GLY H 110 -27.89 -41.37 -33.41
N THR H 111 -28.50 -41.75 -32.29
CA THR H 111 -29.27 -40.82 -31.48
C THR H 111 -29.05 -41.05 -29.98
N TYR H 112 -28.66 -39.99 -29.27
CA TYR H 112 -28.56 -40.03 -27.83
C TYR H 112 -29.95 -39.84 -27.20
N LYS H 113 -30.18 -40.54 -26.10
CA LYS H 113 -31.43 -40.39 -25.35
C LYS H 113 -31.07 -40.34 -23.87
N THR H 114 -31.24 -39.17 -23.26
CA THR H 114 -30.75 -38.94 -21.91
C THR H 114 -31.82 -38.39 -20.96
N ARG H 115 -31.72 -38.78 -19.69
CA ARG H 115 -32.54 -38.21 -18.64
C ARG H 115 -31.63 -37.85 -17.49
N ALA H 116 -31.83 -36.67 -16.91
CA ALA H 116 -30.92 -36.19 -15.87
C ALA H 116 -31.61 -35.51 -14.70
N GLU H 117 -31.04 -35.66 -13.52
CA GLU H 117 -31.47 -34.93 -12.34
C GLU H 117 -30.40 -33.96 -11.89
N VAL H 118 -30.74 -32.67 -11.88
CA VAL H 118 -29.85 -31.64 -11.37
C VAL H 118 -30.40 -31.14 -10.05
N LYS H 119 -29.73 -31.49 -8.95
CA LYS H 119 -30.25 -31.13 -7.63
C LYS H 119 -29.16 -30.75 -6.63
N PHE H 120 -29.58 -30.24 -5.47
CA PHE H 120 -28.65 -29.84 -4.42
C PHE H 120 -28.53 -30.87 -3.31
N GLU H 121 -27.40 -31.56 -3.26
CA GLU H 121 -27.15 -32.50 -2.17
C GLU H 121 -26.20 -31.86 -1.16
N GLY H 122 -26.70 -31.66 0.06
CA GLY H 122 -25.96 -30.91 1.05
C GLY H 122 -25.74 -29.49 0.55
N ASP H 123 -24.48 -29.10 0.40
CA ASP H 123 -24.15 -27.80 -0.16
C ASP H 123 -23.45 -27.94 -1.51
N THR H 124 -23.74 -29.02 -2.23
CA THR H 124 -23.13 -29.19 -3.54
C THR H 124 -24.15 -29.42 -4.66
N LEU H 125 -23.78 -28.97 -5.87
CA LEU H 125 -24.63 -29.11 -7.05
C LEU H 125 -24.30 -30.41 -7.78
N VAL H 126 -25.32 -31.22 -8.00
CA VAL H 126 -25.17 -32.55 -8.56
C VAL H 126 -25.92 -32.71 -9.86
N ASN H 127 -25.25 -33.31 -10.85
CA ASN H 127 -25.91 -33.70 -12.09
C ASN H 127 -25.80 -35.20 -12.33
N ARG H 128 -26.88 -35.93 -12.08
CA ARG H 128 -26.88 -37.38 -12.29
C ARG H 128 -27.61 -37.74 -13.57
N ILE H 129 -26.89 -38.37 -14.50
CA ILE H 129 -27.40 -38.60 -15.85
C ILE H 129 -27.41 -40.06 -16.27
N GLU H 130 -28.51 -40.45 -16.92
CA GLU H 130 -28.60 -41.76 -17.58
C GLU H 130 -28.71 -41.51 -19.08
N LEU H 131 -27.83 -42.16 -19.85
CA LEU H 131 -27.76 -41.95 -21.29
C LEU H 131 -27.76 -43.27 -22.05
N LYS H 132 -28.44 -43.30 -23.19
CA LYS H 132 -28.38 -44.46 -24.06
C LYS H 132 -28.40 -44.07 -25.54
N GLY H 133 -27.47 -44.63 -26.29
CA GLY H 133 -27.38 -44.35 -27.72
C GLY H 133 -27.74 -45.53 -28.59
N ILE H 134 -28.43 -45.24 -29.69
CA ILE H 134 -28.86 -46.29 -30.62
C ILE H 134 -28.60 -45.89 -32.07
N ASP H 135 -28.61 -46.88 -32.97
CA ASP H 135 -28.47 -46.66 -34.41
C ASP H 135 -27.16 -45.98 -34.83
N PHE H 136 -26.19 -45.92 -33.92
CA PHE H 136 -24.88 -45.37 -34.25
C PHE H 136 -24.12 -46.32 -35.16
N LYS H 137 -23.69 -45.82 -36.31
CA LYS H 137 -23.01 -46.65 -37.29
C LYS H 137 -21.53 -46.78 -37.01
N GLU H 138 -20.95 -47.88 -37.44
CA GLU H 138 -19.51 -48.09 -37.36
C GLU H 138 -18.85 -47.19 -38.40
N ASP H 139 -17.55 -46.96 -38.24
CA ASP H 139 -16.79 -45.98 -39.04
C ASP H 139 -17.50 -44.63 -39.26
N GLY H 140 -18.36 -44.26 -38.33
CA GLY H 140 -19.02 -42.96 -38.37
C GLY H 140 -18.20 -41.95 -37.60
N ASN H 141 -18.61 -40.69 -37.63
CA ASN H 141 -17.88 -39.64 -36.93
C ASN H 141 -17.84 -39.86 -35.43
N ILE H 142 -18.79 -40.64 -34.93
CA ILE H 142 -18.94 -40.89 -33.50
C ILE H 142 -18.25 -42.19 -33.04
N LEU H 143 -18.59 -43.31 -33.66
CA LEU H 143 -17.98 -44.58 -33.29
C LEU H 143 -16.60 -44.74 -33.93
N GLY H 144 -16.31 -43.94 -34.94
CA GLY H 144 -15.02 -44.00 -35.61
C GLY H 144 -14.03 -42.99 -35.07
N HIS H 145 -14.52 -42.13 -34.17
CA HIS H 145 -13.69 -41.09 -33.55
C HIS H 145 -12.98 -40.21 -34.58
N LYS H 146 -13.75 -39.37 -35.28
CA LYS H 146 -13.19 -38.46 -36.27
C LYS H 146 -13.51 -37.00 -35.92
N LEU H 147 -13.83 -36.76 -34.66
CA LEU H 147 -14.19 -35.41 -34.21
C LEU H 147 -13.02 -34.71 -33.52
N GLU H 148 -12.76 -33.46 -33.92
CA GLU H 148 -11.66 -32.69 -33.37
C GLU H 148 -11.92 -32.32 -31.91
N TYR H 149 -10.85 -32.18 -31.12
CA TYR H 149 -10.98 -31.92 -29.70
C TYR H 149 -11.21 -30.42 -29.42
N ASN H 150 -12.41 -29.96 -29.76
CA ASN H 150 -12.86 -28.61 -29.43
C ASN H 150 -14.38 -28.56 -29.40
N PHE H 151 -14.93 -27.36 -29.20
CA PHE H 151 -16.38 -27.21 -29.17
C PHE H 151 -16.81 -25.83 -29.67
N ASN H 152 -17.76 -25.83 -30.61
CA ASN H 152 -18.29 -24.59 -31.17
C ASN H 152 -19.03 -23.74 -30.14
N SER H 153 -19.18 -22.46 -30.43
CA SER H 153 -19.96 -21.56 -29.58
C SER H 153 -21.38 -21.51 -30.11
N HIS H 154 -22.37 -21.54 -29.21
CA HIS H 154 -23.76 -21.70 -29.67
C HIS H 154 -24.76 -20.70 -29.07
N ASN H 155 -25.97 -20.70 -29.64
CA ASN H 155 -27.07 -19.88 -29.15
C ASN H 155 -28.36 -20.68 -29.02
N VAL H 156 -28.89 -20.77 -27.81
CA VAL H 156 -30.07 -21.58 -27.52
C VAL H 156 -31.29 -20.75 -27.20
N TYR H 157 -32.34 -20.89 -28.01
CA TYR H 157 -33.60 -20.23 -27.78
C TYR H 157 -34.42 -21.05 -26.78
N ILE H 158 -34.53 -20.56 -25.56
CA ILE H 158 -35.23 -21.28 -24.49
C ILE H 158 -36.64 -20.72 -24.27
N THR H 159 -37.65 -21.54 -24.53
CA THR H 159 -39.03 -21.10 -24.33
C THR H 159 -39.68 -21.78 -23.13
N ALA H 160 -40.82 -21.25 -22.69
CA ALA H 160 -41.48 -21.76 -21.50
C ALA H 160 -42.58 -22.77 -21.83
N ASP H 161 -42.47 -23.97 -21.26
CA ASP H 161 -43.53 -24.96 -21.35
C ASP H 161 -44.47 -24.74 -20.16
N LYS H 162 -45.55 -24.01 -20.42
CA LYS H 162 -46.53 -23.70 -19.38
C LYS H 162 -47.43 -24.89 -19.09
N GLN H 163 -47.41 -25.88 -20.00
CA GLN H 163 -48.22 -27.09 -19.84
C GLN H 163 -47.43 -28.19 -19.15
N LYS H 164 -46.25 -27.85 -18.66
CA LYS H 164 -45.42 -28.80 -17.92
C LYS H 164 -44.82 -28.11 -16.70
N ASN H 165 -45.18 -26.84 -16.52
CA ASN H 165 -44.62 -25.98 -15.47
C ASN H 165 -43.10 -25.94 -15.55
N GLY H 166 -42.58 -26.06 -16.77
CA GLY H 166 -41.15 -26.10 -16.98
C GLY H 166 -40.73 -25.34 -18.22
N ILE H 167 -39.63 -25.75 -18.85
CA ILE H 167 -39.18 -25.09 -20.07
C ILE H 167 -38.85 -26.09 -21.16
N LYS H 168 -38.64 -25.59 -22.37
CA LYS H 168 -38.24 -26.44 -23.49
C LYS H 168 -37.30 -25.69 -24.44
N ALA H 169 -36.41 -26.44 -25.08
CA ALA H 169 -35.41 -25.82 -25.95
C ALA H 169 -34.93 -26.79 -27.02
N ASN H 170 -34.88 -26.31 -28.26
CA ASN H 170 -34.31 -27.08 -29.36
C ASN H 170 -33.10 -26.35 -29.92
N PHE H 171 -32.01 -27.07 -30.16
CA PHE H 171 -30.83 -26.39 -30.71
C PHE H 171 -29.95 -27.23 -31.62
N LYS H 172 -29.04 -26.59 -32.33
CA LYS H 172 -28.20 -27.27 -33.31
C LYS H 172 -26.72 -27.17 -32.94
N ILE H 173 -26.13 -28.30 -32.55
CA ILE H 173 -24.74 -28.32 -32.15
C ILE H 173 -23.83 -28.76 -33.29
N ARG H 174 -22.82 -27.96 -33.60
CA ARG H 174 -21.89 -28.29 -34.67
C ARG H 174 -20.54 -28.79 -34.15
N HIS H 175 -20.32 -30.11 -34.25
CA HIS H 175 -19.03 -30.69 -33.93
C HIS H 175 -18.15 -30.59 -35.16
N ASN H 176 -16.85 -30.43 -34.95
CA ASN H 176 -15.92 -30.35 -36.08
C ASN H 176 -15.30 -31.70 -36.42
N VAL H 177 -15.32 -32.03 -37.72
CA VAL H 177 -14.75 -33.28 -38.20
C VAL H 177 -13.36 -33.03 -38.78
N GLU H 178 -12.48 -34.01 -38.64
CA GLU H 178 -11.08 -33.89 -39.07
C GLU H 178 -10.90 -33.54 -40.54
N ASP H 179 -11.87 -33.91 -41.37
CA ASP H 179 -11.77 -33.71 -42.82
C ASP H 179 -12.31 -32.36 -43.27
N GLY H 180 -12.56 -31.46 -42.32
CA GLY H 180 -13.01 -30.12 -42.63
C GLY H 180 -14.51 -30.00 -42.78
N SER H 181 -15.22 -31.10 -42.56
CA SER H 181 -16.68 -31.09 -42.63
C SER H 181 -17.27 -30.77 -41.27
N VAL H 182 -18.60 -30.79 -41.18
CA VAL H 182 -19.29 -30.50 -39.93
C VAL H 182 -20.25 -31.61 -39.55
N GLN H 183 -20.17 -32.05 -38.30
CA GLN H 183 -21.09 -33.06 -37.77
C GLN H 183 -22.21 -32.38 -37.00
N LEU H 184 -23.43 -32.51 -37.50
CA LEU H 184 -24.57 -31.86 -36.86
C LEU H 184 -25.20 -32.73 -35.77
N ALA H 185 -25.64 -32.07 -34.69
CA ALA H 185 -26.26 -32.76 -33.56
C ALA H 185 -27.45 -31.95 -33.04
N ASP H 186 -28.65 -32.31 -33.48
CA ASP H 186 -29.86 -31.62 -33.09
C ASP H 186 -30.35 -32.08 -31.72
N HIS H 187 -30.54 -31.12 -30.81
CA HIS H 187 -30.98 -31.42 -29.46
C HIS H 187 -32.42 -31.01 -29.23
N TYR H 188 -33.20 -31.96 -28.71
CA TYR H 188 -34.58 -31.75 -28.32
C TYR H 188 -34.68 -31.88 -26.81
N GLN H 189 -34.92 -30.76 -26.13
CA GLN H 189 -34.79 -30.70 -24.67
C GLN H 189 -36.04 -30.26 -23.93
N GLN H 190 -36.40 -31.02 -22.90
CA GLN H 190 -37.53 -30.70 -22.02
C GLN H 190 -37.08 -30.67 -20.56
N ASN H 191 -37.43 -29.61 -19.84
CA ASN H 191 -37.07 -29.49 -18.43
C ASN H 191 -38.27 -29.33 -17.49
N THR H 192 -38.38 -30.22 -16.52
CA THR H 192 -39.52 -30.24 -15.61
C THR H 192 -39.13 -30.32 -14.13
N PRO H 193 -39.57 -29.36 -13.32
CA PRO H 193 -39.24 -29.29 -11.88
C PRO H 193 -39.65 -30.55 -11.12
N ILE H 194 -38.81 -30.98 -10.18
CA ILE H 194 -39.08 -32.16 -9.38
C ILE H 194 -40.02 -31.86 -8.22
N GLY H 195 -39.61 -30.93 -7.37
CA GLY H 195 -40.39 -30.58 -6.19
C GLY H 195 -41.59 -29.72 -6.48
N ASP H 196 -42.60 -29.81 -5.61
CA ASP H 196 -43.81 -29.01 -5.76
C ASP H 196 -43.62 -27.60 -5.19
N GLY H 197 -42.73 -26.84 -5.81
CA GLY H 197 -42.48 -25.47 -5.42
C GLY H 197 -42.67 -24.52 -6.58
N PRO H 198 -43.19 -23.32 -6.30
CA PRO H 198 -43.42 -22.29 -7.32
C PRO H 198 -42.12 -21.87 -8.01
N VAL H 199 -42.00 -22.19 -9.29
CA VAL H 199 -40.83 -21.79 -10.08
C VAL H 199 -41.20 -20.65 -11.02
N LEU H 200 -40.20 -20.11 -11.72
CA LEU H 200 -40.43 -19.01 -12.64
C LEU H 200 -40.39 -19.48 -14.10
N LEU H 201 -41.47 -19.20 -14.82
CA LEU H 201 -41.52 -19.47 -16.25
C LEU H 201 -41.14 -18.20 -17.00
N PRO H 202 -40.05 -18.25 -17.78
CA PRO H 202 -39.45 -17.06 -18.40
C PRO H 202 -40.13 -16.66 -19.71
N ASP H 203 -39.92 -15.40 -20.11
CA ASP H 203 -40.33 -14.96 -21.43
C ASP H 203 -39.34 -15.48 -22.46
N ASN H 204 -39.67 -15.30 -23.73
CA ASN H 204 -38.82 -15.80 -24.81
C ASN H 204 -37.47 -15.11 -24.87
N HIS H 205 -36.41 -15.84 -24.49
CA HIS H 205 -35.06 -15.32 -24.57
C HIS H 205 -34.07 -16.43 -24.90
N TYR H 206 -32.79 -16.08 -25.02
CA TYR H 206 -31.77 -17.03 -25.43
C TYR H 206 -30.50 -17.02 -24.57
N LEU H 207 -29.81 -18.15 -24.55
CA LEU H 207 -28.51 -18.25 -23.91
C LEU H 207 -27.43 -18.34 -24.98
N SER H 208 -26.24 -17.83 -24.67
CA SER H 208 -25.10 -17.96 -25.57
C SER H 208 -23.95 -18.64 -24.83
N THR H 209 -23.30 -19.58 -25.51
CA THR H 209 -22.30 -20.43 -24.90
C THR H 209 -20.98 -20.41 -25.65
N GLN H 210 -19.88 -20.39 -24.89
CA GLN H 210 -18.52 -20.50 -25.44
C GLN H 210 -17.72 -21.49 -24.59
N SER H 211 -17.26 -22.58 -25.22
CA SER H 211 -16.56 -23.63 -24.49
C SER H 211 -15.12 -23.86 -24.94
N VAL H 212 -14.30 -24.35 -24.03
CA VAL H 212 -12.91 -24.68 -24.30
C VAL H 212 -12.57 -26.06 -23.72
N LEU H 213 -12.04 -26.93 -24.58
CA LEU H 213 -11.59 -28.25 -24.16
C LEU H 213 -10.08 -28.25 -23.95
N SER H 214 -9.63 -28.82 -22.85
CA SER H 214 -8.22 -28.85 -22.50
C SER H 214 -7.85 -30.15 -21.79
N LYS H 215 -6.55 -30.37 -21.62
CA LYS H 215 -6.06 -31.60 -21.00
C LYS H 215 -5.24 -31.33 -19.75
N ASP H 216 -5.27 -32.30 -18.84
CA ASP H 216 -4.41 -32.26 -17.66
C ASP H 216 -3.24 -33.20 -17.90
N PRO H 217 -2.01 -32.69 -17.75
CA PRO H 217 -0.80 -33.48 -18.02
C PRO H 217 -0.58 -34.59 -17.00
N ASN H 218 -0.93 -34.35 -15.75
CA ASN H 218 -0.71 -35.32 -14.68
C ASN H 218 -1.68 -36.49 -14.70
N GLU H 219 -2.78 -36.35 -15.44
CA GLU H 219 -3.79 -37.40 -15.53
C GLU H 219 -3.43 -38.40 -16.63
N LYS H 220 -3.32 -39.67 -16.26
CA LYS H 220 -2.97 -40.72 -17.22
C LYS H 220 -4.20 -41.37 -17.84
N ARG H 221 -5.32 -41.29 -17.14
CA ARG H 221 -6.57 -41.88 -17.61
C ARG H 221 -7.17 -41.07 -18.75
N ASP H 222 -8.29 -41.54 -19.29
CA ASP H 222 -9.02 -40.80 -20.32
C ASP H 222 -9.85 -39.71 -19.65
N HIS H 223 -9.60 -38.46 -20.02
CA HIS H 223 -10.21 -37.33 -19.32
C HIS H 223 -10.52 -36.15 -20.22
N MET H 224 -11.31 -35.21 -19.70
CA MET H 224 -11.58 -33.95 -20.38
C MET H 224 -11.68 -32.80 -19.39
N VAL H 225 -10.80 -31.82 -19.54
CA VAL H 225 -10.90 -30.60 -18.75
C VAL H 225 -11.76 -29.59 -19.50
N LEU H 226 -12.89 -29.22 -18.93
CA LEU H 226 -13.85 -28.35 -19.60
C LEU H 226 -13.97 -26.97 -18.96
N LEU H 227 -13.71 -25.94 -19.75
CA LEU H 227 -13.97 -24.56 -19.34
C LEU H 227 -15.17 -24.05 -20.12
N GLU H 228 -16.10 -23.38 -19.46
CA GLU H 228 -17.34 -22.97 -20.12
C GLU H 228 -17.85 -21.60 -19.67
N PHE H 229 -18.18 -20.75 -20.64
CA PHE H 229 -18.75 -19.43 -20.38
C PHE H 229 -20.11 -19.27 -21.03
N VAL H 230 -21.16 -19.19 -20.20
CA VAL H 230 -22.52 -19.07 -20.69
C VAL H 230 -23.20 -17.82 -20.15
N THR H 231 -23.75 -17.01 -21.04
CA THR H 231 -24.45 -15.79 -20.60
C THR H 231 -25.83 -15.67 -21.24
N ALA H 232 -26.75 -14.94 -20.59
CA ALA H 232 -28.12 -14.86 -21.07
C ALA H 232 -28.45 -13.50 -21.69
N ALA H 233 -29.37 -13.52 -22.65
CA ALA H 233 -29.85 -12.30 -23.31
C ALA H 233 -31.20 -12.58 -23.96
N GLY H 234 -31.74 -11.61 -24.68
CA GLY H 234 -33.01 -11.79 -25.36
C GLY H 234 -34.09 -10.83 -24.90
N ILE H 235 -34.07 -10.51 -23.61
CA ILE H 235 -34.99 -9.52 -23.05
C ILE H 235 -34.21 -8.23 -22.78
N THR H 236 -34.56 -7.18 -23.52
CA THR H 236 -33.69 -6.00 -23.63
C THR H 236 -33.85 -4.92 -22.55
N HIS H 237 -32.70 -4.48 -22.03
CA HIS H 237 -32.62 -3.31 -21.16
C HIS H 237 -31.20 -2.75 -21.26
OAA HQY I . 18.53 -19.21 48.47
CAD HQY I . 14.24 -18.32 50.87
CAE HQY I . 15.43 -18.92 51.18
CAF HQY I . 14.03 -17.79 49.60
CAG HQY I . 15.98 -17.49 46.48
NAH HQY I . 16.42 -19.01 50.29
CAI HQY I . 14.93 -17.38 47.37
CAJ HQY I . 17.33 -18.61 48.12
CAK HQY I . 17.16 -18.09 46.85
CAL HQY I . 15.07 -17.89 48.66
CAM HQY I . 16.29 -18.52 49.05
CS CS J . 1.34 -8.66 57.49
CS CS K . 21.99 5.82 33.88
CS CS L . 26.83 -5.88 46.88
CS CS M . 15.55 -3.99 62.13
CS CS N . 25.58 -22.02 48.51
CS CS O . -7.57 -10.81 45.77
OAA HQY P . 33.14 -24.54 49.20
CAD HQY P . 37.31 -23.13 51.55
CAE HQY P . 36.02 -22.66 51.46
CAF HQY P . 37.67 -24.29 50.86
CAG HQY P . 36.00 -26.72 48.63
NAH HQY P . 35.10 -23.29 50.72
CAI HQY P . 36.99 -26.12 49.37
CAJ HQY P . 34.41 -25.06 49.26
CAK HQY P . 34.74 -26.20 48.58
CAL HQY P . 36.70 -24.96 50.09
CAM HQY P . 35.40 -24.41 50.03
CS CS Q . 51.01 -27.92 61.55
CS CS R . 28.43 -36.98 33.84
CS CS S . 37.37 -30.63 68.63
CS CS T . 43.64 4.12 34.97
OAA HQY U . 4.13 14.49 15.68
CAD HQY U . 0.93 10.96 17.18
CAE HQY U . 0.97 11.89 16.15
CAF HQY U . 1.97 10.89 18.10
CAG HQY U . 5.17 12.65 18.65
NAH HQY U . 2.01 12.73 16.02
CAI HQY U . 4.13 11.76 18.84
CAJ HQY U . 4.11 13.58 16.72
CAK HQY U . 5.17 13.54 17.61
CAL HQY U . 3.06 11.78 17.95
CAM HQY U . 3.04 12.71 16.87
CS CS V . 1.37 -2.39 5.13
CS CS W . -2.02 -3.93 35.10
CS CS X . 22.32 19.84 25.07
CS CS Y . -3.82 -5.49 19.64
OAA HQY Z . 7.99 26.96 6.75
CAD HQY Z . 8.59 27.24 1.80
CAE HQY Z . 8.24 26.24 2.70
CAF HQY Z . 8.87 28.52 2.26
CAG HQY Z . 8.97 30.24 5.53
NAH HQY Z . 8.16 26.50 4.01
CAI HQY Z . 9.06 30.04 4.17
CAJ HQY Z . 8.34 27.96 5.89
CAK HQY Z . 8.63 29.22 6.37
CAL HQY Z . 8.79 28.78 3.65
CAM HQY Z . 8.43 27.72 4.52
CS CS AA . -7.04 28.89 -7.55
CS CS BA . 4.88 36.15 -13.41
CS CS CA . 25.14 45.12 -13.93
OAA HQY DA . -10.68 19.31 -33.08
CAD HQY DA . -7.45 15.53 -33.36
CAE HQY DA . -8.81 15.66 -33.24
CAF HQY DA . -6.65 16.67 -33.40
CAG HQY DA . -7.19 20.33 -33.33
NAH HQY DA . -9.39 16.86 -33.18
CAI HQY DA . -6.52 19.13 -33.39
CAJ HQY DA . -9.31 19.24 -33.18
CAK HQY DA . -8.54 20.39 -33.23
CAL HQY DA . -7.27 17.93 -33.34
CAM HQY DA . -8.68 17.99 -33.23
CS CS EA . 6.07 6.97 -40.73
CS CS FA . 16.40 13.42 -30.50
OAA HQY GA . -8.63 -19.91 -33.41
CAD HQY GA . -6.11 -21.02 -37.57
CAE HQY GA . -7.21 -21.52 -36.92
CAF HQY GA . -5.43 -19.92 -37.04
CAG HQY GA . -5.78 -17.75 -34.06
NAH HQY GA . -7.65 -20.99 -35.78
CAI HQY GA . -5.27 -18.25 -35.24
CAJ HQY GA . -7.53 -19.38 -34.03
CAK HQY GA . -6.88 -18.30 -33.47
CAL HQY GA . -5.90 -19.36 -35.84
CAM HQY GA . -7.04 -19.93 -35.22
CS CS HA . -5.74 -6.77 -17.47
CS CS IA . -13.51 -13.33 -52.12
CS CS JA . 1.97 -15.48 -52.65
CS CS KA . -14.82 -22.00 -29.43
CS CS LA . 15.49 -13.81 -44.97
OAA HQY MA . -25.57 24.06 -32.71
CAD HQY MA . -29.56 23.54 -35.66
CAE HQY MA . -28.23 23.18 -35.73
CAF HQY MA . -30.03 24.23 -34.55
CAG HQY MA . -28.63 25.51 -31.38
NAH HQY MA . -27.38 23.47 -34.73
CAI HQY MA . -29.55 25.24 -32.37
CAJ HQY MA . -26.89 24.44 -32.61
CAK HQY MA . -27.33 25.12 -31.50
CAL HQY MA . -29.14 24.54 -33.51
CAM HQY MA . -27.79 24.13 -33.64
CS CS NA . -37.52 7.16 -35.02
CS CS OA . -51.57 33.48 -34.92
CS CS PA . -46.62 19.25 -38.83
CS CS QA . -48.74 27.59 -23.12
CS CS RA . -53.87 29.83 -41.38
OAA HQY SA . -21.57 -24.75 -26.18
CAD HQY SA . -26.47 -25.62 -25.98
CAE HQY SA . -25.61 -25.07 -26.89
CAF HQY SA . -26.00 -26.06 -24.75
CAG HQY SA . -22.72 -26.26 -23.07
NAH HQY SA . -24.31 -24.97 -26.65
CAI HQY SA . -24.08 -26.37 -23.28
CAJ HQY SA . -22.41 -25.29 -25.23
CAK HQY SA . -21.90 -25.72 -24.02
CAL HQY SA . -24.62 -25.95 -24.49
CAM HQY SA . -23.78 -25.39 -25.48
CS CS TA . -30.72 -39.81 -36.42
CS CS UA . -41.32 -35.81 -25.62
#